data_1D89
# 
_entry.id   1D89 
# 
_audit_conform.dict_name       mmcif_pdbx.dic 
_audit_conform.dict_version    5.385 
_audit_conform.dict_location   http://mmcif.pdb.org/dictionaries/ascii/mmcif_pdbx.dic 
# 
loop_
_database_2.database_id 
_database_2.database_code 
_database_2.pdbx_database_accession 
_database_2.pdbx_DOI 
PDB   1D89         pdb_00001d89 10.2210/pdb1d89/pdb 
RCSB  BDL047       ?            ?                   
WWPDB D_1000172686 ?            ?                   
# 
loop_
_pdbx_audit_revision_history.ordinal 
_pdbx_audit_revision_history.data_content_type 
_pdbx_audit_revision_history.major_revision 
_pdbx_audit_revision_history.minor_revision 
_pdbx_audit_revision_history.revision_date 
1 'Structure model' 1 0 1993-07-15 
2 'Structure model' 1 1 2008-05-22 
3 'Structure model' 1 2 2011-07-13 
4 'Structure model' 1 3 2011-11-16 
5 'Structure model' 1 4 2024-02-07 
# 
_pdbx_audit_revision_details.ordinal             1 
_pdbx_audit_revision_details.revision_ordinal    1 
_pdbx_audit_revision_details.data_content_type   'Structure model' 
_pdbx_audit_revision_details.provider            repository 
_pdbx_audit_revision_details.type                'Initial release' 
_pdbx_audit_revision_details.description         ? 
_pdbx_audit_revision_details.details             ? 
# 
loop_
_pdbx_audit_revision_group.ordinal 
_pdbx_audit_revision_group.revision_ordinal 
_pdbx_audit_revision_group.data_content_type 
_pdbx_audit_revision_group.group 
1 2 'Structure model' 'Version format compliance' 
2 3 'Structure model' 'Version format compliance' 
3 4 'Structure model' 'Atomic model'              
4 5 'Structure model' 'Data collection'           
5 5 'Structure model' 'Database references'       
# 
loop_
_pdbx_audit_revision_category.ordinal 
_pdbx_audit_revision_category.revision_ordinal 
_pdbx_audit_revision_category.data_content_type 
_pdbx_audit_revision_category.category 
1 5 'Structure model' chem_comp_atom 
2 5 'Structure model' chem_comp_bond 
3 5 'Structure model' database_2     
# 
loop_
_pdbx_audit_revision_item.ordinal 
_pdbx_audit_revision_item.revision_ordinal 
_pdbx_audit_revision_item.data_content_type 
_pdbx_audit_revision_item.item 
1 5 'Structure model' '_database_2.pdbx_DOI'                
2 5 'Structure model' '_database_2.pdbx_database_accession' 
# 
_pdbx_database_status.status_code                     REL 
_pdbx_database_status.entry_id                        1D89 
_pdbx_database_status.recvd_initial_deposition_date   1992-07-17 
_pdbx_database_status.deposit_site                    BNL 
_pdbx_database_status.process_site                    NDB 
_pdbx_database_status.status_code_sf                  REL 
_pdbx_database_status.status_code_mr                  ? 
_pdbx_database_status.SG_entry                        ? 
_pdbx_database_status.pdb_format_compatible           Y 
_pdbx_database_status.status_code_cs                  ? 
_pdbx_database_status.status_code_nmr_data            ? 
_pdbx_database_status.methods_development_category    ? 
# 
loop_
_audit_author.name 
_audit_author.pdbx_ordinal 
'DiGabriele, A.D.' 1 
'Steitz, T.A.'     2 
# 
loop_
_citation.id 
_citation.title 
_citation.journal_abbrev 
_citation.journal_volume 
_citation.page_first 
_citation.page_last 
_citation.year 
_citation.journal_id_ASTM 
_citation.country 
_citation.journal_id_ISSN 
_citation.journal_id_CSD 
_citation.book_publisher 
_citation.pdbx_database_id_PubMed 
_citation.pdbx_database_id_DOI 
primary 'A DNA dodecamer containing an adenine tract crystallizes in a unique lattice and exhibits a new bend.'       J.Mol.Biol. 
231 1024 1039 1993 JMOBAK UK 0022-2836 0070 ? 8515463 10.1006/jmbi.1993.1349 
1       'Crystal Lattice Packing Is Important in Determining the Bend of a DNA Dodecamer Containing an Adenine Tract' 
Proc.Natl.Acad.Sci.USA 86  1816 1820 1989 PNASA6 US 0027-8424 0040 ? ?       ?                      
# 
loop_
_citation_author.citation_id 
_citation_author.name 
_citation_author.ordinal 
_citation_author.identifier_ORCID 
primary 'DiGabriele, A.D.' 1 ? 
primary 'Steitz, T.A.'     2 ? 
1       'DiGabriele, A.D.' 3 ? 
1       'Sanderson, M.R.'  4 ? 
1       'Steitz, T.A.'     5 ? 
# 
loop_
_entity.id 
_entity.type 
_entity.src_method 
_entity.pdbx_description 
_entity.formula_weight 
_entity.pdbx_number_of_molecules 
_entity.pdbx_ec 
_entity.pdbx_mutation 
_entity.pdbx_fragment 
_entity.details 
1 polymer syn 
;DNA (5'-D(*CP*GP*CP*GP*AP*AP*AP*AP*AP*AP*CP*G)-3')
;
3689.446 3  ? ? ? ? 
2 polymer syn 
;DNA (5'-D(*CP*GP*TP*TP*TP*TP*TP*TP*CP*GP*CP*G)-3')
;
3635.362 3  ? ? ? ? 
3 water   nat water                                                18.015   55 ? ? ? ? 
# 
loop_
_entity_poly.entity_id 
_entity_poly.type 
_entity_poly.nstd_linkage 
_entity_poly.nstd_monomer 
_entity_poly.pdbx_seq_one_letter_code 
_entity_poly.pdbx_seq_one_letter_code_can 
_entity_poly.pdbx_strand_id 
_entity_poly.pdbx_target_identifier 
1 polydeoxyribonucleotide no no '(DC)(DG)(DC)(DG)(DA)(DA)(DA)(DA)(DA)(DA)(DC)(DG)' CGCGAAAAAACG A,C,E ? 
2 polydeoxyribonucleotide no no '(DC)(DG)(DT)(DT)(DT)(DT)(DT)(DT)(DC)(DG)(DC)(DG)' CGTTTTTTCGCG B,D,F ? 
# 
_pdbx_entity_nonpoly.entity_id   3 
_pdbx_entity_nonpoly.name        water 
_pdbx_entity_nonpoly.comp_id     HOH 
# 
loop_
_entity_poly_seq.entity_id 
_entity_poly_seq.num 
_entity_poly_seq.mon_id 
_entity_poly_seq.hetero 
1 1  DC n 
1 2  DG n 
1 3  DC n 
1 4  DG n 
1 5  DA n 
1 6  DA n 
1 7  DA n 
1 8  DA n 
1 9  DA n 
1 10 DA n 
1 11 DC n 
1 12 DG n 
2 1  DC n 
2 2  DG n 
2 3  DT n 
2 4  DT n 
2 5  DT n 
2 6  DT n 
2 7  DT n 
2 8  DT n 
2 9  DC n 
2 10 DG n 
2 11 DC n 
2 12 DG n 
# 
loop_
_chem_comp.id 
_chem_comp.type 
_chem_comp.mon_nstd_flag 
_chem_comp.name 
_chem_comp.pdbx_synonyms 
_chem_comp.formula 
_chem_comp.formula_weight 
DA  'DNA linking' y "2'-DEOXYADENOSINE-5'-MONOPHOSPHATE" ? 'C10 H14 N5 O6 P' 331.222 
DC  'DNA linking' y "2'-DEOXYCYTIDINE-5'-MONOPHOSPHATE"  ? 'C9 H14 N3 O7 P'  307.197 
DG  'DNA linking' y "2'-DEOXYGUANOSINE-5'-MONOPHOSPHATE" ? 'C10 H14 N5 O7 P' 347.221 
DT  'DNA linking' y "THYMIDINE-5'-MONOPHOSPHATE"         ? 'C10 H15 N2 O8 P' 322.208 
HOH non-polymer   . WATER                                ? 'H2 O'            18.015  
# 
loop_
_pdbx_poly_seq_scheme.asym_id 
_pdbx_poly_seq_scheme.entity_id 
_pdbx_poly_seq_scheme.seq_id 
_pdbx_poly_seq_scheme.mon_id 
_pdbx_poly_seq_scheme.ndb_seq_num 
_pdbx_poly_seq_scheme.pdb_seq_num 
_pdbx_poly_seq_scheme.auth_seq_num 
_pdbx_poly_seq_scheme.pdb_mon_id 
_pdbx_poly_seq_scheme.auth_mon_id 
_pdbx_poly_seq_scheme.pdb_strand_id 
_pdbx_poly_seq_scheme.pdb_ins_code 
_pdbx_poly_seq_scheme.hetero 
A 1 1  DC 1  1  1  DC C A . n 
A 1 2  DG 2  2  2  DG G A . n 
A 1 3  DC 3  3  3  DC C A . n 
A 1 4  DG 4  4  4  DG G A . n 
A 1 5  DA 5  5  5  DA A A . n 
A 1 6  DA 6  6  6  DA A A . n 
A 1 7  DA 7  7  7  DA A A . n 
A 1 8  DA 8  8  8  DA A A . n 
A 1 9  DA 9  9  9  DA A A . n 
A 1 10 DA 10 10 10 DA A A . n 
A 1 11 DC 11 11 11 DC C A . n 
A 1 12 DG 12 12 12 DG G A . n 
B 2 1  DC 1  13 13 DC C B . n 
B 2 2  DG 2  14 14 DG G B . n 
B 2 3  DT 3  15 15 DT T B . n 
B 2 4  DT 4  16 16 DT T B . n 
B 2 5  DT 5  17 17 DT T B . n 
B 2 6  DT 6  18 18 DT T B . n 
B 2 7  DT 7  19 19 DT T B . n 
B 2 8  DT 8  20 20 DT T B . n 
B 2 9  DC 9  21 21 DC C B . n 
B 2 10 DG 10 22 22 DG G B . n 
B 2 11 DC 11 23 23 DC C B . n 
B 2 12 DG 12 24 24 DG G B . n 
C 1 1  DC 1  25 25 DC C C . n 
C 1 2  DG 2  26 26 DG G C . n 
C 1 3  DC 3  27 27 DC C C . n 
C 1 4  DG 4  28 28 DG G C . n 
C 1 5  DA 5  29 29 DA A C . n 
C 1 6  DA 6  30 30 DA A C . n 
C 1 7  DA 7  31 31 DA A C . n 
C 1 8  DA 8  32 32 DA A C . n 
C 1 9  DA 9  33 33 DA A C . n 
C 1 10 DA 10 34 34 DA A C . n 
C 1 11 DC 11 35 35 DC C C . n 
C 1 12 DG 12 36 36 DG G C . n 
D 2 1  DC 1  37 37 DC C D . n 
D 2 2  DG 2  38 38 DG G D . n 
D 2 3  DT 3  39 39 DT T D . n 
D 2 4  DT 4  40 40 DT T D . n 
D 2 5  DT 5  41 41 DT T D . n 
D 2 6  DT 6  42 42 DT T D . n 
D 2 7  DT 7  43 43 DT T D . n 
D 2 8  DT 8  44 44 DT T D . n 
D 2 9  DC 9  45 45 DC C D . n 
D 2 10 DG 10 46 46 DG G D . n 
D 2 11 DC 11 47 47 DC C D . n 
D 2 12 DG 12 48 48 DG G D . n 
E 1 1  DC 1  49 49 DC C E . n 
E 1 2  DG 2  50 50 DG G E . n 
E 1 3  DC 3  51 51 DC C E . n 
E 1 4  DG 4  52 52 DG G E . n 
E 1 5  DA 5  53 53 DA A E . n 
E 1 6  DA 6  54 54 DA A E . n 
E 1 7  DA 7  55 55 DA A E . n 
E 1 8  DA 8  56 56 DA A E . n 
E 1 9  DA 9  57 57 DA A E . n 
E 1 10 DA 10 58 58 DA A E . n 
E 1 11 DC 11 59 59 DC C E . n 
E 1 12 DG 12 60 60 DG G E . n 
F 2 1  DC 1  61 61 DC C F . n 
F 2 2  DG 2  62 62 DG G F . n 
F 2 3  DT 3  63 63 DT T F . n 
F 2 4  DT 4  64 64 DT T F . n 
F 2 5  DT 5  65 65 DT T F . n 
F 2 6  DT 6  66 66 DT T F . n 
F 2 7  DT 7  67 67 DT T F . n 
F 2 8  DT 8  68 68 DT T F . n 
F 2 9  DC 9  69 69 DC C F . n 
F 2 10 DG 10 70 70 DG G F . n 
F 2 11 DC 11 71 71 DC C F . n 
F 2 12 DG 12 72 72 DG G F . n 
# 
loop_
_pdbx_nonpoly_scheme.asym_id 
_pdbx_nonpoly_scheme.entity_id 
_pdbx_nonpoly_scheme.mon_id 
_pdbx_nonpoly_scheme.ndb_seq_num 
_pdbx_nonpoly_scheme.pdb_seq_num 
_pdbx_nonpoly_scheme.auth_seq_num 
_pdbx_nonpoly_scheme.pdb_mon_id 
_pdbx_nonpoly_scheme.auth_mon_id 
_pdbx_nonpoly_scheme.pdb_strand_id 
_pdbx_nonpoly_scheme.pdb_ins_code 
G 3 HOH 1  76  76  HOH HOH A . 
G 3 HOH 2  78  78  HOH HOH A . 
G 3 HOH 3  87  87  HOH HOH A . 
G 3 HOH 4  89  89  HOH HOH A . 
G 3 HOH 5  90  90  HOH HOH A . 
G 3 HOH 6  92  92  HOH HOH A . 
G 3 HOH 7  94  94  HOH HOH A . 
G 3 HOH 8  95  95  HOH HOH A . 
G 3 HOH 9  97  97  HOH HOH A . 
G 3 HOH 10 98  98  HOH HOH A . 
G 3 HOH 11 99  99  HOH HOH A . 
G 3 HOH 12 101 101 HOH HOH A . 
G 3 HOH 13 102 102 HOH HOH A . 
G 3 HOH 14 103 103 HOH HOH A . 
G 3 HOH 15 104 104 HOH HOH A . 
G 3 HOH 16 105 105 HOH HOH A . 
G 3 HOH 17 106 106 HOH HOH A . 
G 3 HOH 18 108 108 HOH HOH A . 
G 3 HOH 19 109 109 HOH HOH A . 
G 3 HOH 20 112 112 HOH HOH A . 
G 3 HOH 21 113 113 HOH HOH A . 
H 3 HOH 1  73  73  HOH HOH B . 
H 3 HOH 2  74  74  HOH HOH B . 
H 3 HOH 3  75  75  HOH HOH B . 
H 3 HOH 4  77  77  HOH HOH B . 
H 3 HOH 5  79  79  HOH HOH B . 
H 3 HOH 6  80  80  HOH HOH B . 
H 3 HOH 7  81  81  HOH HOH B . 
H 3 HOH 8  82  82  HOH HOH B . 
H 3 HOH 9  83  83  HOH HOH B . 
H 3 HOH 10 84  84  HOH HOH B . 
H 3 HOH 11 85  85  HOH HOH B . 
H 3 HOH 12 86  86  HOH HOH B . 
H 3 HOH 13 88  88  HOH HOH B . 
H 3 HOH 14 91  91  HOH HOH B . 
H 3 HOH 15 93  93  HOH HOH B . 
H 3 HOH 16 100 100 HOH HOH B . 
H 3 HOH 17 107 107 HOH HOH B . 
H 3 HOH 18 110 110 HOH HOH B . 
H 3 HOH 19 111 111 HOH HOH B . 
I 3 HOH 1  115 115 HOH HOH C . 
I 3 HOH 2  119 119 HOH HOH C . 
I 3 HOH 3  120 120 HOH HOH C . 
I 3 HOH 4  121 121 HOH HOH C . 
J 3 HOH 1  114 114 HOH HOH D . 
J 3 HOH 2  116 116 HOH HOH D . 
J 3 HOH 3  118 118 HOH HOH D . 
K 3 HOH 1  96  96  HOH HOH E . 
K 3 HOH 2  124 124 HOH HOH E . 
K 3 HOH 3  127 127 HOH HOH E . 
L 3 HOH 1  117 117 HOH HOH F . 
L 3 HOH 2  122 122 HOH HOH F . 
L 3 HOH 3  123 123 HOH HOH F . 
L 3 HOH 4  125 125 HOH HOH F . 
L 3 HOH 5  126 126 HOH HOH F . 
# 
_software.name             X-PLOR 
_software.classification   refinement 
_software.version          . 
_software.citation_id      ? 
_software.pdbx_ordinal     1 
# 
_cell.entry_id           1D89 
_cell.length_a           44.780 
_cell.length_b           66.050 
_cell.length_c           42.910 
_cell.angle_alpha        90.00 
_cell.angle_beta         90.00 
_cell.angle_gamma        90.00 
_cell.Z_PDB              12 
_cell.pdbx_unique_axis   ? 
# 
_symmetry.entry_id                         1D89 
_symmetry.space_group_name_H-M             'P 21 21 2' 
_symmetry.pdbx_full_space_group_name_H-M   ? 
_symmetry.cell_setting                     ? 
_symmetry.Int_Tables_number                18 
# 
_exptl.entry_id          1D89 
_exptl.method            'X-RAY DIFFRACTION' 
_exptl.crystals_number   ? 
# 
_exptl_crystal.id                    1 
_exptl_crystal.density_meas          ? 
_exptl_crystal.density_Matthews      ? 
_exptl_crystal.density_percent_sol   ? 
_exptl_crystal.description           ? 
# 
_exptl_crystal_grow.crystal_id      1 
_exptl_crystal_grow.method          'VAPOR DIFFUSION, SITTING DROP' 
_exptl_crystal_grow.temp            283.00 
_exptl_crystal_grow.temp_details    ? 
_exptl_crystal_grow.pH              7.00 
_exptl_crystal_grow.pdbx_details    'pH 7.00, VAPOR DIFFUSION, SITTING DROP, temperature 283.00K' 
_exptl_crystal_grow.pdbx_pH_range   ? 
# 
loop_
_exptl_crystal_grow_comp.crystal_id 
_exptl_crystal_grow_comp.id 
_exptl_crystal_grow_comp.sol_id 
_exptl_crystal_grow_comp.name 
_exptl_crystal_grow_comp.volume 
_exptl_crystal_grow_comp.conc 
_exptl_crystal_grow_comp.details 
1 1 1 WATER           ? ? ? 
1 2 1 MPD             ? ? ? 
1 3 1 MGCL2           ? ? ? 
1 4 1 'NA CACODYLATE' ? ? ? 
1 5 1 SPERMINE        ? ? ? 
1 6 2 WATER           ? ? ? 
1 7 2 MPD             ? ? ? 
# 
_diffrn.id                     1 
_diffrn.ambient_temp           263.00 
_diffrn.ambient_temp_details   ? 
_diffrn.crystal_id             1 
# 
_diffrn_detector.diffrn_id              1 
_diffrn_detector.detector               'AREA DETECTOR' 
_diffrn_detector.type                   'UCSD MARK II' 
_diffrn_detector.pdbx_collection_date   ? 
_diffrn_detector.details                ? 
# 
_diffrn_radiation.diffrn_id                        1 
_diffrn_radiation.wavelength_id                    1 
_diffrn_radiation.pdbx_monochromatic_or_laue_m_l   ? 
_diffrn_radiation.monochromator                    ? 
_diffrn_radiation.pdbx_diffrn_protocol             ? 
_diffrn_radiation.pdbx_scattering_type             x-ray 
# 
_diffrn_radiation_wavelength.id           1 
_diffrn_radiation_wavelength.wavelength   . 
_diffrn_radiation_wavelength.wt           1.0 
# 
_diffrn_source.diffrn_id                   1 
_diffrn_source.source                      ? 
_diffrn_source.type                        ? 
_diffrn_source.pdbx_synchrotron_site       ? 
_diffrn_source.pdbx_synchrotron_beamline   ? 
_diffrn_source.pdbx_wavelength             ? 
_diffrn_source.pdbx_wavelength_list        ? 
# 
_reflns.entry_id                     1D89 
_reflns.observed_criterion_sigma_I   ? 
_reflns.observed_criterion_sigma_F   ? 
_reflns.d_resolution_low             ? 
_reflns.d_resolution_high            2.300 
_reflns.number_obs                   5545 
_reflns.number_all                   ? 
_reflns.percent_possible_obs         ? 
_reflns.pdbx_Rmerge_I_obs            ? 
_reflns.pdbx_Rsym_value              ? 
_reflns.pdbx_netI_over_sigmaI        ? 
_reflns.B_iso_Wilson_estimate        ? 
_reflns.pdbx_redundancy              ? 
_reflns.pdbx_diffrn_id               1 
_reflns.pdbx_ordinal                 1 
# 
_refine.entry_id                                 1D89 
_refine.ls_number_reflns_obs                     4595 
_refine.ls_number_reflns_all                     ? 
_refine.pdbx_ls_sigma_I                          ? 
_refine.pdbx_ls_sigma_F                          2.000 
_refine.pdbx_data_cutoff_high_absF               ? 
_refine.pdbx_data_cutoff_low_absF                ? 
_refine.pdbx_data_cutoff_high_rms_absF           ? 
_refine.ls_d_res_low                             6.000 
_refine.ls_d_res_high                            2.300 
_refine.ls_percent_reflns_obs                    ? 
_refine.ls_R_factor_obs                          0.2320000 
_refine.ls_R_factor_all                          ? 
_refine.ls_R_factor_R_work                       0.2320000 
_refine.ls_R_factor_R_free                       ? 
_refine.ls_R_factor_R_free_error                 ? 
_refine.ls_R_factor_R_free_error_details         ? 
_refine.ls_percent_reflns_R_free                 ? 
_refine.ls_number_reflns_R_free                  ? 
_refine.ls_number_parameters                     ? 
_refine.ls_number_restraints                     ? 
_refine.occupancy_min                            ? 
_refine.occupancy_max                            ? 
_refine.B_iso_mean                               ? 
_refine.aniso_B[1][1]                            ? 
_refine.aniso_B[2][2]                            ? 
_refine.aniso_B[3][3]                            ? 
_refine.aniso_B[1][2]                            ? 
_refine.aniso_B[1][3]                            ? 
_refine.aniso_B[2][3]                            ? 
_refine.solvent_model_details                    ? 
_refine.solvent_model_param_ksol                 ? 
_refine.solvent_model_param_bsol                 ? 
_refine.pdbx_ls_cross_valid_method               ? 
_refine.details                                  ? 
_refine.pdbx_starting_model                      ? 
_refine.pdbx_method_to_determine_struct          ? 
_refine.pdbx_isotropic_thermal_model             ? 
_refine.pdbx_stereochemistry_target_values       ? 
_refine.pdbx_stereochem_target_val_spec_case     ? 
_refine.pdbx_R_Free_selection_details            ? 
_refine.pdbx_overall_ESU_R                       ? 
_refine.pdbx_overall_ESU_R_Free                  ? 
_refine.overall_SU_ML                            ? 
_refine.overall_SU_B                             ? 
_refine.pdbx_refine_id                           'X-RAY DIFFRACTION' 
_refine.pdbx_diffrn_id                           1 
_refine.pdbx_TLS_residual_ADP_flag               ? 
_refine.correlation_coeff_Fo_to_Fc               ? 
_refine.correlation_coeff_Fo_to_Fc_free          ? 
_refine.pdbx_solvent_vdw_probe_radii             ? 
_refine.pdbx_solvent_ion_probe_radii             ? 
_refine.pdbx_solvent_shrinkage_radii             ? 
_refine.pdbx_overall_phase_error                 ? 
_refine.overall_SU_R_Cruickshank_DPI             ? 
_refine.pdbx_overall_SU_R_free_Cruickshank_DPI   ? 
_refine.pdbx_overall_SU_R_Blow_DPI               ? 
_refine.pdbx_overall_SU_R_free_Blow_DPI          ? 
# 
_refine_hist.pdbx_refine_id                   'X-RAY DIFFRACTION' 
_refine_hist.cycle_id                         LAST 
_refine_hist.pdbx_number_atoms_protein        0 
_refine_hist.pdbx_number_atoms_nucleic_acid   1458 
_refine_hist.pdbx_number_atoms_ligand         0 
_refine_hist.number_atoms_solvent             55 
_refine_hist.number_atoms_total               1513 
_refine_hist.d_res_high                       2.300 
_refine_hist.d_res_low                        6.000 
# 
loop_
_refine_ls_restr.type 
_refine_ls_restr.dev_ideal 
_refine_ls_restr.dev_ideal_target 
_refine_ls_restr.weight 
_refine_ls_restr.number 
_refine_ls_restr.pdbx_refine_id 
_refine_ls_restr.pdbx_restraint_function 
x_bond_d                0.012 ? ? ? 'X-RAY DIFFRACTION' ? 
x_bond_d_na             ?     ? ? ? 'X-RAY DIFFRACTION' ? 
x_bond_d_prot           ?     ? ? ? 'X-RAY DIFFRACTION' ? 
x_angle_d               ?     ? ? ? 'X-RAY DIFFRACTION' ? 
x_angle_d_na            ?     ? ? ? 'X-RAY DIFFRACTION' ? 
x_angle_d_prot          ?     ? ? ? 'X-RAY DIFFRACTION' ? 
x_angle_deg             3.20  ? ? ? 'X-RAY DIFFRACTION' ? 
x_angle_deg_na          ?     ? ? ? 'X-RAY DIFFRACTION' ? 
x_angle_deg_prot        ?     ? ? ? 'X-RAY DIFFRACTION' ? 
x_dihedral_angle_d      ?     ? ? ? 'X-RAY DIFFRACTION' ? 
x_dihedral_angle_d_na   ?     ? ? ? 'X-RAY DIFFRACTION' ? 
x_dihedral_angle_d_prot ?     ? ? ? 'X-RAY DIFFRACTION' ? 
x_improper_angle_d      ?     ? ? ? 'X-RAY DIFFRACTION' ? 
x_improper_angle_d_na   ?     ? ? ? 'X-RAY DIFFRACTION' ? 
x_improper_angle_d_prot ?     ? ? ? 'X-RAY DIFFRACTION' ? 
x_mcbond_it             ?     ? ? ? 'X-RAY DIFFRACTION' ? 
x_mcangle_it            ?     ? ? ? 'X-RAY DIFFRACTION' ? 
x_scbond_it             ?     ? ? ? 'X-RAY DIFFRACTION' ? 
x_scangle_it            ?     ? ? ? 'X-RAY DIFFRACTION' ? 
# 
_struct.entry_id                  1D89 
_struct.title                     
'A DNA DODECAMER CONTAINING AN ADENINE TRACT CRYSTALLIZES IN A UNIQUE LATTICE AND EXHIBITS A NEW BEND' 
_struct.pdbx_model_details        ? 
_struct.pdbx_CASP_flag            ? 
_struct.pdbx_model_type_details   ? 
# 
_struct_keywords.entry_id        1D89 
_struct_keywords.pdbx_keywords   DNA 
_struct_keywords.text            'B-DNA, DOUBLE HELIX, DNA' 
# 
loop_
_struct_asym.id 
_struct_asym.pdbx_blank_PDB_chainid_flag 
_struct_asym.pdbx_modified 
_struct_asym.entity_id 
_struct_asym.details 
A N N 1 ? 
B N N 2 ? 
C N N 1 ? 
D N N 2 ? 
E N N 1 ? 
F N N 2 ? 
G N N 3 ? 
H N N 3 ? 
I N N 3 ? 
J N N 3 ? 
K N N 3 ? 
L N N 3 ? 
# 
loop_
_struct_ref.id 
_struct_ref.entity_id 
_struct_ref.db_name 
_struct_ref.db_code 
_struct_ref.pdbx_db_accession 
_struct_ref.pdbx_db_isoform 
_struct_ref.pdbx_seq_one_letter_code 
_struct_ref.pdbx_align_begin 
1 1 PDB 1D89 1D89 ? ? ? 
2 2 PDB 1D89 1D89 ? ? ? 
# 
loop_
_struct_ref_seq.align_id 
_struct_ref_seq.ref_id 
_struct_ref_seq.pdbx_PDB_id_code 
_struct_ref_seq.pdbx_strand_id 
_struct_ref_seq.seq_align_beg 
_struct_ref_seq.pdbx_seq_align_beg_ins_code 
_struct_ref_seq.seq_align_end 
_struct_ref_seq.pdbx_seq_align_end_ins_code 
_struct_ref_seq.pdbx_db_accession 
_struct_ref_seq.db_align_beg 
_struct_ref_seq.pdbx_db_align_beg_ins_code 
_struct_ref_seq.db_align_end 
_struct_ref_seq.pdbx_db_align_end_ins_code 
_struct_ref_seq.pdbx_auth_seq_align_beg 
_struct_ref_seq.pdbx_auth_seq_align_end 
1 1 1D89 A 1 ? 12 ? 1D89 1  ? 12 ? 1  12 
2 2 1D89 B 1 ? 12 ? 1D89 13 ? 24 ? 13 24 
3 1 1D89 C 1 ? 12 ? 1D89 25 ? 36 ? 25 36 
4 2 1D89 D 1 ? 12 ? 1D89 37 ? 48 ? 37 48 
5 1 1D89 E 1 ? 12 ? 1D89 49 ? 60 ? 49 60 
6 2 1D89 F 1 ? 12 ? 1D89 61 ? 72 ? 61 72 
# 
loop_
_pdbx_struct_assembly.id 
_pdbx_struct_assembly.details 
_pdbx_struct_assembly.method_details 
_pdbx_struct_assembly.oligomeric_details 
_pdbx_struct_assembly.oligomeric_count 
1 author_defined_assembly ? dimeric 2 
2 author_defined_assembly ? dimeric 2 
3 author_defined_assembly ? dimeric 2 
# 
loop_
_pdbx_struct_assembly_gen.assembly_id 
_pdbx_struct_assembly_gen.oper_expression 
_pdbx_struct_assembly_gen.asym_id_list 
1 1 A,B,G,H 
2 1 C,D,I,J 
3 1 E,F,K,L 
# 
_pdbx_struct_oper_list.id                   1 
_pdbx_struct_oper_list.type                 'identity operation' 
_pdbx_struct_oper_list.name                 1_555 
_pdbx_struct_oper_list.symmetry_operation   x,y,z 
_pdbx_struct_oper_list.matrix[1][1]         1.0000000000 
_pdbx_struct_oper_list.matrix[1][2]         0.0000000000 
_pdbx_struct_oper_list.matrix[1][3]         0.0000000000 
_pdbx_struct_oper_list.vector[1]            0.0000000000 
_pdbx_struct_oper_list.matrix[2][1]         0.0000000000 
_pdbx_struct_oper_list.matrix[2][2]         1.0000000000 
_pdbx_struct_oper_list.matrix[2][3]         0.0000000000 
_pdbx_struct_oper_list.vector[2]            0.0000000000 
_pdbx_struct_oper_list.matrix[3][1]         0.0000000000 
_pdbx_struct_oper_list.matrix[3][2]         0.0000000000 
_pdbx_struct_oper_list.matrix[3][3]         1.0000000000 
_pdbx_struct_oper_list.vector[3]            0.0000000000 
# 
loop_
_struct_biol.id 
1 
2 
3 
# 
loop_
_struct_conn.id 
_struct_conn.conn_type_id 
_struct_conn.pdbx_leaving_atom_flag 
_struct_conn.pdbx_PDB_id 
_struct_conn.ptnr1_label_asym_id 
_struct_conn.ptnr1_label_comp_id 
_struct_conn.ptnr1_label_seq_id 
_struct_conn.ptnr1_label_atom_id 
_struct_conn.pdbx_ptnr1_label_alt_id 
_struct_conn.pdbx_ptnr1_PDB_ins_code 
_struct_conn.pdbx_ptnr1_standard_comp_id 
_struct_conn.ptnr1_symmetry 
_struct_conn.ptnr2_label_asym_id 
_struct_conn.ptnr2_label_comp_id 
_struct_conn.ptnr2_label_seq_id 
_struct_conn.ptnr2_label_atom_id 
_struct_conn.pdbx_ptnr2_label_alt_id 
_struct_conn.pdbx_ptnr2_PDB_ins_code 
_struct_conn.ptnr1_auth_asym_id 
_struct_conn.ptnr1_auth_comp_id 
_struct_conn.ptnr1_auth_seq_id 
_struct_conn.ptnr2_auth_asym_id 
_struct_conn.ptnr2_auth_comp_id 
_struct_conn.ptnr2_auth_seq_id 
_struct_conn.ptnr2_symmetry 
_struct_conn.pdbx_ptnr3_label_atom_id 
_struct_conn.pdbx_ptnr3_label_seq_id 
_struct_conn.pdbx_ptnr3_label_comp_id 
_struct_conn.pdbx_ptnr3_label_asym_id 
_struct_conn.pdbx_ptnr3_label_alt_id 
_struct_conn.pdbx_ptnr3_PDB_ins_code 
_struct_conn.details 
_struct_conn.pdbx_dist_value 
_struct_conn.pdbx_value_order 
_struct_conn.pdbx_role 
hydrog1  hydrog ? ? A DC 1  N3 ? ? ? 1_555 B DG 12 N1 ? ? A DC 1  B DG 24 1_555 ? ? ? ? ? ? WATSON-CRICK ? ? ? 
hydrog2  hydrog ? ? A DC 1  N4 ? ? ? 1_555 B DG 12 O6 ? ? A DC 1  B DG 24 1_555 ? ? ? ? ? ? WATSON-CRICK ? ? ? 
hydrog3  hydrog ? ? A DC 1  O2 ? ? ? 1_555 B DG 12 N2 ? ? A DC 1  B DG 24 1_555 ? ? ? ? ? ? WATSON-CRICK ? ? ? 
hydrog4  hydrog ? ? A DG 2  N1 ? ? ? 1_555 B DC 11 N3 ? ? A DG 2  B DC 23 1_555 ? ? ? ? ? ? WATSON-CRICK ? ? ? 
hydrog5  hydrog ? ? A DG 2  N2 ? ? ? 1_555 B DC 11 O2 ? ? A DG 2  B DC 23 1_555 ? ? ? ? ? ? WATSON-CRICK ? ? ? 
hydrog6  hydrog ? ? A DG 2  O6 ? ? ? 1_555 B DC 11 N4 ? ? A DG 2  B DC 23 1_555 ? ? ? ? ? ? WATSON-CRICK ? ? ? 
hydrog7  hydrog ? ? A DC 3  N3 ? ? ? 1_555 B DG 10 N1 ? ? A DC 3  B DG 22 1_555 ? ? ? ? ? ? WATSON-CRICK ? ? ? 
hydrog8  hydrog ? ? A DC 3  N4 ? ? ? 1_555 B DG 10 O6 ? ? A DC 3  B DG 22 1_555 ? ? ? ? ? ? WATSON-CRICK ? ? ? 
hydrog9  hydrog ? ? A DC 3  O2 ? ? ? 1_555 B DG 10 N2 ? ? A DC 3  B DG 22 1_555 ? ? ? ? ? ? WATSON-CRICK ? ? ? 
hydrog10 hydrog ? ? A DG 4  N1 ? ? ? 1_555 B DC 9  N3 ? ? A DG 4  B DC 21 1_555 ? ? ? ? ? ? WATSON-CRICK ? ? ? 
hydrog11 hydrog ? ? A DG 4  N2 ? ? ? 1_555 B DC 9  O2 ? ? A DG 4  B DC 21 1_555 ? ? ? ? ? ? WATSON-CRICK ? ? ? 
hydrog12 hydrog ? ? A DG 4  O6 ? ? ? 1_555 B DC 9  N4 ? ? A DG 4  B DC 21 1_555 ? ? ? ? ? ? WATSON-CRICK ? ? ? 
hydrog13 hydrog ? ? A DA 5  N1 ? ? ? 1_555 B DT 8  N3 ? ? A DA 5  B DT 20 1_555 ? ? ? ? ? ? WATSON-CRICK ? ? ? 
hydrog14 hydrog ? ? A DA 5  N6 ? ? ? 1_555 B DT 8  O4 ? ? A DA 5  B DT 20 1_555 ? ? ? ? ? ? WATSON-CRICK ? ? ? 
hydrog15 hydrog ? ? A DA 6  N1 ? ? ? 1_555 B DT 7  N3 ? ? A DA 6  B DT 19 1_555 ? ? ? ? ? ? WATSON-CRICK ? ? ? 
hydrog16 hydrog ? ? A DA 6  N6 ? ? ? 1_555 B DT 7  O4 ? ? A DA 6  B DT 19 1_555 ? ? ? ? ? ? WATSON-CRICK ? ? ? 
hydrog17 hydrog ? ? A DA 7  N1 ? ? ? 1_555 B DT 6  N3 ? ? A DA 7  B DT 18 1_555 ? ? ? ? ? ? WATSON-CRICK ? ? ? 
hydrog18 hydrog ? ? A DA 7  N6 ? ? ? 1_555 B DT 6  O4 ? ? A DA 7  B DT 18 1_555 ? ? ? ? ? ? WATSON-CRICK ? ? ? 
hydrog19 hydrog ? ? A DA 8  N1 ? ? ? 1_555 B DT 5  N3 ? ? A DA 8  B DT 17 1_555 ? ? ? ? ? ? WATSON-CRICK ? ? ? 
hydrog20 hydrog ? ? A DA 8  N6 ? ? ? 1_555 B DT 5  O4 ? ? A DA 8  B DT 17 1_555 ? ? ? ? ? ? WATSON-CRICK ? ? ? 
hydrog21 hydrog ? ? A DA 9  N1 ? ? ? 1_555 B DT 4  N3 ? ? A DA 9  B DT 16 1_555 ? ? ? ? ? ? WATSON-CRICK ? ? ? 
hydrog22 hydrog ? ? A DA 9  N6 ? ? ? 1_555 B DT 4  O4 ? ? A DA 9  B DT 16 1_555 ? ? ? ? ? ? WATSON-CRICK ? ? ? 
hydrog23 hydrog ? ? A DA 10 N1 ? ? ? 1_555 B DT 3  N3 ? ? A DA 10 B DT 15 1_555 ? ? ? ? ? ? WATSON-CRICK ? ? ? 
hydrog24 hydrog ? ? A DA 10 N6 ? ? ? 1_555 B DT 3  O4 ? ? A DA 10 B DT 15 1_555 ? ? ? ? ? ? WATSON-CRICK ? ? ? 
hydrog25 hydrog ? ? A DC 11 N3 ? ? ? 1_555 B DG 2  N1 ? ? A DC 11 B DG 14 1_555 ? ? ? ? ? ? WATSON-CRICK ? ? ? 
hydrog26 hydrog ? ? A DC 11 N4 ? ? ? 1_555 B DG 2  O6 ? ? A DC 11 B DG 14 1_555 ? ? ? ? ? ? WATSON-CRICK ? ? ? 
hydrog27 hydrog ? ? A DC 11 O2 ? ? ? 1_555 B DG 2  N2 ? ? A DC 11 B DG 14 1_555 ? ? ? ? ? ? WATSON-CRICK ? ? ? 
hydrog28 hydrog ? ? A DG 12 N1 ? ? ? 1_555 B DC 1  N3 ? ? A DG 12 B DC 13 1_555 ? ? ? ? ? ? WATSON-CRICK ? ? ? 
hydrog29 hydrog ? ? A DG 12 N2 ? ? ? 1_555 B DC 1  O2 ? ? A DG 12 B DC 13 1_555 ? ? ? ? ? ? WATSON-CRICK ? ? ? 
hydrog30 hydrog ? ? A DG 12 O6 ? ? ? 1_555 B DC 1  N4 ? ? A DG 12 B DC 13 1_555 ? ? ? ? ? ? WATSON-CRICK ? ? ? 
hydrog31 hydrog ? ? C DC 1  N3 ? ? ? 1_555 D DG 12 N1 ? ? C DC 25 D DG 48 1_555 ? ? ? ? ? ? WATSON-CRICK ? ? ? 
hydrog32 hydrog ? ? C DC 1  N4 ? ? ? 1_555 D DG 12 O6 ? ? C DC 25 D DG 48 1_555 ? ? ? ? ? ? WATSON-CRICK ? ? ? 
hydrog33 hydrog ? ? C DC 1  O2 ? ? ? 1_555 D DG 12 N2 ? ? C DC 25 D DG 48 1_555 ? ? ? ? ? ? WATSON-CRICK ? ? ? 
hydrog34 hydrog ? ? C DG 2  N1 ? ? ? 1_555 D DC 11 N3 ? ? C DG 26 D DC 47 1_555 ? ? ? ? ? ? WATSON-CRICK ? ? ? 
hydrog35 hydrog ? ? C DG 2  N2 ? ? ? 1_555 D DC 11 O2 ? ? C DG 26 D DC 47 1_555 ? ? ? ? ? ? WATSON-CRICK ? ? ? 
hydrog36 hydrog ? ? C DG 2  O6 ? ? ? 1_555 D DC 11 N4 ? ? C DG 26 D DC 47 1_555 ? ? ? ? ? ? WATSON-CRICK ? ? ? 
hydrog37 hydrog ? ? C DC 3  N3 ? ? ? 1_555 D DG 10 N1 ? ? C DC 27 D DG 46 1_555 ? ? ? ? ? ? WATSON-CRICK ? ? ? 
hydrog38 hydrog ? ? C DC 3  N4 ? ? ? 1_555 D DG 10 O6 ? ? C DC 27 D DG 46 1_555 ? ? ? ? ? ? WATSON-CRICK ? ? ? 
hydrog39 hydrog ? ? C DC 3  O2 ? ? ? 1_555 D DG 10 N2 ? ? C DC 27 D DG 46 1_555 ? ? ? ? ? ? WATSON-CRICK ? ? ? 
hydrog40 hydrog ? ? C DG 4  N1 ? ? ? 1_555 D DC 9  N3 ? ? C DG 28 D DC 45 1_555 ? ? ? ? ? ? WATSON-CRICK ? ? ? 
hydrog41 hydrog ? ? C DG 4  N2 ? ? ? 1_555 D DC 9  O2 ? ? C DG 28 D DC 45 1_555 ? ? ? ? ? ? WATSON-CRICK ? ? ? 
hydrog42 hydrog ? ? C DG 4  O6 ? ? ? 1_555 D DC 9  N4 ? ? C DG 28 D DC 45 1_555 ? ? ? ? ? ? WATSON-CRICK ? ? ? 
hydrog43 hydrog ? ? C DA 5  N1 ? ? ? 1_555 D DT 8  N3 ? ? C DA 29 D DT 44 1_555 ? ? ? ? ? ? WATSON-CRICK ? ? ? 
hydrog44 hydrog ? ? C DA 5  N6 ? ? ? 1_555 D DT 8  O4 ? ? C DA 29 D DT 44 1_555 ? ? ? ? ? ? WATSON-CRICK ? ? ? 
hydrog45 hydrog ? ? C DA 6  N1 ? ? ? 1_555 D DT 7  N3 ? ? C DA 30 D DT 43 1_555 ? ? ? ? ? ? WATSON-CRICK ? ? ? 
hydrog46 hydrog ? ? C DA 6  N6 ? ? ? 1_555 D DT 7  O4 ? ? C DA 30 D DT 43 1_555 ? ? ? ? ? ? WATSON-CRICK ? ? ? 
hydrog47 hydrog ? ? C DA 7  N1 ? ? ? 1_555 D DT 6  N3 ? ? C DA 31 D DT 42 1_555 ? ? ? ? ? ? WATSON-CRICK ? ? ? 
hydrog48 hydrog ? ? C DA 7  N6 ? ? ? 1_555 D DT 6  O4 ? ? C DA 31 D DT 42 1_555 ? ? ? ? ? ? WATSON-CRICK ? ? ? 
hydrog49 hydrog ? ? C DA 8  N1 ? ? ? 1_555 D DT 5  N3 ? ? C DA 32 D DT 41 1_555 ? ? ? ? ? ? WATSON-CRICK ? ? ? 
hydrog50 hydrog ? ? C DA 8  N6 ? ? ? 1_555 D DT 5  O4 ? ? C DA 32 D DT 41 1_555 ? ? ? ? ? ? WATSON-CRICK ? ? ? 
hydrog51 hydrog ? ? C DA 9  N1 ? ? ? 1_555 D DT 4  N3 ? ? C DA 33 D DT 40 1_555 ? ? ? ? ? ? WATSON-CRICK ? ? ? 
hydrog52 hydrog ? ? C DA 9  N6 ? ? ? 1_555 D DT 4  O4 ? ? C DA 33 D DT 40 1_555 ? ? ? ? ? ? WATSON-CRICK ? ? ? 
hydrog53 hydrog ? ? C DA 10 N1 ? ? ? 1_555 D DT 3  N3 ? ? C DA 34 D DT 39 1_555 ? ? ? ? ? ? WATSON-CRICK ? ? ? 
hydrog54 hydrog ? ? C DA 10 N6 ? ? ? 1_555 D DT 3  O4 ? ? C DA 34 D DT 39 1_555 ? ? ? ? ? ? WATSON-CRICK ? ? ? 
hydrog55 hydrog ? ? C DC 11 N3 ? ? ? 1_555 D DG 2  N1 ? ? C DC 35 D DG 38 1_555 ? ? ? ? ? ? WATSON-CRICK ? ? ? 
hydrog56 hydrog ? ? C DC 11 N4 ? ? ? 1_555 D DG 2  O6 ? ? C DC 35 D DG 38 1_555 ? ? ? ? ? ? WATSON-CRICK ? ? ? 
hydrog57 hydrog ? ? C DC 11 O2 ? ? ? 1_555 D DG 2  N2 ? ? C DC 35 D DG 38 1_555 ? ? ? ? ? ? WATSON-CRICK ? ? ? 
hydrog58 hydrog ? ? C DG 12 N1 ? ? ? 1_555 D DC 1  N3 ? ? C DG 36 D DC 37 1_555 ? ? ? ? ? ? WATSON-CRICK ? ? ? 
hydrog59 hydrog ? ? C DG 12 N2 ? ? ? 1_555 D DC 1  O2 ? ? C DG 36 D DC 37 1_555 ? ? ? ? ? ? WATSON-CRICK ? ? ? 
hydrog60 hydrog ? ? C DG 12 O6 ? ? ? 1_555 D DC 1  N4 ? ? C DG 36 D DC 37 1_555 ? ? ? ? ? ? WATSON-CRICK ? ? ? 
hydrog61 hydrog ? ? E DC 1  N3 ? ? ? 1_555 F DG 12 N1 ? ? E DC 49 F DG 72 1_555 ? ? ? ? ? ? WATSON-CRICK ? ? ? 
hydrog62 hydrog ? ? E DC 1  N4 ? ? ? 1_555 F DG 12 O6 ? ? E DC 49 F DG 72 1_555 ? ? ? ? ? ? WATSON-CRICK ? ? ? 
hydrog63 hydrog ? ? E DC 1  O2 ? ? ? 1_555 F DG 12 N2 ? ? E DC 49 F DG 72 1_555 ? ? ? ? ? ? WATSON-CRICK ? ? ? 
hydrog64 hydrog ? ? E DG 2  N1 ? ? ? 1_555 F DC 11 N3 ? ? E DG 50 F DC 71 1_555 ? ? ? ? ? ? WATSON-CRICK ? ? ? 
hydrog65 hydrog ? ? E DG 2  N2 ? ? ? 1_555 F DC 11 O2 ? ? E DG 50 F DC 71 1_555 ? ? ? ? ? ? WATSON-CRICK ? ? ? 
hydrog66 hydrog ? ? E DG 2  O6 ? ? ? 1_555 F DC 11 N4 ? ? E DG 50 F DC 71 1_555 ? ? ? ? ? ? WATSON-CRICK ? ? ? 
hydrog67 hydrog ? ? E DC 3  N3 ? ? ? 1_555 F DG 10 N1 ? ? E DC 51 F DG 70 1_555 ? ? ? ? ? ? WATSON-CRICK ? ? ? 
hydrog68 hydrog ? ? E DC 3  N4 ? ? ? 1_555 F DG 10 O6 ? ? E DC 51 F DG 70 1_555 ? ? ? ? ? ? WATSON-CRICK ? ? ? 
hydrog69 hydrog ? ? E DC 3  O2 ? ? ? 1_555 F DG 10 N2 ? ? E DC 51 F DG 70 1_555 ? ? ? ? ? ? WATSON-CRICK ? ? ? 
hydrog70 hydrog ? ? E DG 4  N1 ? ? ? 1_555 F DC 9  N3 ? ? E DG 52 F DC 69 1_555 ? ? ? ? ? ? WATSON-CRICK ? ? ? 
hydrog71 hydrog ? ? E DG 4  N2 ? ? ? 1_555 F DC 9  O2 ? ? E DG 52 F DC 69 1_555 ? ? ? ? ? ? WATSON-CRICK ? ? ? 
hydrog72 hydrog ? ? E DG 4  O6 ? ? ? 1_555 F DC 9  N4 ? ? E DG 52 F DC 69 1_555 ? ? ? ? ? ? WATSON-CRICK ? ? ? 
hydrog73 hydrog ? ? E DA 5  N1 ? ? ? 1_555 F DT 8  N3 ? ? E DA 53 F DT 68 1_555 ? ? ? ? ? ? WATSON-CRICK ? ? ? 
hydrog74 hydrog ? ? E DA 5  N6 ? ? ? 1_555 F DT 8  O4 ? ? E DA 53 F DT 68 1_555 ? ? ? ? ? ? WATSON-CRICK ? ? ? 
hydrog75 hydrog ? ? E DA 6  N1 ? ? ? 1_555 F DT 7  N3 ? ? E DA 54 F DT 67 1_555 ? ? ? ? ? ? WATSON-CRICK ? ? ? 
hydrog76 hydrog ? ? E DA 6  N6 ? ? ? 1_555 F DT 7  O4 ? ? E DA 54 F DT 67 1_555 ? ? ? ? ? ? WATSON-CRICK ? ? ? 
hydrog77 hydrog ? ? E DA 7  N1 ? ? ? 1_555 F DT 6  N3 ? ? E DA 55 F DT 66 1_555 ? ? ? ? ? ? WATSON-CRICK ? ? ? 
hydrog78 hydrog ? ? E DA 7  N6 ? ? ? 1_555 F DT 6  O4 ? ? E DA 55 F DT 66 1_555 ? ? ? ? ? ? WATSON-CRICK ? ? ? 
hydrog79 hydrog ? ? E DA 8  N1 ? ? ? 1_555 F DT 5  N3 ? ? E DA 56 F DT 65 1_555 ? ? ? ? ? ? WATSON-CRICK ? ? ? 
hydrog80 hydrog ? ? E DA 8  N6 ? ? ? 1_555 F DT 5  O4 ? ? E DA 56 F DT 65 1_555 ? ? ? ? ? ? WATSON-CRICK ? ? ? 
hydrog81 hydrog ? ? E DA 9  N1 ? ? ? 1_555 F DT 4  N3 ? ? E DA 57 F DT 64 1_555 ? ? ? ? ? ? WATSON-CRICK ? ? ? 
hydrog82 hydrog ? ? E DA 9  N6 ? ? ? 1_555 F DT 4  O4 ? ? E DA 57 F DT 64 1_555 ? ? ? ? ? ? WATSON-CRICK ? ? ? 
hydrog83 hydrog ? ? E DA 10 N1 ? ? ? 1_555 F DT 3  N3 ? ? E DA 58 F DT 63 1_555 ? ? ? ? ? ? WATSON-CRICK ? ? ? 
hydrog84 hydrog ? ? E DA 10 N6 ? ? ? 1_555 F DT 3  O4 ? ? E DA 58 F DT 63 1_555 ? ? ? ? ? ? WATSON-CRICK ? ? ? 
hydrog85 hydrog ? ? E DC 11 N3 ? ? ? 1_555 F DG 2  N1 ? ? E DC 59 F DG 62 1_555 ? ? ? ? ? ? WATSON-CRICK ? ? ? 
hydrog86 hydrog ? ? E DC 11 N4 ? ? ? 1_555 F DG 2  O6 ? ? E DC 59 F DG 62 1_555 ? ? ? ? ? ? WATSON-CRICK ? ? ? 
hydrog87 hydrog ? ? E DC 11 O2 ? ? ? 1_555 F DG 2  N2 ? ? E DC 59 F DG 62 1_555 ? ? ? ? ? ? WATSON-CRICK ? ? ? 
hydrog88 hydrog ? ? E DG 12 N1 ? ? ? 1_555 F DC 1  N3 ? ? E DG 60 F DC 61 1_555 ? ? ? ? ? ? WATSON-CRICK ? ? ? 
hydrog89 hydrog ? ? E DG 12 N2 ? ? ? 1_555 F DC 1  O2 ? ? E DG 60 F DC 61 1_555 ? ? ? ? ? ? WATSON-CRICK ? ? ? 
hydrog90 hydrog ? ? E DG 12 O6 ? ? ? 1_555 F DC 1  N4 ? ? E DG 60 F DC 61 1_555 ? ? ? ? ? ? WATSON-CRICK ? ? ? 
# 
_struct_conn_type.id          hydrog 
_struct_conn_type.criteria    ? 
_struct_conn_type.reference   ? 
# 
loop_
_pdbx_validate_symm_contact.id 
_pdbx_validate_symm_contact.PDB_model_num 
_pdbx_validate_symm_contact.auth_atom_id_1 
_pdbx_validate_symm_contact.auth_asym_id_1 
_pdbx_validate_symm_contact.auth_comp_id_1 
_pdbx_validate_symm_contact.auth_seq_id_1 
_pdbx_validate_symm_contact.PDB_ins_code_1 
_pdbx_validate_symm_contact.label_alt_id_1 
_pdbx_validate_symm_contact.site_symmetry_1 
_pdbx_validate_symm_contact.auth_atom_id_2 
_pdbx_validate_symm_contact.auth_asym_id_2 
_pdbx_validate_symm_contact.auth_comp_id_2 
_pdbx_validate_symm_contact.auth_seq_id_2 
_pdbx_validate_symm_contact.PDB_ins_code_2 
_pdbx_validate_symm_contact.label_alt_id_2 
_pdbx_validate_symm_contact.site_symmetry_2 
_pdbx_validate_symm_contact.dist 
1  1 C4    E DG  60  ? ? 1_555 O C HOH 120 ? ? 3_545 0.98 
2  1 N9    E DG  60  ? ? 1_555 O C HOH 120 ? ? 3_545 1.11 
3  1 C5    E DG  60  ? ? 1_555 O C HOH 120 ? ? 3_545 1.15 
4  1 N4    F DC  69  ? ? 1_555 O D HOH 116 ? ? 1_544 1.22 
5  1 "C1'" E DC  49  ? ? 1_555 O F HOH 117 ? ? 3_544 1.23 
6  1 C8    E DG  60  ? ? 1_555 O C HOH 120 ? ? 3_545 1.31 
7  1 O     D HOH 114 ? ? 1_555 O E HOH 124 ? ? 1_566 1.32 
8  1 N7    E DG  60  ? ? 1_555 O C HOH 120 ? ? 3_545 1.44 
9  1 "C1'" E DC  51  ? ? 1_555 O C HOH 115 ? ? 1_544 1.51 
10 1 "C2'" E DC  51  ? ? 1_555 O C HOH 115 ? ? 1_544 1.69 
11 1 "O4'" F DC  71  ? ? 1_555 O D HOH 118 ? ? 1_544 1.78 
12 1 "C2'" E DC  49  ? ? 1_555 O F HOH 117 ? ? 3_544 1.83 
13 1 "O3'" F DG  70  ? ? 1_555 O D HOH 118 ? ? 1_544 1.91 
14 1 C8    E DG  60  ? ? 1_555 O C HOH 119 ? ? 3_545 1.92 
15 1 "O4'" E DG  60  ? ? 1_555 O C HOH 119 ? ? 3_545 2.03 
16 1 C4    F DC  69  ? ? 1_555 O D HOH 116 ? ? 1_544 2.11 
17 1 "O5'" F DC  71  ? ? 1_555 O D HOH 118 ? ? 1_544 2.15 
# 
_pdbx_validate_rmsd_bond.id                        1 
_pdbx_validate_rmsd_bond.PDB_model_num             1 
_pdbx_validate_rmsd_bond.auth_atom_id_1            C5 
_pdbx_validate_rmsd_bond.auth_asym_id_1            B 
_pdbx_validate_rmsd_bond.auth_comp_id_1            DT 
_pdbx_validate_rmsd_bond.auth_seq_id_1             16 
_pdbx_validate_rmsd_bond.PDB_ins_code_1            ? 
_pdbx_validate_rmsd_bond.label_alt_id_1            ? 
_pdbx_validate_rmsd_bond.auth_atom_id_2            C7 
_pdbx_validate_rmsd_bond.auth_asym_id_2            B 
_pdbx_validate_rmsd_bond.auth_comp_id_2            DT 
_pdbx_validate_rmsd_bond.auth_seq_id_2             16 
_pdbx_validate_rmsd_bond.PDB_ins_code_2            ? 
_pdbx_validate_rmsd_bond.label_alt_id_2            ? 
_pdbx_validate_rmsd_bond.bond_value                1.545 
_pdbx_validate_rmsd_bond.bond_target_value         1.496 
_pdbx_validate_rmsd_bond.bond_deviation            0.049 
_pdbx_validate_rmsd_bond.bond_standard_deviation   0.006 
_pdbx_validate_rmsd_bond.linker_flag               N 
# 
loop_
_pdbx_validate_rmsd_angle.id 
_pdbx_validate_rmsd_angle.PDB_model_num 
_pdbx_validate_rmsd_angle.auth_atom_id_1 
_pdbx_validate_rmsd_angle.auth_asym_id_1 
_pdbx_validate_rmsd_angle.auth_comp_id_1 
_pdbx_validate_rmsd_angle.auth_seq_id_1 
_pdbx_validate_rmsd_angle.PDB_ins_code_1 
_pdbx_validate_rmsd_angle.label_alt_id_1 
_pdbx_validate_rmsd_angle.auth_atom_id_2 
_pdbx_validate_rmsd_angle.auth_asym_id_2 
_pdbx_validate_rmsd_angle.auth_comp_id_2 
_pdbx_validate_rmsd_angle.auth_seq_id_2 
_pdbx_validate_rmsd_angle.PDB_ins_code_2 
_pdbx_validate_rmsd_angle.label_alt_id_2 
_pdbx_validate_rmsd_angle.auth_atom_id_3 
_pdbx_validate_rmsd_angle.auth_asym_id_3 
_pdbx_validate_rmsd_angle.auth_comp_id_3 
_pdbx_validate_rmsd_angle.auth_seq_id_3 
_pdbx_validate_rmsd_angle.PDB_ins_code_3 
_pdbx_validate_rmsd_angle.label_alt_id_3 
_pdbx_validate_rmsd_angle.angle_value 
_pdbx_validate_rmsd_angle.angle_target_value 
_pdbx_validate_rmsd_angle.angle_deviation 
_pdbx_validate_rmsd_angle.angle_standard_deviation 
_pdbx_validate_rmsd_angle.linker_flag 
1   1 N1    A DC 1  ? ? C2    A DC 1  ? ? O2    A DC 1  ? ? 122.84 118.90 3.94  0.60 N 
2   1 "O4'" A DG 2  ? ? "C1'" A DG 2  ? ? N9    A DG 2  ? ? 111.10 108.30 2.80  0.30 N 
3   1 "C1'" A DC 3  ? ? "O4'" A DC 3  ? ? "C4'" A DC 3  ? ? 103.10 110.10 -7.00 1.00 N 
4   1 "C4'" A DC 3  ? ? "C3'" A DC 3  ? ? "C2'" A DC 3  ? ? 94.42  102.20 -7.78 0.70 N 
5   1 "O4'" A DC 3  ? ? "C1'" A DC 3  ? ? N1    A DC 3  ? ? 111.87 108.30 3.57  0.30 N 
6   1 N3    A DC 3  ? ? C2    A DC 3  ? ? O2    A DC 3  ? ? 117.55 121.90 -4.35 0.70 N 
7   1 "O4'" A DA 5  ? ? "C1'" A DA 5  ? ? N9    A DA 5  ? ? 110.40 108.30 2.10  0.30 N 
8   1 "O4'" A DA 9  ? ? "C1'" A DA 9  ? ? "C2'" A DA 9  ? ? 98.34  105.90 -7.56 0.80 N 
9   1 "O4'" A DA 10 ? ? "C1'" A DA 10 ? ? "C2'" A DA 10 ? ? 100.29 105.90 -5.61 0.80 N 
10  1 "O4'" A DA 10 ? ? "C1'" A DA 10 ? ? N9    A DA 10 ? ? 111.40 108.30 3.10  0.30 N 
11  1 "O4'" A DC 11 ? ? "C1'" A DC 11 ? ? N1    A DC 11 ? ? 113.97 108.30 5.67  0.30 N 
12  1 N1    A DC 11 ? ? C2    A DC 11 ? ? O2    A DC 11 ? ? 123.54 118.90 4.64  0.60 N 
13  1 N3    A DC 11 ? ? C2    A DC 11 ? ? O2    A DC 11 ? ? 117.00 121.90 -4.90 0.70 N 
14  1 "O4'" A DG 12 ? ? "C1'" A DG 12 ? ? N9    A DG 12 ? ? 110.12 108.30 1.82  0.30 N 
15  1 "C1'" B DC 13 ? ? "O4'" B DC 13 ? ? "C4'" B DC 13 ? ? 103.99 110.10 -6.11 1.00 N 
16  1 "O4'" B DC 13 ? ? "C1'" B DC 13 ? ? N1    B DC 13 ? ? 112.23 108.30 3.93  0.30 N 
17  1 N1    B DC 13 ? ? C2    B DC 13 ? ? O2    B DC 13 ? ? 123.32 118.90 4.42  0.60 N 
18  1 "O4'" B DT 15 ? ? "C4'" B DT 15 ? ? "C3'" B DT 15 ? ? 109.95 106.00 3.95  0.60 N 
19  1 "O4'" B DT 15 ? ? "C1'" B DT 15 ? ? N1    B DT 15 ? ? 111.06 108.30 2.76  0.30 N 
20  1 C6    B DT 15 ? ? C5    B DT 15 ? ? C7    B DT 15 ? ? 118.60 122.90 -4.30 0.60 N 
21  1 "O4'" B DT 16 ? ? "C1'" B DT 16 ? ? "C2'" B DT 16 ? ? 98.52  105.90 -7.38 0.80 N 
22  1 N3    B DT 16 ? ? C2    B DT 16 ? ? O2    B DT 16 ? ? 117.78 122.30 -4.52 0.60 N 
23  1 "O4'" B DT 17 ? ? "C1'" B DT 17 ? ? "C2'" B DT 17 ? ? 100.65 105.90 -5.25 0.80 N 
24  1 C6    B DT 17 ? ? C5    B DT 17 ? ? C7    B DT 17 ? ? 117.64 122.90 -5.26 0.60 N 
25  1 "O4'" B DT 18 ? ? "C1'" B DT 18 ? ? "C2'" B DT 18 ? ? 100.94 105.90 -4.96 0.80 N 
26  1 "O4'" B DT 18 ? ? "C1'" B DT 18 ? ? N1    B DT 18 ? ? 110.44 108.30 2.14  0.30 N 
27  1 C4    B DT 18 ? ? C5    B DT 18 ? ? C6    B DT 18 ? ? 122.32 118.00 4.32  0.60 N 
28  1 N3    B DT 18 ? ? C2    B DT 18 ? ? O2    B DT 18 ? ? 118.52 122.30 -3.78 0.60 N 
29  1 C6    B DT 18 ? ? C5    B DT 18 ? ? C7    B DT 18 ? ? 118.81 122.90 -4.09 0.60 N 
30  1 C4    B DT 19 ? ? C5    B DT 19 ? ? C6    B DT 19 ? ? 121.88 118.00 3.88  0.60 N 
31  1 "O4'" B DT 20 ? ? "C1'" B DT 20 ? ? "C2'" B DT 20 ? ? 99.34  105.90 -6.56 0.80 N 
32  1 "O4'" B DT 20 ? ? "C1'" B DT 20 ? ? N1    B DT 20 ? ? 110.84 108.30 2.54  0.30 N 
33  1 C4    B DT 20 ? ? C5    B DT 20 ? ? C6    B DT 20 ? ? 122.65 118.00 4.65  0.60 N 
34  1 N3    B DT 20 ? ? C2    B DT 20 ? ? O2    B DT 20 ? ? 118.44 122.30 -3.86 0.60 N 
35  1 C6    B DT 20 ? ? C5    B DT 20 ? ? C7    B DT 20 ? ? 116.44 122.90 -6.46 0.60 N 
36  1 "O4'" B DC 21 ? ? "C1'" B DC 21 ? ? "C2'" B DC 21 ? ? 100.28 105.90 -5.62 0.80 N 
37  1 "O4'" B DG 22 ? ? "C1'" B DG 22 ? ? N9    B DG 22 ? ? 112.06 108.30 3.76  0.30 N 
38  1 "O4'" B DC 23 ? ? "C1'" B DC 23 ? ? N1    B DC 23 ? ? 102.04 108.00 -5.96 0.70 N 
39  1 N1    B DC 23 ? ? C2    B DC 23 ? ? O2    B DC 23 ? ? 123.07 118.90 4.17  0.60 N 
40  1 "O4'" C DC 25 ? ? "C1'" C DC 25 ? ? N1    C DC 25 ? ? 110.49 108.30 2.19  0.30 N 
41  1 N1    C DC 25 ? ? C2    C DC 25 ? ? O2    C DC 25 ? ? 123.22 118.90 4.32  0.60 N 
42  1 "O4'" C DG 26 ? ? "C1'" C DG 26 ? ? "C2'" C DG 26 ? ? 100.97 105.90 -4.93 0.80 N 
43  1 "O4'" C DC 27 ? ? "C1'" C DC 27 ? ? N1    C DC 27 ? ? 110.58 108.30 2.28  0.30 N 
44  1 N1    C DC 27 ? ? C2    C DC 27 ? ? O2    C DC 27 ? ? 122.75 118.90 3.85  0.60 N 
45  1 "C3'" C DG 28 ? ? "O3'" C DG 28 ? ? P     C DA 29 ? ? 127.33 119.70 7.63  1.20 Y 
46  1 "O4'" C DA 29 ? ? "C1'" C DA 29 ? ? N9    C DA 29 ? ? 112.96 108.30 4.66  0.30 N 
47  1 "O4'" C DA 32 ? ? "C1'" C DA 32 ? ? N9    C DA 32 ? ? 111.34 108.30 3.04  0.30 N 
48  1 "C3'" C DA 32 ? ? "O3'" C DA 32 ? ? P     C DA 33 ? ? 129.05 119.70 9.35  1.20 Y 
49  1 "C1'" C DA 34 ? ? "O4'" C DA 34 ? ? "C4'" C DA 34 ? ? 102.42 110.10 -7.68 1.00 N 
50  1 "O4'" C DA 34 ? ? "C1'" C DA 34 ? ? N9    C DA 34 ? ? 111.36 108.30 3.06  0.30 N 
51  1 "C1'" C DC 35 ? ? "O4'" C DC 35 ? ? "C4'" C DC 35 ? ? 102.77 110.10 -7.33 1.00 N 
52  1 "O4'" C DC 35 ? ? "C1'" C DC 35 ? ? N1    C DC 35 ? ? 113.04 108.30 4.74  0.30 N 
53  1 N1    C DC 35 ? ? C2    C DC 35 ? ? O2    C DC 35 ? ? 122.82 118.90 3.92  0.60 N 
54  1 "O4'" D DC 37 ? ? "C1'" D DC 37 ? ? N1    D DC 37 ? ? 113.41 108.30 5.11  0.30 N 
55  1 "O4'" D DG 38 ? ? "C1'" D DG 38 ? ? N9    D DG 38 ? ? 111.91 108.30 3.61  0.30 N 
56  1 "O4'" D DT 39 ? ? "C1'" D DT 39 ? ? N1    D DT 39 ? ? 110.44 108.30 2.14  0.30 N 
57  1 C6    D DT 40 ? ? C5    D DT 40 ? ? C7    D DT 40 ? ? 119.17 122.90 -3.73 0.60 N 
58  1 "C1'" D DT 41 ? ? "O4'" D DT 41 ? ? "C4'" D DT 41 ? ? 101.56 110.10 -8.54 1.00 N 
59  1 "O4'" D DT 41 ? ? "C1'" D DT 41 ? ? "C2'" D DT 41 ? ? 99.16  105.90 -6.74 0.80 N 
60  1 C6    D DT 41 ? ? C5    D DT 41 ? ? C7    D DT 41 ? ? 118.57 122.90 -4.33 0.60 N 
61  1 "O4'" D DT 42 ? ? "C1'" D DT 42 ? ? "C2'" D DT 42 ? ? 100.65 105.90 -5.25 0.80 N 
62  1 "O4'" D DT 42 ? ? "C1'" D DT 42 ? ? N1    D DT 42 ? ? 111.03 108.30 2.73  0.30 N 
63  1 C6    D DT 42 ? ? C5    D DT 42 ? ? C7    D DT 42 ? ? 118.61 122.90 -4.29 0.60 N 
64  1 "O4'" D DT 43 ? ? "C1'" D DT 43 ? ? N1    D DT 43 ? ? 111.59 108.30 3.29  0.30 N 
65  1 C6    D DT 44 ? ? C5    D DT 44 ? ? C7    D DT 44 ? ? 118.69 122.90 -4.21 0.60 N 
66  1 "O4'" D DC 45 ? ? "C1'" D DC 45 ? ? N1    D DC 45 ? ? 110.11 108.30 1.81  0.30 N 
67  1 N1    D DC 45 ? ? C2    D DC 45 ? ? O2    D DC 45 ? ? 122.85 118.90 3.95  0.60 N 
68  1 "O4'" D DG 46 ? ? "C1'" D DG 46 ? ? N9    D DG 46 ? ? 111.74 108.30 3.44  0.30 N 
69  1 "O4'" D DC 47 ? ? "C1'" D DC 47 ? ? N1    D DC 47 ? ? 110.52 108.30 2.22  0.30 N 
70  1 N1    D DC 47 ? ? C2    D DC 47 ? ? O2    D DC 47 ? ? 122.53 118.90 3.63  0.60 N 
71  1 "O4'" E DC 49 ? ? "C1'" E DC 49 ? ? N1    E DC 49 ? ? 111.54 108.30 3.24  0.30 N 
72  1 N1    E DC 49 ? ? C2    E DC 49 ? ? O2    E DC 49 ? ? 123.06 118.90 4.16  0.60 N 
73  1 "O4'" E DC 51 ? ? "C1'" E DC 51 ? ? N1    E DC 51 ? ? 110.67 108.30 2.37  0.30 N 
74  1 "O4'" E DG 52 ? ? "C1'" E DG 52 ? ? N9    E DG 52 ? ? 113.15 108.30 4.85  0.30 N 
75  1 "O4'" E DA 53 ? ? "C1'" E DA 53 ? ? "C2'" E DA 53 ? ? 99.66  105.90 -6.24 0.80 N 
76  1 "O4'" E DA 53 ? ? "C1'" E DA 53 ? ? N9    E DA 53 ? ? 113.05 108.30 4.75  0.30 N 
77  1 "C1'" E DA 54 ? ? "O4'" E DA 54 ? ? "C4'" E DA 54 ? ? 101.29 110.10 -8.81 1.00 N 
78  1 "O4'" E DA 54 ? ? "C1'" E DA 54 ? ? N9    E DA 54 ? ? 111.99 108.30 3.69  0.30 N 
79  1 "C3'" E DA 57 ? ? "O3'" E DA 57 ? ? P     E DA 58 ? ? 127.48 119.70 7.78  1.20 Y 
80  1 "C3'" E DA 58 ? ? "O3'" E DA 58 ? ? P     E DC 59 ? ? 126.92 119.70 7.22  1.20 Y 
81  1 "O4'" E DC 59 ? ? "C1'" E DC 59 ? ? N1    E DC 59 ? ? 110.10 108.30 1.80  0.30 N 
82  1 N1    E DC 59 ? ? C2    E DC 59 ? ? O2    E DC 59 ? ? 123.63 118.90 4.73  0.60 N 
83  1 N3    E DC 59 ? ? C2    E DC 59 ? ? O2    E DC 59 ? ? 117.45 121.90 -4.45 0.70 N 
84  1 "O4'" E DG 60 ? ? "C1'" E DG 60 ? ? N9    E DG 60 ? ? 110.92 108.30 2.62  0.30 N 
85  1 "O4'" F DC 61 ? ? "C1'" F DC 61 ? ? N1    F DC 61 ? ? 112.02 108.30 3.72  0.30 N 
86  1 N1    F DC 61 ? ? C2    F DC 61 ? ? O2    F DC 61 ? ? 122.81 118.90 3.91  0.60 N 
87  1 "O4'" F DG 62 ? ? "C1'" F DG 62 ? ? N9    F DG 62 ? ? 110.67 108.30 2.37  0.30 N 
88  1 C6    F DT 63 ? ? C5    F DT 63 ? ? C7    F DT 63 ? ? 118.27 122.90 -4.63 0.60 N 
89  1 "O4'" F DT 64 ? ? "C1'" F DT 64 ? ? "C2'" F DT 64 ? ? 100.86 105.90 -5.04 0.80 N 
90  1 "O4'" F DT 64 ? ? "C1'" F DT 64 ? ? N1    F DT 64 ? ? 110.27 108.30 1.97  0.30 N 
91  1 C6    F DT 64 ? ? C5    F DT 64 ? ? C7    F DT 64 ? ? 119.15 122.90 -3.75 0.60 N 
92  1 "O4'" F DT 65 ? ? "C1'" F DT 65 ? ? N1    F DT 65 ? ? 110.87 108.30 2.57  0.30 N 
93  1 C6    F DT 65 ? ? C5    F DT 65 ? ? C7    F DT 65 ? ? 118.60 122.90 -4.30 0.60 N 
94  1 "O4'" F DT 66 ? ? "C1'" F DT 66 ? ? N1    F DT 66 ? ? 110.47 108.30 2.17  0.30 N 
95  1 C6    F DT 66 ? ? C5    F DT 66 ? ? C7    F DT 66 ? ? 118.83 122.90 -4.07 0.60 N 
96  1 "C3'" F DT 66 ? ? "O3'" F DT 66 ? ? P     F DT 67 ? ? 128.11 119.70 8.41  1.20 Y 
97  1 C6    F DT 67 ? ? C5    F DT 67 ? ? C7    F DT 67 ? ? 119.02 122.90 -3.88 0.60 N 
98  1 "O4'" F DT 68 ? ? "C1'" F DT 68 ? ? N1    F DT 68 ? ? 110.50 108.30 2.20  0.30 N 
99  1 C6    F DT 68 ? ? C5    F DT 68 ? ? C7    F DT 68 ? ? 118.55 122.90 -4.35 0.60 N 
100 1 "O4'" F DC 69 ? ? "C1'" F DC 69 ? ? N1    F DC 69 ? ? 110.24 108.30 1.94  0.30 N 
101 1 "O4'" F DG 70 ? ? "C1'" F DG 70 ? ? N9    F DG 70 ? ? 110.97 108.30 2.67  0.30 N 
102 1 "O4'" F DC 71 ? ? "C1'" F DC 71 ? ? "C2'" F DC 71 ? ? 100.73 105.90 -5.17 0.80 N 
103 1 "O4'" F DC 71 ? ? "C1'" F DC 71 ? ? N1    F DC 71 ? ? 111.91 108.30 3.61  0.30 N 
104 1 N1    F DC 71 ? ? C2    F DC 71 ? ? O2    F DC 71 ? ? 122.96 118.90 4.06  0.60 N 
# 
_pdbx_validate_planes.id              1 
_pdbx_validate_planes.PDB_model_num   1 
_pdbx_validate_planes.auth_comp_id    DC 
_pdbx_validate_planes.auth_asym_id    B 
_pdbx_validate_planes.auth_seq_id     23 
_pdbx_validate_planes.PDB_ins_code    ? 
_pdbx_validate_planes.label_alt_id    ? 
_pdbx_validate_planes.rmsd            0.068 
_pdbx_validate_planes.type            'SIDE CHAIN' 
# 
_pdbx_struct_special_symmetry.id              1 
_pdbx_struct_special_symmetry.PDB_model_num   1 
_pdbx_struct_special_symmetry.auth_asym_id    C 
_pdbx_struct_special_symmetry.auth_comp_id    HOH 
_pdbx_struct_special_symmetry.auth_seq_id     121 
_pdbx_struct_special_symmetry.PDB_ins_code    ? 
_pdbx_struct_special_symmetry.label_asym_id   I 
_pdbx_struct_special_symmetry.label_comp_id   HOH 
_pdbx_struct_special_symmetry.label_seq_id    . 
# 
loop_
_refine_B_iso.class 
_refine_B_iso.details 
_refine_B_iso.treatment 
_refine_B_iso.pdbx_refine_id 
'ALL ATOMS'  TR isotropic 'X-RAY DIFFRACTION' 
'ALL WATERS' TR isotropic 'X-RAY DIFFRACTION' 
# 
loop_
_refine_occupancy.class 
_refine_occupancy.treatment 
_refine_occupancy.pdbx_refine_id 
'ALL ATOMS'  fix 'X-RAY DIFFRACTION' 
'ALL WATERS' fix 'X-RAY DIFFRACTION' 
# 
loop_
_chem_comp_atom.comp_id 
_chem_comp_atom.atom_id 
_chem_comp_atom.type_symbol 
_chem_comp_atom.pdbx_aromatic_flag 
_chem_comp_atom.pdbx_stereo_config 
_chem_comp_atom.pdbx_ordinal 
DA  OP3    O N N 1   
DA  P      P N N 2   
DA  OP1    O N N 3   
DA  OP2    O N N 4   
DA  "O5'"  O N N 5   
DA  "C5'"  C N N 6   
DA  "C4'"  C N R 7   
DA  "O4'"  O N N 8   
DA  "C3'"  C N S 9   
DA  "O3'"  O N N 10  
DA  "C2'"  C N N 11  
DA  "C1'"  C N R 12  
DA  N9     N Y N 13  
DA  C8     C Y N 14  
DA  N7     N Y N 15  
DA  C5     C Y N 16  
DA  C6     C Y N 17  
DA  N6     N N N 18  
DA  N1     N Y N 19  
DA  C2     C Y N 20  
DA  N3     N Y N 21  
DA  C4     C Y N 22  
DA  HOP3   H N N 23  
DA  HOP2   H N N 24  
DA  "H5'"  H N N 25  
DA  "H5''" H N N 26  
DA  "H4'"  H N N 27  
DA  "H3'"  H N N 28  
DA  "HO3'" H N N 29  
DA  "H2'"  H N N 30  
DA  "H2''" H N N 31  
DA  "H1'"  H N N 32  
DA  H8     H N N 33  
DA  H61    H N N 34  
DA  H62    H N N 35  
DA  H2     H N N 36  
DC  OP3    O N N 37  
DC  P      P N N 38  
DC  OP1    O N N 39  
DC  OP2    O N N 40  
DC  "O5'"  O N N 41  
DC  "C5'"  C N N 42  
DC  "C4'"  C N R 43  
DC  "O4'"  O N N 44  
DC  "C3'"  C N S 45  
DC  "O3'"  O N N 46  
DC  "C2'"  C N N 47  
DC  "C1'"  C N R 48  
DC  N1     N N N 49  
DC  C2     C N N 50  
DC  O2     O N N 51  
DC  N3     N N N 52  
DC  C4     C N N 53  
DC  N4     N N N 54  
DC  C5     C N N 55  
DC  C6     C N N 56  
DC  HOP3   H N N 57  
DC  HOP2   H N N 58  
DC  "H5'"  H N N 59  
DC  "H5''" H N N 60  
DC  "H4'"  H N N 61  
DC  "H3'"  H N N 62  
DC  "HO3'" H N N 63  
DC  "H2'"  H N N 64  
DC  "H2''" H N N 65  
DC  "H1'"  H N N 66  
DC  H41    H N N 67  
DC  H42    H N N 68  
DC  H5     H N N 69  
DC  H6     H N N 70  
DG  OP3    O N N 71  
DG  P      P N N 72  
DG  OP1    O N N 73  
DG  OP2    O N N 74  
DG  "O5'"  O N N 75  
DG  "C5'"  C N N 76  
DG  "C4'"  C N R 77  
DG  "O4'"  O N N 78  
DG  "C3'"  C N S 79  
DG  "O3'"  O N N 80  
DG  "C2'"  C N N 81  
DG  "C1'"  C N R 82  
DG  N9     N Y N 83  
DG  C8     C Y N 84  
DG  N7     N Y N 85  
DG  C5     C Y N 86  
DG  C6     C N N 87  
DG  O6     O N N 88  
DG  N1     N N N 89  
DG  C2     C N N 90  
DG  N2     N N N 91  
DG  N3     N N N 92  
DG  C4     C Y N 93  
DG  HOP3   H N N 94  
DG  HOP2   H N N 95  
DG  "H5'"  H N N 96  
DG  "H5''" H N N 97  
DG  "H4'"  H N N 98  
DG  "H3'"  H N N 99  
DG  "HO3'" H N N 100 
DG  "H2'"  H N N 101 
DG  "H2''" H N N 102 
DG  "H1'"  H N N 103 
DG  H8     H N N 104 
DG  H1     H N N 105 
DG  H21    H N N 106 
DG  H22    H N N 107 
DT  OP3    O N N 108 
DT  P      P N N 109 
DT  OP1    O N N 110 
DT  OP2    O N N 111 
DT  "O5'"  O N N 112 
DT  "C5'"  C N N 113 
DT  "C4'"  C N R 114 
DT  "O4'"  O N N 115 
DT  "C3'"  C N S 116 
DT  "O3'"  O N N 117 
DT  "C2'"  C N N 118 
DT  "C1'"  C N R 119 
DT  N1     N N N 120 
DT  C2     C N N 121 
DT  O2     O N N 122 
DT  N3     N N N 123 
DT  C4     C N N 124 
DT  O4     O N N 125 
DT  C5     C N N 126 
DT  C7     C N N 127 
DT  C6     C N N 128 
DT  HOP3   H N N 129 
DT  HOP2   H N N 130 
DT  "H5'"  H N N 131 
DT  "H5''" H N N 132 
DT  "H4'"  H N N 133 
DT  "H3'"  H N N 134 
DT  "HO3'" H N N 135 
DT  "H2'"  H N N 136 
DT  "H2''" H N N 137 
DT  "H1'"  H N N 138 
DT  H3     H N N 139 
DT  H71    H N N 140 
DT  H72    H N N 141 
DT  H73    H N N 142 
DT  H6     H N N 143 
HOH O      O N N 144 
HOH H1     H N N 145 
HOH H2     H N N 146 
# 
loop_
_chem_comp_bond.comp_id 
_chem_comp_bond.atom_id_1 
_chem_comp_bond.atom_id_2 
_chem_comp_bond.value_order 
_chem_comp_bond.pdbx_aromatic_flag 
_chem_comp_bond.pdbx_stereo_config 
_chem_comp_bond.pdbx_ordinal 
DA  OP3   P      sing N N 1   
DA  OP3   HOP3   sing N N 2   
DA  P     OP1    doub N N 3   
DA  P     OP2    sing N N 4   
DA  P     "O5'"  sing N N 5   
DA  OP2   HOP2   sing N N 6   
DA  "O5'" "C5'"  sing N N 7   
DA  "C5'" "C4'"  sing N N 8   
DA  "C5'" "H5'"  sing N N 9   
DA  "C5'" "H5''" sing N N 10  
DA  "C4'" "O4'"  sing N N 11  
DA  "C4'" "C3'"  sing N N 12  
DA  "C4'" "H4'"  sing N N 13  
DA  "O4'" "C1'"  sing N N 14  
DA  "C3'" "O3'"  sing N N 15  
DA  "C3'" "C2'"  sing N N 16  
DA  "C3'" "H3'"  sing N N 17  
DA  "O3'" "HO3'" sing N N 18  
DA  "C2'" "C1'"  sing N N 19  
DA  "C2'" "H2'"  sing N N 20  
DA  "C2'" "H2''" sing N N 21  
DA  "C1'" N9     sing N N 22  
DA  "C1'" "H1'"  sing N N 23  
DA  N9    C8     sing Y N 24  
DA  N9    C4     sing Y N 25  
DA  C8    N7     doub Y N 26  
DA  C8    H8     sing N N 27  
DA  N7    C5     sing Y N 28  
DA  C5    C6     sing Y N 29  
DA  C5    C4     doub Y N 30  
DA  C6    N6     sing N N 31  
DA  C6    N1     doub Y N 32  
DA  N6    H61    sing N N 33  
DA  N6    H62    sing N N 34  
DA  N1    C2     sing Y N 35  
DA  C2    N3     doub Y N 36  
DA  C2    H2     sing N N 37  
DA  N3    C4     sing Y N 38  
DC  OP3   P      sing N N 39  
DC  OP3   HOP3   sing N N 40  
DC  P     OP1    doub N N 41  
DC  P     OP2    sing N N 42  
DC  P     "O5'"  sing N N 43  
DC  OP2   HOP2   sing N N 44  
DC  "O5'" "C5'"  sing N N 45  
DC  "C5'" "C4'"  sing N N 46  
DC  "C5'" "H5'"  sing N N 47  
DC  "C5'" "H5''" sing N N 48  
DC  "C4'" "O4'"  sing N N 49  
DC  "C4'" "C3'"  sing N N 50  
DC  "C4'" "H4'"  sing N N 51  
DC  "O4'" "C1'"  sing N N 52  
DC  "C3'" "O3'"  sing N N 53  
DC  "C3'" "C2'"  sing N N 54  
DC  "C3'" "H3'"  sing N N 55  
DC  "O3'" "HO3'" sing N N 56  
DC  "C2'" "C1'"  sing N N 57  
DC  "C2'" "H2'"  sing N N 58  
DC  "C2'" "H2''" sing N N 59  
DC  "C1'" N1     sing N N 60  
DC  "C1'" "H1'"  sing N N 61  
DC  N1    C2     sing N N 62  
DC  N1    C6     sing N N 63  
DC  C2    O2     doub N N 64  
DC  C2    N3     sing N N 65  
DC  N3    C4     doub N N 66  
DC  C4    N4     sing N N 67  
DC  C4    C5     sing N N 68  
DC  N4    H41    sing N N 69  
DC  N4    H42    sing N N 70  
DC  C5    C6     doub N N 71  
DC  C5    H5     sing N N 72  
DC  C6    H6     sing N N 73  
DG  OP3   P      sing N N 74  
DG  OP3   HOP3   sing N N 75  
DG  P     OP1    doub N N 76  
DG  P     OP2    sing N N 77  
DG  P     "O5'"  sing N N 78  
DG  OP2   HOP2   sing N N 79  
DG  "O5'" "C5'"  sing N N 80  
DG  "C5'" "C4'"  sing N N 81  
DG  "C5'" "H5'"  sing N N 82  
DG  "C5'" "H5''" sing N N 83  
DG  "C4'" "O4'"  sing N N 84  
DG  "C4'" "C3'"  sing N N 85  
DG  "C4'" "H4'"  sing N N 86  
DG  "O4'" "C1'"  sing N N 87  
DG  "C3'" "O3'"  sing N N 88  
DG  "C3'" "C2'"  sing N N 89  
DG  "C3'" "H3'"  sing N N 90  
DG  "O3'" "HO3'" sing N N 91  
DG  "C2'" "C1'"  sing N N 92  
DG  "C2'" "H2'"  sing N N 93  
DG  "C2'" "H2''" sing N N 94  
DG  "C1'" N9     sing N N 95  
DG  "C1'" "H1'"  sing N N 96  
DG  N9    C8     sing Y N 97  
DG  N9    C4     sing Y N 98  
DG  C8    N7     doub Y N 99  
DG  C8    H8     sing N N 100 
DG  N7    C5     sing Y N 101 
DG  C5    C6     sing N N 102 
DG  C5    C4     doub Y N 103 
DG  C6    O6     doub N N 104 
DG  C6    N1     sing N N 105 
DG  N1    C2     sing N N 106 
DG  N1    H1     sing N N 107 
DG  C2    N2     sing N N 108 
DG  C2    N3     doub N N 109 
DG  N2    H21    sing N N 110 
DG  N2    H22    sing N N 111 
DG  N3    C4     sing N N 112 
DT  OP3   P      sing N N 113 
DT  OP3   HOP3   sing N N 114 
DT  P     OP1    doub N N 115 
DT  P     OP2    sing N N 116 
DT  P     "O5'"  sing N N 117 
DT  OP2   HOP2   sing N N 118 
DT  "O5'" "C5'"  sing N N 119 
DT  "C5'" "C4'"  sing N N 120 
DT  "C5'" "H5'"  sing N N 121 
DT  "C5'" "H5''" sing N N 122 
DT  "C4'" "O4'"  sing N N 123 
DT  "C4'" "C3'"  sing N N 124 
DT  "C4'" "H4'"  sing N N 125 
DT  "O4'" "C1'"  sing N N 126 
DT  "C3'" "O3'"  sing N N 127 
DT  "C3'" "C2'"  sing N N 128 
DT  "C3'" "H3'"  sing N N 129 
DT  "O3'" "HO3'" sing N N 130 
DT  "C2'" "C1'"  sing N N 131 
DT  "C2'" "H2'"  sing N N 132 
DT  "C2'" "H2''" sing N N 133 
DT  "C1'" N1     sing N N 134 
DT  "C1'" "H1'"  sing N N 135 
DT  N1    C2     sing N N 136 
DT  N1    C6     sing N N 137 
DT  C2    O2     doub N N 138 
DT  C2    N3     sing N N 139 
DT  N3    C4     sing N N 140 
DT  N3    H3     sing N N 141 
DT  C4    O4     doub N N 142 
DT  C4    C5     sing N N 143 
DT  C5    C7     sing N N 144 
DT  C5    C6     doub N N 145 
DT  C7    H71    sing N N 146 
DT  C7    H72    sing N N 147 
DT  C7    H73    sing N N 148 
DT  C6    H6     sing N N 149 
HOH O     H1     sing N N 150 
HOH O     H2     sing N N 151 
# 
loop_
_ndb_struct_conf_na.entry_id 
_ndb_struct_conf_na.feature 
1D89 'double helix'        
1D89 'b-form double helix' 
# 
loop_
_ndb_struct_na_base_pair.model_number 
_ndb_struct_na_base_pair.i_label_asym_id 
_ndb_struct_na_base_pair.i_label_comp_id 
_ndb_struct_na_base_pair.i_label_seq_id 
_ndb_struct_na_base_pair.i_symmetry 
_ndb_struct_na_base_pair.j_label_asym_id 
_ndb_struct_na_base_pair.j_label_comp_id 
_ndb_struct_na_base_pair.j_label_seq_id 
_ndb_struct_na_base_pair.j_symmetry 
_ndb_struct_na_base_pair.shear 
_ndb_struct_na_base_pair.stretch 
_ndb_struct_na_base_pair.stagger 
_ndb_struct_na_base_pair.buckle 
_ndb_struct_na_base_pair.propeller 
_ndb_struct_na_base_pair.opening 
_ndb_struct_na_base_pair.pair_number 
_ndb_struct_na_base_pair.pair_name 
_ndb_struct_na_base_pair.i_auth_asym_id 
_ndb_struct_na_base_pair.i_auth_seq_id 
_ndb_struct_na_base_pair.i_PDB_ins_code 
_ndb_struct_na_base_pair.j_auth_asym_id 
_ndb_struct_na_base_pair.j_auth_seq_id 
_ndb_struct_na_base_pair.j_PDB_ins_code 
_ndb_struct_na_base_pair.hbond_type_28 
_ndb_struct_na_base_pair.hbond_type_12 
1 A DC 1  1_555 B DG 12 1_555 0.611  -0.509 0.044  -6.229  -26.082 -2.196 1  A_DC1:DG24_B  A 1  ? B 24 ? 19 1 
1 A DG 2  1_555 B DC 11 1_555 -0.915 -0.481 -0.223 -10.948 -15.887 -1.935 2  A_DG2:DC23_B  A 2  ? B 23 ? 19 1 
1 A DC 3  1_555 B DG 10 1_555 0.514  -0.230 0.448  -5.936  -17.862 2.299  3  A_DC3:DG22_B  A 3  ? B 22 ? 19 1 
1 A DG 4  1_555 B DC 9  1_555 -0.333 -0.317 0.180  9.924   -12.293 -3.663 4  A_DG4:DC21_B  A 4  ? B 21 ? 19 1 
1 A DA 5  1_555 B DT 8  1_555 0.022  -0.229 0.683  11.894  -17.271 3.327  5  A_DA5:DT20_B  A 5  ? B 20 ? 20 1 
1 A DA 6  1_555 B DT 7  1_555 -0.139 -0.353 0.401  7.971   -14.841 0.371  6  A_DA6:DT19_B  A 6  ? B 19 ? 20 1 
1 A DA 7  1_555 B DT 6  1_555 0.160  -0.342 0.163  2.180   -17.536 0.912  7  A_DA7:DT18_B  A 7  ? B 18 ? 20 1 
1 A DA 8  1_555 B DT 5  1_555 0.141  -0.255 -0.461 -5.459  -18.456 5.312  8  A_DA8:DT17_B  A 8  ? B 17 ? 20 1 
1 A DA 9  1_555 B DT 4  1_555 -0.126 -0.267 -0.757 -8.832  -17.673 -0.944 9  A_DA9:DT16_B  A 9  ? B 16 ? 20 1 
1 A DA 10 1_555 B DT 3  1_555 -0.079 -0.117 0.268  2.517   -13.657 4.993  10 A_DA10:DT15_B A 10 ? B 15 ? 20 1 
1 A DC 11 1_555 B DG 2  1_555 0.772  -0.483 -0.168 11.989  -19.864 -1.518 11 A_DC11:DG14_B A 11 ? B 14 ? 19 1 
1 A DG 12 1_555 B DC 1  1_555 -0.622 -0.463 -0.034 -11.553 -7.018  -3.943 12 A_DG12:DC13_B A 12 ? B 13 ? 19 1 
1 C DC 1  1_555 D DG 12 1_555 0.140  -0.397 0.294  -4.446  -26.185 -2.244 13 C_DC25:DG48_D C 25 ? D 48 ? 19 1 
1 C DG 2  1_555 D DC 11 1_555 -0.490 -0.388 0.089  1.827   -9.465  -2.943 14 C_DG26:DC47_D C 26 ? D 47 ? 19 1 
1 C DC 3  1_555 D DG 10 1_555 0.086  -0.186 -0.102 17.737  -12.225 1.186  15 C_DC27:DG46_D C 27 ? D 46 ? 19 1 
1 C DG 4  1_555 D DC 9  1_555 -0.678 -0.467 -0.018 11.499  -12.974 -1.883 16 C_DG28:DC45_D C 28 ? D 45 ? 19 1 
1 C DA 5  1_555 D DT 8  1_555 -0.223 -0.362 0.865  14.509  -19.896 4.927  17 C_DA29:DT44_D C 29 ? D 44 ? 20 1 
1 C DA 6  1_555 D DT 7  1_555 0.144  -0.250 -0.185 3.421   -27.456 -5.882 18 C_DA30:DT43_D C 30 ? D 43 ? 20 1 
1 C DA 7  1_555 D DT 6  1_555 0.204  -0.286 0.291  3.325   -26.727 -0.594 19 C_DA31:DT42_D C 31 ? D 42 ? 20 1 
1 C DA 8  1_555 D DT 5  1_555 0.383  -0.199 -0.325 -3.917  -26.526 -3.961 20 C_DA32:DT41_D C 32 ? D 41 ? 20 1 
1 C DA 9  1_555 D DT 4  1_555 -0.347 -0.215 -0.424 -12.377 -23.475 9.500  21 C_DA33:DT40_D C 33 ? D 40 ? 20 1 
1 C DA 10 1_555 D DT 3  1_555 0.102  -0.254 0.281  -5.907  -27.093 6.683  22 C_DA34:DT39_D C 34 ? D 39 ? 20 1 
1 C DC 11 1_555 D DG 2  1_555 1.358  -0.526 0.042  -4.153  -13.906 2.919  23 C_DC35:DG38_D C 35 ? D 38 ? 19 1 
1 C DG 12 1_555 D DC 1  1_555 -0.610 -0.449 0.036  0.025   8.753   -2.272 24 C_DG36:DC37_D C 36 ? D 37 ? 19 1 
1 E DC 1  1_555 F DG 12 1_555 0.425  -0.380 0.539  -17.285 -17.035 -3.853 25 E_DC49:DG72_F E 49 ? F 72 ? 19 1 
1 E DG 2  1_555 F DC 11 1_555 -0.310 -0.335 -0.110 -10.261 -17.836 -3.901 26 E_DG50:DC71_F E 50 ? F 71 ? 19 1 
1 E DC 3  1_555 F DG 10 1_555 0.223  0.084  -0.107 6.391   -9.236  8.299  27 E_DC51:DG70_F E 51 ? F 70 ? 19 1 
1 E DG 4  1_555 F DC 9  1_555 -0.501 -0.382 -0.161 13.545  -14.667 2.591  28 E_DG52:DC69_F E 52 ? F 69 ? 19 1 
1 E DA 5  1_555 F DT 8  1_555 0.037  -0.246 0.176  15.218  -21.186 -0.516 29 E_DA53:DT68_F E 53 ? F 68 ? 20 1 
1 E DA 6  1_555 F DT 7  1_555 0.357  -0.194 0.302  9.579   -28.262 -3.313 30 E_DA54:DT67_F E 54 ? F 67 ? 20 1 
1 E DA 7  1_555 F DT 6  1_555 0.238  -0.122 0.169  1.546   -22.000 -2.251 31 E_DA55:DT66_F E 55 ? F 66 ? 20 1 
1 E DA 8  1_555 F DT 5  1_555 0.214  -0.315 0.349  0.581   -23.501 -3.343 32 E_DA56:DT65_F E 56 ? F 65 ? 20 1 
1 E DA 9  1_555 F DT 4  1_555 0.231  -0.208 0.057  -4.527  -22.678 -0.962 33 E_DA57:DT64_F E 57 ? F 64 ? 20 1 
1 E DA 10 1_555 F DT 3  1_555 -0.127 -0.113 0.244  4.450   -23.934 4.571  34 E_DA58:DT63_F E 58 ? F 63 ? 20 1 
1 E DC 11 1_555 F DG 2  1_555 0.858  -0.303 0.033  17.070  -18.897 -1.788 35 E_DC59:DG62_F E 59 ? F 62 ? 19 1 
1 E DG 12 1_555 F DC 1  1_555 -0.743 -0.301 0.228  4.455   5.643   -0.193 36 E_DG60:DC61_F E 60 ? F 61 ? 19 1 
# 
loop_
_ndb_struct_na_base_pair_step.model_number 
_ndb_struct_na_base_pair_step.i_label_asym_id_1 
_ndb_struct_na_base_pair_step.i_label_comp_id_1 
_ndb_struct_na_base_pair_step.i_label_seq_id_1 
_ndb_struct_na_base_pair_step.i_symmetry_1 
_ndb_struct_na_base_pair_step.j_label_asym_id_1 
_ndb_struct_na_base_pair_step.j_label_comp_id_1 
_ndb_struct_na_base_pair_step.j_label_seq_id_1 
_ndb_struct_na_base_pair_step.j_symmetry_1 
_ndb_struct_na_base_pair_step.i_label_asym_id_2 
_ndb_struct_na_base_pair_step.i_label_comp_id_2 
_ndb_struct_na_base_pair_step.i_label_seq_id_2 
_ndb_struct_na_base_pair_step.i_symmetry_2 
_ndb_struct_na_base_pair_step.j_label_asym_id_2 
_ndb_struct_na_base_pair_step.j_label_comp_id_2 
_ndb_struct_na_base_pair_step.j_label_seq_id_2 
_ndb_struct_na_base_pair_step.j_symmetry_2 
_ndb_struct_na_base_pair_step.shift 
_ndb_struct_na_base_pair_step.slide 
_ndb_struct_na_base_pair_step.rise 
_ndb_struct_na_base_pair_step.tilt 
_ndb_struct_na_base_pair_step.roll 
_ndb_struct_na_base_pair_step.twist 
_ndb_struct_na_base_pair_step.x_displacement 
_ndb_struct_na_base_pair_step.y_displacement 
_ndb_struct_na_base_pair_step.helical_rise 
_ndb_struct_na_base_pair_step.inclination 
_ndb_struct_na_base_pair_step.tip 
_ndb_struct_na_base_pair_step.helical_twist 
_ndb_struct_na_base_pair_step.step_number 
_ndb_struct_na_base_pair_step.step_name 
_ndb_struct_na_base_pair_step.i_auth_asym_id_1 
_ndb_struct_na_base_pair_step.i_auth_seq_id_1 
_ndb_struct_na_base_pair_step.i_PDB_ins_code_1 
_ndb_struct_na_base_pair_step.j_auth_asym_id_1 
_ndb_struct_na_base_pair_step.j_auth_seq_id_1 
_ndb_struct_na_base_pair_step.j_PDB_ins_code_1 
_ndb_struct_na_base_pair_step.i_auth_asym_id_2 
_ndb_struct_na_base_pair_step.i_auth_seq_id_2 
_ndb_struct_na_base_pair_step.i_PDB_ins_code_2 
_ndb_struct_na_base_pair_step.j_auth_asym_id_2 
_ndb_struct_na_base_pair_step.j_auth_seq_id_2 
_ndb_struct_na_base_pair_step.j_PDB_ins_code_2 
1 A DC 1  1_555 B DG 12 1_555 A DG 2  1_555 B DC 11 1_555 -0.200 1.931  3.725 2.755  6.682   34.396 2.009  0.822  3.991 11.147  
-4.596 35.125 1  AA_DC1DG2:DC23DG24_BB   A 1  ? B 24 ? A 2  ? B 23 ? 
1 A DG 2  1_555 B DC 11 1_555 A DC 3  1_555 B DG 10 1_555 1.287  1.055  3.238 -1.818 -7.501  45.002 1.990  -1.812 2.983 -9.715  
2.354  45.625 2  AA_DG2DC3:DG22DC23_BB   A 2  ? B 23 ? A 3  ? B 22 ? 
1 A DC 3  1_555 B DG 10 1_555 A DG 4  1_555 B DC 9  1_555 -0.724 0.660  2.911 0.618  7.721   28.608 -0.202 1.536  2.968 15.274  
-1.222 29.617 3  AA_DC3DG4:DC21DG22_BB   A 3  ? B 22 ? A 4  ? B 21 ? 
1 A DG 4  1_555 B DC 9  1_555 A DA 5  1_555 B DT 8  1_555 0.343  -0.413 3.138 -3.432 0.103   41.157 -0.596 -0.839 3.100 0.147   
4.871  41.294 4  AA_DG4DA5:DT20DC21_BB   A 4  ? B 21 ? A 5  ? B 20 ? 
1 A DA 5  1_555 B DT 8  1_555 A DA 6  1_555 B DT 7  1_555 -0.215 -0.257 3.375 1.549  -5.220  33.066 0.445  0.638  3.362 -9.094  
-2.698 33.499 5  AA_DA5DA6:DT19DT20_BB   A 5  ? B 20 ? A 6  ? B 19 ? 
1 A DA 6  1_555 B DT 7  1_555 A DA 7  1_555 B DT 6  1_555 0.016  -0.566 3.371 1.684  -3.106  37.371 -0.459 0.203  3.403 -4.834  
-2.621 37.532 6  AA_DA6DA7:DT18DT19_BB   A 6  ? B 19 ? A 7  ? B 18 ? 
1 A DA 7  1_555 B DT 6  1_555 A DA 8  1_555 B DT 5  1_555 0.217  -0.257 3.490 4.203  3.292   37.729 -0.839 0.236  3.459 5.060   
-6.460 38.091 7  AA_DA7DA8:DT17DT18_BB   A 7  ? B 18 ? A 8  ? B 17 ? 
1 A DA 8  1_555 B DT 5  1_555 A DA 9  1_555 B DT 4  1_555 -0.260 0.004  3.332 -0.187 1.125   33.112 -0.187 0.423  3.332 1.972   
0.329  33.131 8  AA_DA8DA9:DT16DT17_BB   A 8  ? B 17 ? A 9  ? B 16 ? 
1 A DA 9  1_555 B DT 4  1_555 A DA 10 1_555 B DT 3  1_555 0.342  -0.029 2.882 -8.935 -1.253  33.310 0.120  -1.783 2.702 -2.137  
15.243 34.477 9  AA_DA9DA10:DT15DT16_BB  A 9  ? B 16 ? A 10 ? B 15 ? 
1 A DA 10 1_555 B DT 3  1_555 A DC 11 1_555 B DG 2  1_555 0.047  -0.441 3.071 2.083  7.552   35.625 -1.675 0.192  2.918 12.162  
-3.355 36.449 10 AA_DA10DC11:DG14DT15_BB A 10 ? B 15 ? A 11 ? B 14 ? 
1 A DC 11 1_555 B DG 2  1_555 A DG 12 1_555 B DC 1  1_555 0.889  -0.768 3.799 3.412  5.160   30.828 -2.537 -0.900 3.699 9.586   
-6.338 31.428 11 AA_DC11DG12:DC13DG14_BB A 11 ? B 14 ? A 12 ? B 13 ? 
1 C DC 1  1_555 D DG 12 1_555 C DG 2  1_555 D DC 11 1_555 -0.092 1.376  3.417 3.998  4.009   34.153 1.653  0.813  3.518 6.768   
-6.750 34.606 12 CC_DC25DG26:DC47DG48_DD C 25 ? D 48 ? C 26 ? D 47 ? 
1 C DG 2  1_555 D DC 11 1_555 C DC 3  1_555 D DG 10 1_555 1.039  0.357  2.971 3.485  4.346   39.809 0.061  -1.145 3.068 6.345   
-5.087 40.182 13 CC_DG26DC27:DG46DC47_DD C 26 ? D 47 ? C 27 ? D 46 ? 
1 C DC 3  1_555 D DG 10 1_555 C DG 4  1_555 D DC 9  1_555 -0.804 0.486  3.574 -1.914 0.804   28.785 0.778  1.144  3.630 1.614   
3.843  28.858 14 CC_DC27DG28:DC45DG46_DD C 27 ? D 46 ? C 28 ? D 45 ? 
1 C DG 4  1_555 D DC 9  1_555 C DA 5  1_555 D DT 8  1_555 0.763  -0.155 3.085 -5.903 -2.925  44.010 0.046  -1.515 2.968 -3.878  
7.824  44.476 15 CC_DG28DA29:DT44DC45_DD C 28 ? D 45 ? C 29 ? D 44 ? 
1 C DA 5  1_555 D DT 8  1_555 C DA 6  1_555 D DT 7  1_555 -0.545 -0.706 3.635 5.681  1.294   35.859 -1.332 1.745  3.485 2.085   
-9.153 36.314 16 CC_DA29DA30:DT43DT44_DD C 29 ? D 44 ? C 30 ? D 43 ? 
1 C DA 6  1_555 D DT 7  1_555 C DA 7  1_555 D DT 6  1_555 0.851  -0.194 3.190 1.567  -5.400  36.458 0.413  -1.137 3.217 -8.569  
-2.487 36.875 17 CC_DA30DA31:DT42DT43_DD C 30 ? D 43 ? C 31 ? D 42 ? 
1 C DA 7  1_555 D DT 6  1_555 C DA 8  1_555 D DT 5  1_555 -0.464 -0.168 3.426 4.039  2.003   37.439 -0.530 1.261  3.346 3.107   
-6.265 37.700 18 CC_DA31DA32:DT41DT42_DD C 31 ? D 42 ? C 32 ? D 41 ? 
1 C DA 8  1_555 D DT 5  1_555 C DA 9  1_555 D DT 4  1_555 0.461  -0.180 3.379 0.411  2.750   32.014 -0.834 -0.758 3.357 4.974   
-0.743 32.131 19 CC_DA32DA33:DT40DT41_DD C 32 ? D 41 ? C 33 ? D 40 ? 
1 C DA 9  1_555 D DT 4  1_555 C DA 10 1_555 D DT 3  1_555 0.323  0.326  3.101 -5.748 3.555   34.071 0.031  -1.374 3.025 5.993   
9.691  34.715 20 CC_DA33DA34:DT39DT40_DD C 33 ? D 40 ? C 34 ? D 39 ? 
1 C DA 10 1_555 D DT 3  1_555 C DC 11 1_555 D DG 2  1_555 0.148  -0.323 3.313 1.075  2.079   36.393 -0.807 -0.085 3.293 3.325   
-1.718 36.466 21 CC_DA34DC35:DG38DT39_DD C 34 ? D 39 ? C 35 ? D 38 ? 
1 C DC 11 1_555 D DG 2  1_555 C DG 12 1_555 D DC 1  1_555 0.963  -0.542 2.997 4.215  3.212   30.117 -1.620 -1.051 3.028 6.123   
-8.033 30.569 22 CC_DC35DG36:DC37DG38_DD C 35 ? D 38 ? C 36 ? D 37 ? 
1 E DC 1  1_555 F DG 12 1_555 E DG 2  1_555 F DC 11 1_555 -0.350 1.490  3.534 6.620  1.243   38.670 2.059  1.374  3.474 1.859   
-9.905 39.231 23 EE_DC49DG50:DC71DG72_FF E 49 ? F 72 ? E 50 ? F 71 ? 
1 E DG 2  1_555 F DC 11 1_555 E DC 3  1_555 F DG 10 1_555 1.005  1.389  2.892 -0.006 -12.785 36.383 3.404  -1.525 2.293 -19.742 
0.009  38.492 24 EE_DG50DC51:DG70DC71_FF E 50 ? F 71 ? E 51 ? F 70 ? 
1 E DC 3  1_555 F DG 10 1_555 E DG 4  1_555 F DC 9  1_555 0.213  0.739  3.098 3.020  15.316  30.756 -1.157 0.115  3.116 26.819  
-5.289 34.405 25 EE_DC51DG52:DC69DG70_FF E 51 ? F 70 ? E 52 ? F 69 ? 
1 E DG 4  1_555 F DC 9  1_555 E DA 5  1_555 F DT 8  1_555 -0.158 0.084  3.326 -3.530 -3.605  37.434 0.603  -0.219 3.304 -5.586  
5.469  37.760 26 EE_DG52DA53:DT68DC69_FF E 52 ? F 69 ? E 53 ? F 68 ? 
1 E DA 5  1_555 F DT 8  1_555 E DA 6  1_555 F DT 7  1_555 -0.047 -0.468 3.425 -0.750 -5.773  35.115 0.124  -0.039 3.456 -9.488  
1.233  35.579 27 EE_DA53DA54:DT67DT68_FF E 53 ? F 68 ? E 54 ? F 67 ? 
1 E DA 6  1_555 F DT 7  1_555 E DA 7  1_555 F DT 6  1_555 0.095  -0.529 3.364 2.347  -2.083  39.120 -0.531 0.148  3.387 -3.105  
-3.499 39.240 28 EE_DA54DA55:DT66DT67_FF E 54 ? F 67 ? E 55 ? F 66 ? 
1 E DA 7  1_555 F DT 6  1_555 E DA 8  1_555 F DT 5  1_555 0.209  -0.640 3.165 -0.279 0.066   36.782 -1.023 -0.368 3.162 0.105   
0.442  36.783 29 EE_DA55DA56:DT65DT66_FF E 55 ? F 66 ? E 56 ? F 65 ? 
1 E DA 8  1_555 F DT 5  1_555 E DA 9  1_555 F DT 4  1_555 0.327  -0.869 3.410 3.490  -2.356  36.632 -1.037 -0.019 3.473 -3.733  
-5.530 36.865 30 EE_DA56DA57:DT64DT65_FF E 56 ? F 65 ? E 57 ? F 64 ? 
1 E DA 9  1_555 F DT 4  1_555 E DA 10 1_555 F DT 3  1_555 0.090  0.153  3.092 -2.146 2.114   32.425 -0.076 -0.515 3.084 3.775   
3.832  32.561 31 EE_DA57DA58:DT63DT64_FF E 57 ? F 64 ? E 58 ? F 63 ? 
1 E DA 10 1_555 F DT 3  1_555 E DC 11 1_555 F DG 2  1_555 -0.400 -0.199 3.069 -0.762 7.494   34.827 -1.343 0.551  2.972 12.342  
1.255  35.608 32 EE_DA58DC59:DG62DT63_FF E 58 ? F 63 ? E 59 ? F 62 ? 
1 E DC 11 1_555 F DG 2  1_555 E DG 12 1_555 F DC 1  1_555 0.974  -0.675 3.608 -1.036 -5.199  28.549 -0.068 -2.198 3.634 -10.429 
2.078  29.027 33 EE_DC59DG60:DC61DG62_FF E 59 ? F 62 ? E 60 ? F 61 ? 
# 
_atom_sites.entry_id                    1D89 
_atom_sites.fract_transf_matrix[1][1]   0.01168107 
_atom_sites.fract_transf_matrix[1][2]   0.01575521 
_atom_sites.fract_transf_matrix[1][3]   0.01067706 
_atom_sites.fract_transf_matrix[2][1]   0.01281673 
_atom_sites.fract_transf_matrix[2][2]   -0.00749522 
_atom_sites.fract_transf_matrix[2][3]   -0.00296188 
_atom_sites.fract_transf_matrix[3][1]   0.00229967 
_atom_sites.fract_transf_matrix[3][2]   0.01181774 
_atom_sites.fract_transf_matrix[3][3]   -0.01995434 
_atom_sites.fract_transf_vector[1]      0.331689 
_atom_sites.fract_transf_vector[2]      0.781454 
_atom_sites.fract_transf_vector[3]      0.011857 
# 
loop_
_atom_type.symbol 
C 
N 
O 
P 
# 
loop_
_atom_site.group_PDB 
_atom_site.id 
_atom_site.type_symbol 
_atom_site.label_atom_id 
_atom_site.label_alt_id 
_atom_site.label_comp_id 
_atom_site.label_asym_id 
_atom_site.label_entity_id 
_atom_site.label_seq_id 
_atom_site.pdbx_PDB_ins_code 
_atom_site.Cartn_x 
_atom_site.Cartn_y 
_atom_site.Cartn_z 
_atom_site.occupancy 
_atom_site.B_iso_or_equiv 
_atom_site.pdbx_formal_charge 
_atom_site.auth_seq_id 
_atom_site.auth_comp_id 
_atom_site.auth_asym_id 
_atom_site.auth_atom_id 
_atom_site.pdbx_PDB_model_num 
ATOM   1    O "O5'" . DC  A 1 1  ? -8.816  8.931   12.397  1.18 34.97  ? 1   DC  A "O5'" 1 
ATOM   2    C "C5'" . DC  A 1 1  ? -9.762  9.113   13.472  1.18 34.97  ? 1   DC  A "C5'" 1 
ATOM   3    C "C4'" . DC  A 1 1  ? -11.218 9.262   13.013  1.18 34.97  ? 1   DC  A "C4'" 1 
ATOM   4    O "O4'" . DC  A 1 1  ? -11.234 10.355  12.114  1.18 34.97  ? 1   DC  A "O4'" 1 
ATOM   5    C "C3'" . DC  A 1 1  ? -11.782 8.082   12.264  1.18 34.97  ? 1   DC  A "C3'" 1 
ATOM   6    O "O3'" . DC  A 1 1  ? -12.911 7.552   12.947  1.18 34.97  ? 1   DC  A "O3'" 1 
ATOM   7    C "C2'" . DC  A 1 1  ? -12.230 8.661   10.955  1.18 34.97  ? 1   DC  A "C2'" 1 
ATOM   8    C "C1'" . DC  A 1 1  ? -12.222 10.140  11.123  1.18 34.97  ? 1   DC  A "C1'" 1 
ATOM   9    N N1    . DC  A 1 1  ? -11.789 10.881  9.924   1.18 34.97  ? 1   DC  A N1    1 
ATOM   10   C C2    . DC  A 1 1  ? -12.575 10.849  8.795   1.18 34.97  ? 1   DC  A C2    1 
ATOM   11   O O2    . DC  A 1 1  ? -13.570 10.141  8.697   1.18 34.97  ? 1   DC  A O2    1 
ATOM   12   N N3    . DC  A 1 1  ? -12.198 11.606  7.731   1.18 34.97  ? 1   DC  A N3    1 
ATOM   13   C C4    . DC  A 1 1  ? -11.103 12.353  7.751   1.18 34.97  ? 1   DC  A C4    1 
ATOM   14   N N4    . DC  A 1 1  ? -10.834 13.110  6.689   1.18 34.97  ? 1   DC  A N4    1 
ATOM   15   C C5    . DC  A 1 1  ? -10.267 12.387  8.896   1.18 34.97  ? 1   DC  A C5    1 
ATOM   16   C C6    . DC  A 1 1  ? -10.652 11.639  9.947   1.18 34.97  ? 1   DC  A C6    1 
ATOM   17   P P     . DG  A 1 2  ? -12.704 6.134   13.702  1.18 32.21  ? 2   DG  A P     1 
ATOM   18   O OP1   . DG  A 1 2  ? -13.875 5.821   14.567  1.18 32.21  ? 2   DG  A OP1   1 
ATOM   19   O OP2   . DG  A 1 2  ? -11.382 6.187   14.365  1.18 32.21  ? 2   DG  A OP2   1 
ATOM   20   O "O5'" . DG  A 1 2  ? -12.604 5.076   12.529  1.18 32.21  ? 2   DG  A "O5'" 1 
ATOM   21   C "C5'" . DG  A 1 2  ? -13.825 4.583   11.992  1.18 32.21  ? 2   DG  A "C5'" 1 
ATOM   22   C "C4'" . DG  A 1 2  ? -13.685 3.880   10.647  1.18 32.21  ? 2   DG  A "C4'" 1 
ATOM   23   O "O4'" . DG  A 1 2  ? -13.250 4.837   9.652   1.18 32.21  ? 2   DG  A "O4'" 1 
ATOM   24   C "C3'" . DG  A 1 2  ? -12.624 2.786   10.684  1.18 32.21  ? 2   DG  A "C3'" 1 
ATOM   25   O "O3'" . DG  A 1 2  ? -12.933 1.894   9.639   1.18 32.21  ? 2   DG  A "O3'" 1 
ATOM   26   C "C2'" . DG  A 1 2  ? -11.377 3.573   10.321  1.18 32.21  ? 2   DG  A "C2'" 1 
ATOM   27   C "C1'" . DG  A 1 2  ? -11.944 4.446   9.204   1.18 32.21  ? 2   DG  A "C1'" 1 
ATOM   28   N N9    . DG  A 1 2  ? -11.100 5.636   8.911   1.18 32.21  ? 2   DG  A N9    1 
ATOM   29   C C8    . DG  A 1 2  ? -10.037 6.167   9.594   1.18 32.21  ? 2   DG  A C8    1 
ATOM   30   N N7    . DG  A 1 2  ? -9.473  7.175   8.986   1.18 32.21  ? 2   DG  A N7    1 
ATOM   31   C C5    . DG  A 1 2  ? -10.221 7.313   7.830   1.18 32.21  ? 2   DG  A C5    1 
ATOM   32   C C6    . DG  A 1 2  ? -10.073 8.223   6.771   1.18 32.21  ? 2   DG  A C6    1 
ATOM   33   O O6    . DG  A 1 2  ? -9.249  9.122   6.673   1.18 32.21  ? 2   DG  A O6    1 
ATOM   34   N N1    . DG  A 1 2  ? -11.013 8.021   5.766   1.18 32.21  ? 2   DG  A N1    1 
ATOM   35   C C2    . DG  A 1 2  ? -11.994 7.054   5.786   1.18 32.21  ? 2   DG  A C2    1 
ATOM   36   N N2    . DG  A 1 2  ? -12.807 6.967   4.734   1.18 32.21  ? 2   DG  A N2    1 
ATOM   37   N N3    . DG  A 1 2  ? -12.139 6.200   6.796   1.18 32.21  ? 2   DG  A N3    1 
ATOM   38   C C4    . DG  A 1 2  ? -11.217 6.387   7.773   1.18 32.21  ? 2   DG  A C4    1 
ATOM   39   P P     . DC  A 1 3  ? -13.010 0.289   9.755   1.18 32.00  ? 3   DC  A P     1 
ATOM   40   O OP1   . DC  A 1 3  ? -14.375 -0.139  10.167  1.18 32.00  ? 3   DC  A OP1   1 
ATOM   41   O OP2   . DC  A 1 3  ? -11.817 -0.132  10.534  1.18 32.00  ? 3   DC  A OP2   1 
ATOM   42   O "O5'" . DC  A 1 3  ? -12.779 -0.158  8.222   1.18 32.00  ? 3   DC  A "O5'" 1 
ATOM   43   C "C5'" . DC  A 1 3  ? -13.647 0.427   7.264   1.18 32.00  ? 3   DC  A "C5'" 1 
ATOM   44   C "C4'" . DC  A 1 3  ? -12.893 1.311   6.298   1.18 32.00  ? 3   DC  A "C4'" 1 
ATOM   45   O "O4'" . DC  A 1 3  ? -12.020 2.222   6.955   1.18 32.00  ? 3   DC  A "O4'" 1 
ATOM   46   C "C3'" . DC  A 1 3  ? -11.967 0.523   5.471   1.18 32.00  ? 3   DC  A "C3'" 1 
ATOM   47   O "O3'" . DC  A 1 3  ? -12.762 -0.228  4.553   1.18 32.00  ? 3   DC  A "O3'" 1 
ATOM   48   C "C2'" . DC  A 1 3  ? -11.305 1.733   4.854   1.18 32.00  ? 3   DC  A "C2'" 1 
ATOM   49   C "C1'" . DC  A 1 3  ? -11.320 2.829   5.879   1.18 32.00  ? 3   DC  A "C1'" 1 
ATOM   50   N N1    . DC  A 1 3  ? -9.945  3.264   6.284   1.18 32.00  ? 3   DC  A N1    1 
ATOM   51   C C2    . DC  A 1 3  ? -9.406  4.374   5.644   1.18 32.00  ? 3   DC  A C2    1 
ATOM   52   O O2    . DC  A 1 3  ? -9.961  4.905   4.686   1.18 32.00  ? 3   DC  A O2    1 
ATOM   53   N N3    . DC  A 1 3  ? -8.222  4.888   6.044   1.18 32.00  ? 3   DC  A N3    1 
ATOM   54   C C4    . DC  A 1 3  ? -7.561  4.328   7.045   1.18 32.00  ? 3   DC  A C4    1 
ATOM   55   N N4    . DC  A 1 3  ? -6.379  4.833   7.366   1.18 32.00  ? 3   DC  A N4    1 
ATOM   56   C C5    . DC  A 1 3  ? -8.086  3.170   7.723   1.18 32.00  ? 3   DC  A C5    1 
ATOM   57   C C6    . DC  A 1 3  ? -9.271  2.675   7.309   1.18 32.00  ? 3   DC  A C6    1 
ATOM   58   P P     . DG  A 1 4  ? -12.197 -1.438  3.667   1.18 25.82  ? 4   DG  A P     1 
ATOM   59   O OP1   . DG  A 1 4  ? -13.289 -2.404  3.424   1.18 25.82  ? 4   DG  A OP1   1 
ATOM   60   O OP2   . DG  A 1 4  ? -10.915 -1.934  4.245   1.18 25.82  ? 4   DG  A OP2   1 
ATOM   61   O "O5'" . DG  A 1 4  ? -11.783 -0.809  2.283   1.18 25.82  ? 4   DG  A "O5'" 1 
ATOM   62   C "C5'" . DG  A 1 4  ? -12.809 -0.350  1.436   1.18 25.82  ? 4   DG  A "C5'" 1 
ATOM   63   C "C4'" . DG  A 1 4  ? -12.163 0.538   0.389   1.18 25.82  ? 4   DG  A "C4'" 1 
ATOM   64   O "O4'" . DG  A 1 4  ? -11.371 1.520   1.108   1.18 25.82  ? 4   DG  A "O4'" 1 
ATOM   65   C "C3'" . DG  A 1 4  ? -11.231 -0.225  -0.560  1.18 25.82  ? 4   DG  A "C3'" 1 
ATOM   66   O "O3'" . DG  A 1 4  ? -11.444 0.380   -1.835  1.18 25.82  ? 4   DG  A "O3'" 1 
ATOM   67   C "C2'" . DG  A 1 4  ? -9.892  0.081   0.071   1.18 25.82  ? 4   DG  A "C2'" 1 
ATOM   68   C "C1'" . DG  A 1 4  ? -10.040 1.470   0.655   1.18 25.82  ? 4   DG  A "C1'" 1 
ATOM   69   N N9    . DG  A 1 4  ? -9.136  1.660   1.785   1.18 25.82  ? 4   DG  A N9    1 
ATOM   70   C C8    . DG  A 1 4  ? -8.875  0.846   2.855   1.18 25.82  ? 4   DG  A C8    1 
ATOM   71   N N7    . DG  A 1 4  ? -7.962  1.307   3.660   1.18 25.82  ? 4   DG  A N7    1 
ATOM   72   C C5    . DG  A 1 4  ? -7.597  2.516   3.069   1.18 25.82  ? 4   DG  A C5    1 
ATOM   73   C C6    . DG  A 1 4  ? -6.638  3.473   3.457   1.18 25.82  ? 4   DG  A C6    1 
ATOM   74   O O6    . DG  A 1 4  ? -5.863  3.444   4.405   1.18 25.82  ? 4   DG  A O6    1 
ATOM   75   N N1    . DG  A 1 4  ? -6.571  4.529   2.594   1.18 25.82  ? 4   DG  A N1    1 
ATOM   76   C C2    . DG  A 1 4  ? -7.327  4.673   1.469   1.18 25.82  ? 4   DG  A C2    1 
ATOM   77   N N2    . DG  A 1 4  ? -7.118  5.771   0.747   1.18 25.82  ? 4   DG  A N2    1 
ATOM   78   N N3    . DG  A 1 4  ? -8.232  3.773   1.090   1.18 25.82  ? 4   DG  A N3    1 
ATOM   79   C C4    . DG  A 1 4  ? -8.313  2.730   1.930   1.18 25.82  ? 4   DG  A C4    1 
ATOM   80   P P     . DA  A 1 5  ? -10.533 0.188   -3.147  1.18 31.14  ? 5   DA  A P     1 
ATOM   81   O OP1   . DA  A 1 5  ? -11.357 -0.395  -4.227  1.18 31.14  ? 5   DA  A OP1   1 
ATOM   82   O OP2   . DA  A 1 5  ? -9.247  -0.435  -2.780  1.18 31.14  ? 5   DA  A OP2   1 
ATOM   83   O "O5'" . DA  A 1 5  ? -10.266 1.663   -3.616  1.18 31.14  ? 5   DA  A "O5'" 1 
ATOM   84   C "C5'" . DA  A 1 5  ? -9.528  2.475   -2.697  1.18 31.14  ? 5   DA  A "C5'" 1 
ATOM   85   C "C4'" . DA  A 1 5  ? -8.572  3.393   -3.420  1.18 31.14  ? 5   DA  A "C4'" 1 
ATOM   86   O "O4'" . DA  A 1 5  ? -7.545  3.794   -2.508  1.18 31.14  ? 5   DA  A "O4'" 1 
ATOM   87   C "C3'" . DA  A 1 5  ? -7.867  2.695   -4.554  1.18 31.14  ? 5   DA  A "C3'" 1 
ATOM   88   O "O3'" . DA  A 1 5  ? -7.451  3.817   -5.304  1.18 31.14  ? 5   DA  A "O3'" 1 
ATOM   89   C "C2'" . DA  A 1 5  ? -6.810  1.949   -3.782  1.18 31.14  ? 5   DA  A "C2'" 1 
ATOM   90   C "C1'" . DA  A 1 5  ? -6.402  2.925   -2.681  1.18 31.14  ? 5   DA  A "C1'" 1 
ATOM   91   N N9    . DA  A 1 5  ? -6.093  2.216   -1.411  1.18 31.14  ? 5   DA  A N9    1 
ATOM   92   C C8    . DA  A 1 5  ? -6.561  1.012   -0.952  1.18 31.14  ? 5   DA  A C8    1 
ATOM   93   N N7    . DA  A 1 5  ? -6.049  0.639   0.178   1.18 31.14  ? 5   DA  A N7    1 
ATOM   94   C C5    . DA  A 1 5  ? -5.186  1.663   0.496   1.18 31.14  ? 5   DA  A C5    1 
ATOM   95   C C6    . DA  A 1 5  ? -4.332  1.854   1.581   1.18 31.14  ? 5   DA  A C6    1 
ATOM   96   N N6    . DA  A 1 5  ? -4.192  0.945   2.555   1.18 31.14  ? 5   DA  A N6    1 
ATOM   97   N N1    . DA  A 1 5  ? -3.617  2.995   1.576   1.18 31.14  ? 5   DA  A N1    1 
ATOM   98   C C2    . DA  A 1 5  ? -3.738  3.864   0.577   1.18 31.14  ? 5   DA  A C2    1 
ATOM   99   N N3    . DA  A 1 5  ? -4.497  3.784   -0.485  1.18 31.14  ? 5   DA  A N3    1 
ATOM   100  C C4    . DA  A 1 5  ? -5.206  2.639   -0.464  1.18 31.14  ? 5   DA  A C4    1 
ATOM   101  P P     . DA  A 1 6  ? -6.545  3.750   -6.599  1.18 34.15  ? 6   DA  A P     1 
ATOM   102  O OP1   . DA  A 1 6  ? -6.948  4.922   -7.415  1.18 34.15  ? 6   DA  A OP1   1 
ATOM   103  O OP2   . DA  A 1 6  ? -6.589  2.398   -7.169  1.18 34.15  ? 6   DA  A OP2   1 
ATOM   104  O "O5'" . DA  A 1 6  ? -5.122  3.958   -5.965  1.18 34.15  ? 6   DA  A "O5'" 1 
ATOM   105  C "C5'" . DA  A 1 6  ? -4.857  5.292   -5.559  1.18 34.15  ? 6   DA  A "C5'" 1 
ATOM   106  C "C4'" . DA  A 1 6  ? -3.478  5.454   -5.049  1.18 34.15  ? 6   DA  A "C4'" 1 
ATOM   107  O "O4'" . DA  A 1 6  ? -3.267  4.720   -3.852  1.18 34.15  ? 6   DA  A "O4'" 1 
ATOM   108  C "C3'" . DA  A 1 6  ? -2.562  4.942   -6.103  1.18 34.15  ? 6   DA  A "C3'" 1 
ATOM   109  O "O3'" . DA  A 1 6  ? -1.631  6.016   -6.195  1.18 34.15  ? 6   DA  A "O3'" 1 
ATOM   110  C "C2'" . DA  A 1 6  ? -2.096  3.627   -5.495  1.18 34.15  ? 6   DA  A "C2'" 1 
ATOM   111  C "C1'" . DA  A 1 6  ? -2.119  3.895   -4.011  1.18 34.15  ? 6   DA  A "C1'" 1 
ATOM   112  N N9    . DA  A 1 6  ? -2.278  2.667   -3.183  1.18 34.15  ? 6   DA  A N9    1 
ATOM   113  C C8    . DA  A 1 6  ? -3.029  1.536   -3.401  1.18 34.15  ? 6   DA  A C8    1 
ATOM   114  N N7    . DA  A 1 6  ? -2.974  0.660   -2.438  1.18 34.15  ? 6   DA  A N7    1 
ATOM   115  C C5    . DA  A 1 6  ? -2.120  1.247   -1.506  1.18 34.15  ? 6   DA  A C5    1 
ATOM   116  C C6    . DA  A 1 6  ? -1.665  0.819   -0.249  1.18 34.15  ? 6   DA  A C6    1 
ATOM   117  N N6    . DA  A 1 6  ? -2.015  -0.342  0.284   1.18 34.15  ? 6   DA  A N6    1 
ATOM   118  N N1    . DA  A 1 6  ? -0.841  1.642   0.414   1.18 34.15  ? 6   DA  A N1    1 
ATOM   119  C C2    . DA  A 1 6  ? -0.497  2.803   -0.135  1.18 34.15  ? 6   DA  A C2    1 
ATOM   120  N N3    . DA  A 1 6  ? -0.843  3.326   -1.293  1.18 34.15  ? 6   DA  A N3    1 
ATOM   121  C C4    . DA  A 1 6  ? -1.683  2.470   -1.946  1.18 34.15  ? 6   DA  A C4    1 
ATOM   122  P P     . DA  A 1 7  ? -0.187  5.931   -6.857  1.18 32.92  ? 7   DA  A P     1 
ATOM   123  O OP1   . DA  A 1 7  ? 0.172   7.302   -7.291  1.18 32.92  ? 7   DA  A OP1   1 
ATOM   124  O OP2   . DA  A 1 7  ? -0.179  4.791   -7.818  1.18 32.92  ? 7   DA  A OP2   1 
ATOM   125  O "O5'" . DA  A 1 7  ? 0.761   5.515   -5.653  1.18 32.92  ? 7   DA  A "O5'" 1 
ATOM   126  C "C5'" . DA  A 1 7  ? 0.918   6.476   -4.617  1.18 32.92  ? 7   DA  A "C5'" 1 
ATOM   127  C "C4'" . DA  A 1 7  ? 1.893   5.987   -3.606  1.18 32.92  ? 7   DA  A "C4'" 1 
ATOM   128  O "O4'" . DA  A 1 7  ? 1.440   4.777   -2.986  1.18 32.92  ? 7   DA  A "O4'" 1 
ATOM   129  C "C3'" . DA  A 1 7  ? 3.191   5.701   -4.329  1.18 32.92  ? 7   DA  A "C3'" 1 
ATOM   130  O "O3'" . DA  A 1 7  ? 4.159   6.387   -3.533  1.18 32.92  ? 7   DA  A "O3'" 1 
ATOM   131  C "C2'" . DA  A 1 7  ? 3.233   4.181   -4.294  1.18 32.92  ? 7   DA  A "C2'" 1 
ATOM   132  C "C1'" . DA  A 1 7  ? 2.526   3.833   -3.015  1.18 32.92  ? 7   DA  A "C1'" 1 
ATOM   133  N N9    . DA  A 1 7  ? 1.971   2.463   -2.994  1.18 32.92  ? 7   DA  A N9    1 
ATOM   134  C C8    . DA  A 1 7  ? 1.235   1.817   -3.950  1.18 32.92  ? 7   DA  A C8    1 
ATOM   135  N N7    . DA  A 1 7  ? 0.792   0.652   -3.598  1.18 32.92  ? 7   DA  A N7    1 
ATOM   136  C C5    . DA  A 1 7  ? 1.272   0.512   -2.317  1.18 32.92  ? 7   DA  A C5    1 
ATOM   137  C C6    . DA  A 1 7  ? 1.141   -0.523  -1.391  1.18 32.92  ? 7   DA  A C6    1 
ATOM   138  N N6    . DA  A 1 7  ? 0.406   -1.594  -1.656  1.18 32.92  ? 7   DA  A N6    1 
ATOM   139  N N1    . DA  A 1 7  ? 1.758   -0.371  -0.197  1.18 32.92  ? 7   DA  A N1    1 
ATOM   140  C C2    . DA  A 1 7  ? 2.441   0.752   0.032   1.18 32.92  ? 7   DA  A C2    1 
ATOM   141  N N3    . DA  A 1 7  ? 2.620   1.794   -0.765  1.18 32.92  ? 7   DA  A N3    1 
ATOM   142  C C4    . DA  A 1 7  ? 1.996   1.602   -1.943  1.18 32.92  ? 7   DA  A C4    1 
ATOM   143  P P     . DA  A 1 8  ? 5.731   6.316   -3.804  1.18 32.94  ? 8   DA  A P     1 
ATOM   144  O OP1   . DA  A 1 8  ? 6.218   7.697   -3.903  1.18 32.94  ? 8   DA  A OP1   1 
ATOM   145  O OP2   . DA  A 1 8  ? 5.981   5.404   -4.943  1.18 32.94  ? 8   DA  A OP2   1 
ATOM   146  O "O5'" . DA  A 1 8  ? 6.323   5.723   -2.450  1.18 32.94  ? 8   DA  A "O5'" 1 
ATOM   147  C "C5'" . DA  A 1 8  ? 5.747   4.566   -1.924  1.18 32.94  ? 8   DA  A "C5'" 1 
ATOM   148  C "C4'" . DA  A 1 8  ? 6.609   3.970   -0.871  1.18 32.94  ? 8   DA  A "C4'" 1 
ATOM   149  O "O4'" . DA  A 1 8  ? 6.085   2.665   -0.506  1.18 32.94  ? 8   DA  A "O4'" 1 
ATOM   150  C "C3'" . DA  A 1 8  ? 8.002   3.707   -1.400  1.18 32.94  ? 8   DA  A "C3'" 1 
ATOM   151  O "O3'" . DA  A 1 8  ? 8.818   3.680   -0.228  1.18 32.94  ? 8   DA  A "O3'" 1 
ATOM   152  C "C2'" . DA  A 1 8  ? 7.807   2.349   -2.068  1.18 32.94  ? 8   DA  A "C2'" 1 
ATOM   153  C "C1'" . DA  A 1 8  ? 6.811   1.616   -1.172  1.18 32.94  ? 8   DA  A "C1'" 1 
ATOM   154  N N9    . DA  A 1 8  ? 5.886   0.807   -1.980  1.18 32.94  ? 8   DA  A N9    1 
ATOM   155  C C8    . DA  A 1 8  ? 5.454   0.973   -3.277  1.18 32.94  ? 8   DA  A C8    1 
ATOM   156  N N7    . DA  A 1 8  ? 4.649   0.040   -3.698  1.18 32.94  ? 8   DA  A N7    1 
ATOM   157  C C5    . DA  A 1 8  ? 4.539   -0.803  -2.608  1.18 32.94  ? 8   DA  A C5    1 
ATOM   158  C C6    . DA  A 1 8  ? 3.824   -1.994  -2.404  1.18 32.94  ? 8   DA  A C6    1 
ATOM   159  N N6    . DA  A 1 8  ? 3.041   -2.560  -3.313  1.18 32.94  ? 8   DA  A N6    1 
ATOM   160  N N1    . DA  A 1 8  ? 3.938   -2.566  -1.198  1.18 32.94  ? 8   DA  A N1    1 
ATOM   161  C C2    . DA  A 1 8  ? 4.705   -1.988  -0.270  1.18 32.94  ? 8   DA  A C2    1 
ATOM   162  N N3    . DA  A 1 8  ? 5.420   -0.883  -0.338  1.18 32.94  ? 8   DA  A N3    1 
ATOM   163  C C4    . DA  A 1 8  ? 5.288   -0.335  -1.558  1.18 32.94  ? 8   DA  A C4    1 
ATOM   164  P P     . DA  A 1 9  ? 10.371  3.295   -0.202  1.18 30.03  ? 9   DA  A P     1 
ATOM   165  O OP1   . DA  A 1 9  ? 11.011  4.161   0.831   1.18 30.03  ? 9   DA  A OP1   1 
ATOM   166  O OP2   . DA  A 1 9  ? 10.892  3.280   -1.602  1.18 30.03  ? 9   DA  A OP2   1 
ATOM   167  O "O5'" . DA  A 1 9  ? 10.394  1.813   0.335   1.18 30.03  ? 9   DA  A "O5'" 1 
ATOM   168  C "C5'" . DA  A 1 9  ? 9.893   1.593   1.627   1.18 30.03  ? 9   DA  A "C5'" 1 
ATOM   169  C "C4'" . DA  A 1 9  ? 9.698   0.118   1.792   1.18 30.03  ? 9   DA  A "C4'" 1 
ATOM   170  O "O4'" . DA  A 1 9  ? 8.871   -0.365  0.740   1.18 30.03  ? 9   DA  A "O4'" 1 
ATOM   171  C "C3'" . DA  A 1 9  ? 11.010  -0.618  1.623   1.18 30.03  ? 9   DA  A "C3'" 1 
ATOM   172  O "O3'" . DA  A 1 9  ? 11.056  -1.552  2.667   1.18 30.03  ? 9   DA  A "O3'" 1 
ATOM   173  C "C2'" . DA  A 1 9  ? 10.816  -1.301  0.277   1.18 30.03  ? 9   DA  A "C2'" 1 
ATOM   174  C "C1'" . DA  A 1 9  ? 9.368   -1.637  0.317   1.18 30.03  ? 9   DA  A "C1'" 1 
ATOM   175  N N9    . DA  A 1 9  ? 8.737   -1.971  -0.985  1.18 30.03  ? 9   DA  A N9    1 
ATOM   176  C C8    . DA  A 1 9  ? 8.770   -1.298  -2.164  1.18 30.03  ? 9   DA  A C8    1 
ATOM   177  N N7    . DA  A 1 9  ? 8.019   -1.805  -3.082  1.18 30.03  ? 9   DA  A N7    1 
ATOM   178  C C5    . DA  A 1 9  ? 7.449   -2.895  -2.462  1.18 30.03  ? 9   DA  A C5    1 
ATOM   179  C C6    . DA  A 1 9  ? 6.532   -3.836  -2.914  1.18 30.03  ? 9   DA  A C6    1 
ATOM   180  N N6    . DA  A 1 9  ? 6.019   -3.785  -4.138  1.18 30.03  ? 9   DA  A N6    1 
ATOM   181  N N1    . DA  A 1 9  ? 6.152   -4.794  -2.050  1.18 30.03  ? 9   DA  A N1    1 
ATOM   182  C C2    . DA  A 1 9  ? 6.656   -4.800  -0.813  1.18 30.03  ? 9   DA  A C2    1 
ATOM   183  N N3    . DA  A 1 9  ? 7.523   -3.956  -0.276  1.18 30.03  ? 9   DA  A N3    1 
ATOM   184  C C4    . DA  A 1 9  ? 7.880   -3.010  -1.183  1.18 30.03  ? 9   DA  A C4    1 
ATOM   185  P P     . DA  A 1 10 ? 12.439  -2.027  3.334   1.18 33.35  ? 10  DA  A P     1 
ATOM   186  O OP1   . DA  A 1 10 ? 12.323  -1.864  4.817   1.18 33.35  ? 10  DA  A OP1   1 
ATOM   187  O OP2   . DA  A 1 10 ? 13.581  -1.441  2.581   1.18 33.35  ? 10  DA  A OP2   1 
ATOM   188  O "O5'" . DA  A 1 10 ? 12.355  -3.587  3.039   1.18 33.35  ? 10  DA  A "O5'" 1 
ATOM   189  C "C5'" . DA  A 1 10 ? 11.379  -4.359  3.740   1.18 33.35  ? 10  DA  A "C5'" 1 
ATOM   190  C "C4'" . DA  A 1 10 ? 10.982  -5.523  2.905   1.18 33.35  ? 10  DA  A "C4'" 1 
ATOM   191  O "O4'" . DA  A 1 10 ? 10.389  -5.126  1.669   1.18 33.35  ? 10  DA  A "O4'" 1 
ATOM   192  C "C3'" . DA  A 1 10 ? 12.234  -6.262  2.557   1.18 33.35  ? 10  DA  A "C3'" 1 
ATOM   193  O "O3'" . DA  A 1 10 ? 11.998  -7.552  3.061   1.18 33.35  ? 10  DA  A "O3'" 1 
ATOM   194  C "C2'" . DA  A 1 10 ? 12.277  -6.176  1.054   1.18 33.35  ? 10  DA  A "C2'" 1 
ATOM   195  C "C1'" . DA  A 1 10 ? 10.820  -6.073  0.700   1.18 33.35  ? 10  DA  A "C1'" 1 
ATOM   196  N N9    . DA  A 1 10 ? 10.608  -5.571  -0.678  1.18 33.35  ? 10  DA  A N9    1 
ATOM   197  C C8    . DA  A 1 10 ? 11.182  -4.504  -1.322  1.18 33.35  ? 10  DA  A C8    1 
ATOM   198  N N7    . DA  A 1 10 ? 10.786  -4.348  -2.553  1.18 33.35  ? 10  DA  A N7    1 
ATOM   199  C C5    . DA  A 1 10 ? 9.877   -5.391  -2.751  1.18 33.35  ? 10  DA  A C5    1 
ATOM   200  C C6    . DA  A 1 10 ? 9.096   -5.794  -3.868  1.18 33.35  ? 10  DA  A C6    1 
ATOM   201  N N6    . DA  A 1 10 ? 9.127   -5.176  -5.050  1.18 33.35  ? 10  DA  A N6    1 
ATOM   202  N N1    . DA  A 1 10 ? 8.307   -6.865  -3.712  1.18 33.35  ? 10  DA  A N1    1 
ATOM   203  C C2    . DA  A 1 10 ? 8.287   -7.500  -2.551  1.18 33.35  ? 10  DA  A C2    1 
ATOM   204  N N3    . DA  A 1 10 ? 8.953   -7.250  -1.442  1.18 33.35  ? 10  DA  A N3    1 
ATOM   205  C C4    . DA  A 1 10 ? 9.754   -6.150  -1.608  1.18 33.35  ? 10  DA  A C4    1 
ATOM   206  P P     . DC  A 1 11 ? 13.226  -8.485  3.497   1.18 33.64  ? 11  DC  A P     1 
ATOM   207  O OP1   . DC  A 1 11 ? 12.894  -9.166  4.783   1.18 33.64  ? 11  DC  A OP1   1 
ATOM   208  O OP2   . DC  A 1 11 ? 14.491  -7.699  3.313   1.18 33.64  ? 11  DC  A OP2   1 
ATOM   209  O "O5'" . DC  A 1 11 ? 13.157  -9.578  2.328   1.18 33.64  ? 11  DC  A "O5'" 1 
ATOM   210  C "C5'" . DC  A 1 11 ? 12.124  -10.551 2.204   1.18 33.64  ? 11  DC  A "C5'" 1 
ATOM   211  C "C4'" . DC  A 1 11 ? 12.049  -10.942 0.747   1.18 33.64  ? 11  DC  A "C4'" 1 
ATOM   212  O "O4'" . DC  A 1 11 ? 11.665  -9.855  -0.080  1.18 33.64  ? 11  DC  A "O4'" 1 
ATOM   213  C "C3'" . DC  A 1 11 ? 13.424  -11.298 0.262   1.18 33.64  ? 11  DC  A "C3'" 1 
ATOM   214  O "O3'" . DC  A 1 11 ? 13.543  -12.713 0.343   1.18 33.64  ? 11  DC  A "O3'" 1 
ATOM   215  C "C2'" . DC  A 1 11 ? 13.425  -10.799 -1.152  1.18 33.64  ? 11  DC  A "C2'" 1 
ATOM   216  C "C1'" . DC  A 1 11 ? 12.049  -10.243 -1.387  1.18 33.64  ? 11  DC  A "C1'" 1 
ATOM   217  N N1    . DC  A 1 11 ? 12.138  -9.116  -2.350  1.18 33.64  ? 11  DC  A N1    1 
ATOM   218  C C2    . DC  A 1 11 ? 11.280  -9.114  -3.431  1.18 33.64  ? 11  DC  A C2    1 
ATOM   219  O O2    . DC  A 1 11 ? 10.417  -9.957  -3.608  1.18 33.64  ? 11  DC  A O2    1 
ATOM   220  N N3    . DC  A 1 11 ? 11.362  -8.118  -4.344  1.18 33.64  ? 11  DC  A N3    1 
ATOM   221  C C4    . DC  A 1 11 ? 12.255  -7.139  -4.206  1.18 33.64  ? 11  DC  A C4    1 
ATOM   222  N N4    . DC  A 1 11 ? 12.263  -6.175  -5.116  1.18 33.64  ? 11  DC  A N4    1 
ATOM   223  C C5    . DC  A 1 11 ? 13.156  -7.114  -3.093  1.18 33.64  ? 11  DC  A C5    1 
ATOM   224  C C6    . DC  A 1 11 ? 13.057  -8.119  -2.194  1.18 33.64  ? 11  DC  A C6    1 
ATOM   225  P P     . DG  A 1 12 ? 14.867  -13.526 -0.118  1.18 45.51  ? 12  DG  A P     1 
ATOM   226  O OP1   . DG  A 1 12 ? 14.745  -14.836 0.568   1.18 45.51  ? 12  DG  A OP1   1 
ATOM   227  O OP2   . DG  A 1 12 ? 16.083  -12.687 0.072   1.18 45.51  ? 12  DG  A OP2   1 
ATOM   228  O "O5'" . DG  A 1 12 ? 14.687  -13.787 -1.708  1.18 45.51  ? 12  DG  A "O5'" 1 
ATOM   229  C "C5'" . DG  A 1 12 ? 13.709  -14.753 -2.125  1.18 45.51  ? 12  DG  A "C5'" 1 
ATOM   230  C "C4'" . DG  A 1 12 ? 13.297  -14.552 -3.559  1.18 45.51  ? 12  DG  A "C4'" 1 
ATOM   231  O "O4'" . DG  A 1 12 ? 13.021  -13.181 -3.735  1.18 45.51  ? 12  DG  A "O4'" 1 
ATOM   232  C "C3'" . DG  A 1 12 ? 14.396  -14.836 -4.545  1.18 45.51  ? 12  DG  A "C3'" 1 
ATOM   233  O "O3'" . DG  A 1 12 ? 14.306  -16.201 -4.896  1.18 45.51  ? 12  DG  A "O3'" 1 
ATOM   234  C "C2'" . DG  A 1 12 ? 14.021  -13.965 -5.711  1.18 45.51  ? 12  DG  A "C2'" 1 
ATOM   235  C "C1'" . DG  A 1 12 ? 13.041  -12.948 -5.144  1.18 45.51  ? 12  DG  A "C1'" 1 
ATOM   236  N N9    . DG  A 1 12 ? 13.492  -11.573 -5.424  1.18 45.51  ? 12  DG  A N9    1 
ATOM   237  C C8    . DG  A 1 12 ? 14.301  -10.758 -4.685  1.18 45.51  ? 12  DG  A C8    1 
ATOM   238  N N7    . DG  A 1 12 ? 14.546  -9.610  -5.236  1.18 45.51  ? 12  DG  A N7    1 
ATOM   239  C C5    . DG  A 1 12 ? 13.850  -9.678  -6.424  1.18 45.51  ? 12  DG  A C5    1 
ATOM   240  C C6    . DG  A 1 12 ? 13.761  -8.733  -7.438  1.18 45.51  ? 12  DG  A C6    1 
ATOM   241  O O6    . DG  A 1 12 ? 14.301  -7.639  -7.460  1.18 45.51  ? 12  DG  A O6    1 
ATOM   242  N N1    . DG  A 1 12 ? 12.972  -9.167  -8.488  1.18 45.51  ? 12  DG  A N1    1 
ATOM   243  C C2    . DG  A 1 12 ? 12.333  -10.389 -8.556  1.18 45.51  ? 12  DG  A C2    1 
ATOM   244  N N2    . DG  A 1 12 ? 11.604  -10.681 -9.647  1.18 45.51  ? 12  DG  A N2    1 
ATOM   245  N N3    . DG  A 1 12 ? 12.425  -11.294 -7.574  1.18 45.51  ? 12  DG  A N3    1 
ATOM   246  C C4    . DG  A 1 12 ? 13.201  -10.865 -6.549  1.18 45.51  ? 12  DG  A C4    1 
ATOM   247  O "O5'" . DC  B 2 1  ? 8.977   -5.336  -17.420 1.18 191.38 ? 13  DC  B "O5'" 1 
ATOM   248  C "C5'" . DC  B 2 1  ? 10.086  -5.292  -16.514 1.18 191.38 ? 13  DC  B "C5'" 1 
ATOM   249  C "C4'" . DC  B 2 1  ? 9.939   -6.222  -15.299 1.18 191.38 ? 13  DC  B "C4'" 1 
ATOM   250  O "O4'" . DC  B 2 1  ? 11.064  -6.089  -14.417 1.18 191.38 ? 13  DC  B "O4'" 1 
ATOM   251  C "C3'" . DC  B 2 1  ? 8.718   -5.858  -14.460 1.18 191.38 ? 13  DC  B "C3'" 1 
ATOM   252  O "O3'" . DC  B 2 1  ? 7.665   -6.775  -14.805 1.18 191.38 ? 13  DC  B "O3'" 1 
ATOM   253  C "C2'" . DC  B 2 1  ? 9.230   -6.052  -13.046 1.18 191.38 ? 13  DC  B "C2'" 1 
ATOM   254  C "C1'" . DC  B 2 1  ? 10.612  -6.674  -13.188 1.18 191.38 ? 13  DC  B "C1'" 1 
ATOM   255  N N1    . DC  B 2 1  ? 11.487  -6.307  -12.029 1.18 191.38 ? 13  DC  B N1    1 
ATOM   256  C C2    . DC  B 2 1  ? 11.880  -7.295  -11.129 1.18 191.38 ? 13  DC  B C2    1 
ATOM   257  O O2    . DC  B 2 1  ? 11.526  -8.466  -11.217 1.18 191.38 ? 13  DC  B O2    1 
ATOM   258  N N3    . DC  B 2 1  ? 12.675  -6.950  -10.086 1.18 191.38 ? 13  DC  B N3    1 
ATOM   259  C C4    . DC  B 2 1  ? 13.087  -5.689  -9.911  1.18 191.38 ? 13  DC  B C4    1 
ATOM   260  N N4    . DC  B 2 1  ? 13.858  -5.404  -8.865  1.18 191.38 ? 13  DC  B N4    1 
ATOM   261  C C5    . DC  B 2 1  ? 12.697  -4.657  -10.821 1.18 191.38 ? 13  DC  B C5    1 
ATOM   262  C C6    . DC  B 2 1  ? 11.907  -5.017  -11.853 1.18 191.38 ? 13  DC  B C6    1 
ATOM   263  P P     . DG  B 2 2  ? 6.163   -6.780  -14.200 1.18 36.73  ? 14  DG  B P     1 
ATOM   264  O OP1   . DG  B 2 2  ? 5.230   -7.023  -15.335 1.18 36.73  ? 14  DG  B OP1   1 
ATOM   265  O OP2   . DG  B 2 2  ? 5.989   -5.561  -13.362 1.18 36.73  ? 14  DG  B OP2   1 
ATOM   266  O "O5'" . DG  B 2 2  ? 6.172   -8.066  -13.264 1.18 36.73  ? 14  DG  B "O5'" 1 
ATOM   267  C "C5'" . DG  B 2 2  ? 6.206   -9.363  -13.851 1.18 36.73  ? 14  DG  B "C5'" 1 
ATOM   268  C "C4'" . DG  B 2 2  ? 6.518   -10.373 -12.782 1.18 36.73  ? 14  DG  B "C4'" 1 
ATOM   269  O "O4'" . DG  B 2 2  ? 7.807   -10.107 -12.229 1.18 36.73  ? 14  DG  B "O4'" 1 
ATOM   270  C "C3'" . DG  B 2 2  ? 5.572   -10.221 -11.603 1.18 36.73  ? 14  DG  B "C3'" 1 
ATOM   271  O "O3'" . DG  B 2 2  ? 4.382   -10.957 -11.859 1.18 36.73  ? 14  DG  B "O3'" 1 
ATOM   272  C "C2'" . DG  B 2 2  ? 6.401   -10.862 -10.520 1.18 36.73  ? 14  DG  B "C2'" 1 
ATOM   273  C "C1'" . DG  B 2 2  ? 7.808   -10.483 -10.848 1.18 36.73  ? 14  DG  B "C1'" 1 
ATOM   274  N N9    . DG  B 2 2  ? 8.270   -9.339  -10.065 1.18 36.73  ? 14  DG  B N9    1 
ATOM   275  C C8    . DG  B 2 2  ? 8.419   -8.056  -10.469 1.18 36.73  ? 14  DG  B C8    1 
ATOM   276  N N7    . DG  B 2 2  ? 8.986   -7.287  -9.596  1.18 36.73  ? 14  DG  B N7    1 
ATOM   277  C C5    . DG  B 2 2  ? 9.228   -8.128  -8.533  1.18 36.73  ? 14  DG  B C5    1 
ATOM   278  C C6    . DG  B 2 2  ? 9.851   -7.847  -7.299  1.18 36.73  ? 14  DG  B C6    1 
ATOM   279  O O6    . DG  B 2 2  ? 10.370  -6.804  -6.926  1.18 36.73  ? 14  DG  B O6    1 
ATOM   280  N N1    . DG  B 2 2  ? 9.902   -8.968  -6.498  1.18 36.73  ? 14  DG  B N1    1 
ATOM   281  C C2    . DG  B 2 2  ? 9.425   -10.224 -6.833  1.18 36.73  ? 14  DG  B C2    1 
ATOM   282  N N2    . DG  B 2 2  ? 9.599   -11.196 -5.939  1.18 36.73  ? 14  DG  B N2    1 
ATOM   283  N N3    . DG  B 2 2  ? 8.841   -10.489 -8.007  1.18 36.73  ? 14  DG  B N3    1 
ATOM   284  C C4    . DG  B 2 2  ? 8.780   -9.391  -8.804  1.18 36.73  ? 14  DG  B C4    1 
ATOM   285  P P     . DT  B 2 3  ? 3.101   -10.955 -10.915 1.18 25.25  ? 15  DT  B P     1 
ATOM   286  O OP1   . DT  B 2 3  ? 2.249   -12.062 -11.423 1.18 25.25  ? 15  DT  B OP1   1 
ATOM   287  O OP2   . DT  B 2 3  ? 2.593   -9.571  -10.921 1.18 25.25  ? 15  DT  B OP2   1 
ATOM   288  O "O5'" . DT  B 2 3  ? 3.433   -11.326 -9.423  1.18 25.25  ? 15  DT  B "O5'" 1 
ATOM   289  C "C5'" . DT  B 2 3  ? 3.663   -12.666 -9.083  1.18 25.25  ? 15  DT  B "C5'" 1 
ATOM   290  C "C4'" . DT  B 2 3  ? 4.008   -12.739 -7.639  1.18 25.25  ? 15  DT  B "C4'" 1 
ATOM   291  O "O4'" . DT  B 2 3  ? 5.139   -11.929 -7.291  1.18 25.25  ? 15  DT  B "O4'" 1 
ATOM   292  C "C3'" . DT  B 2 3  ? 2.789   -12.268 -6.892  1.18 25.25  ? 15  DT  B "C3'" 1 
ATOM   293  O "O3'" . DT  B 2 3  ? 2.433   -13.395 -6.110  1.18 25.25  ? 15  DT  B "O3'" 1 
ATOM   294  C "C2'" . DT  B 2 3  ? 3.264   -11.042 -6.109  1.18 25.25  ? 15  DT  B "C2'" 1 
ATOM   295  C "C1'" . DT  B 2 3  ? 4.798   -11.069 -6.158  1.18 25.25  ? 15  DT  B "C1'" 1 
ATOM   296  N N1    . DT  B 2 3  ? 5.317   -9.685  -6.360  1.18 25.25  ? 15  DT  B N1    1 
ATOM   297  C C2    . DT  B 2 3  ? 6.123   -9.102  -5.411  1.18 25.25  ? 15  DT  B C2    1 
ATOM   298  O O2    . DT  B 2 3  ? 6.405   -9.610  -4.335  1.18 25.25  ? 15  DT  B O2    1 
ATOM   299  N N3    . DT  B 2 3  ? 6.587   -7.850  -5.700  1.18 25.25  ? 15  DT  B N3    1 
ATOM   300  C C4    . DT  B 2 3  ? 6.319   -7.120  -6.836  1.18 25.25  ? 15  DT  B C4    1 
ATOM   301  O O4    . DT  B 2 3  ? 6.765   -5.982  -6.969  1.18 25.25  ? 15  DT  B O4    1 
ATOM   302  C C5    . DT  B 2 3  ? 5.464   -7.802  -7.769  1.18 25.25  ? 15  DT  B C5    1 
ATOM   303  C C7    . DT  B 2 3  ? 5.038   -7.135  -9.057  1.18 25.25  ? 15  DT  B C7    1 
ATOM   304  C C6    . DT  B 2 3  ? 5.009   -9.025  -7.504  1.18 25.25  ? 15  DT  B C6    1 
ATOM   305  P P     . DT  B 2 4  ? 1.165   -13.445 -5.172  1.18 29.86  ? 16  DT  B P     1 
ATOM   306  O OP1   . DT  B 2 4  ? 1.024   -14.882 -4.863  1.18 29.86  ? 16  DT  B OP1   1 
ATOM   307  O OP2   . DT  B 2 4  ? 0.035   -12.781 -5.862  1.18 29.86  ? 16  DT  B OP2   1 
ATOM   308  O "O5'" . DT  B 2 4  ? 1.571   -12.605 -3.819  1.18 29.86  ? 16  DT  B "O5'" 1 
ATOM   309  C "C5'" . DT  B 2 4  ? 2.432   -13.284 -2.895  1.18 29.86  ? 16  DT  B "C5'" 1 
ATOM   310  C "C4'" . DT  B 2 4  ? 3.066   -12.402 -1.847  1.18 29.86  ? 16  DT  B "C4'" 1 
ATOM   311  O "O4'" . DT  B 2 4  ? 3.614   -11.232 -2.475  1.18 29.86  ? 16  DT  B "O4'" 1 
ATOM   312  C "C3'" . DT  B 2 4  ? 2.062   -11.915 -0.840  1.18 29.86  ? 16  DT  B "C3'" 1 
ATOM   313  O "O3'" . DT  B 2 4  ? 2.632   -12.042 0.462   1.18 29.86  ? 16  DT  B "O3'" 1 
ATOM   314  C "C2'" . DT  B 2 4  ? 1.950   -10.442 -1.203  1.18 29.86  ? 16  DT  B "C2'" 1 
ATOM   315  C "C1'" . DT  B 2 4  ? 3.354   -10.089 -1.633  1.18 29.86  ? 16  DT  B "C1'" 1 
ATOM   316  N N1    . DT  B 2 4  ? 3.474   -8.867  -2.463  1.18 29.86  ? 16  DT  B N1    1 
ATOM   317  C C2    . DT  B 2 4  ? 4.535   -8.014  -2.241  1.18 29.86  ? 16  DT  B C2    1 
ATOM   318  O O2    . DT  B 2 4  ? 5.339   -8.105  -1.324  1.18 29.86  ? 16  DT  B O2    1 
ATOM   319  N N3    . DT  B 2 4  ? 4.677   -6.972  -3.110  1.18 29.86  ? 16  DT  B N3    1 
ATOM   320  C C4    . DT  B 2 4  ? 3.863   -6.692  -4.170  1.18 29.86  ? 16  DT  B C4    1 
ATOM   321  O O4    . DT  B 2 4  ? 4.173   -5.785  -4.925  1.18 29.86  ? 16  DT  B O4    1 
ATOM   322  C C5    . DT  B 2 4  ? 2.761   -7.596  -4.333  1.18 29.86  ? 16  DT  B C5    1 
ATOM   323  C C7    . DT  B 2 4  ? 1.707   -7.347  -5.435  1.18 29.86  ? 16  DT  B C7    1 
ATOM   324  C C6    . DT  B 2 4  ? 2.613   -8.635  -3.491  1.18 29.86  ? 16  DT  B C6    1 
ATOM   325  P P     . DT  B 2 5  ? 1.655   -12.124 1.752   1.18 29.34  ? 17  DT  B P     1 
ATOM   326  O OP1   . DT  B 2 5  ? 1.982   -13.371 2.475   1.18 29.34  ? 17  DT  B OP1   1 
ATOM   327  O OP2   . DT  B 2 5  ? 0.261   -11.903 1.282   1.18 29.34  ? 17  DT  B OP2   1 
ATOM   328  O "O5'" . DT  B 2 5  ? 2.109   -10.891 2.620   1.18 29.34  ? 17  DT  B "O5'" 1 
ATOM   329  C "C5'" . DT  B 2 5  ? 3.453   -10.879 3.082   1.18 29.34  ? 17  DT  B "C5'" 1 
ATOM   330  C "C4'" . DT  B 2 5  ? 3.863   -9.449  3.216   1.18 29.34  ? 17  DT  B "C4'" 1 
ATOM   331  O "O4'" . DT  B 2 5  ? 3.649   -8.738  1.990   1.18 29.34  ? 17  DT  B "O4'" 1 
ATOM   332  C "C3'" . DT  B 2 5  ? 2.976   -8.772  4.260   1.18 29.34  ? 17  DT  B "C3'" 1 
ATOM   333  O "O3'" . DT  B 2 5  ? 3.860   -8.513  5.344   1.18 29.34  ? 17  DT  B "O3'" 1 
ATOM   334  C "C2'" . DT  B 2 5  ? 2.495   -7.521  3.519   1.18 29.34  ? 17  DT  B "C2'" 1 
ATOM   335  C "C1'" . DT  B 2 5  ? 3.445   -7.362  2.356   1.18 29.34  ? 17  DT  B "C1'" 1 
ATOM   336  N N1    . DT  B 2 5  ? 2.863   -6.662  1.179   1.18 29.34  ? 17  DT  B N1    1 
ATOM   337  C C2    . DT  B 2 5  ? 3.567   -5.587  0.667   1.18 29.34  ? 17  DT  B C2    1 
ATOM   338  O O2    . DT  B 2 5  ? 4.567   -5.136  1.212   1.18 29.34  ? 17  DT  B O2    1 
ATOM   339  N N3    . DT  B 2 5  ? 3.075   -5.013  -0.500  1.18 29.34  ? 17  DT  B N3    1 
ATOM   340  C C4    . DT  B 2 5  ? 1.954   -5.423  -1.180  1.18 29.34  ? 17  DT  B C4    1 
ATOM   341  O O4    . DT  B 2 5  ? 1.651   -4.872  -2.234  1.18 29.34  ? 17  DT  B O4    1 
ATOM   342  C C5    . DT  B 2 5  ? 1.266   -6.548  -0.563  1.18 29.34  ? 17  DT  B C5    1 
ATOM   343  C C7    . DT  B 2 5  ? -0.003  -7.102  -1.163  1.18 29.34  ? 17  DT  B C7    1 
ATOM   344  C C6    . DT  B 2 5  ? 1.726   -7.121  0.565   1.18 29.34  ? 17  DT  B C6    1 
ATOM   345  P P     . DT  B 2 6  ? 3.463   -7.692  6.641   1.18 28.49  ? 18  DT  B P     1 
ATOM   346  O OP1   . DT  B 2 6  ? 4.451   -8.083  7.677   1.18 28.49  ? 18  DT  B OP1   1 
ATOM   347  O OP2   . DT  B 2 6  ? 1.991   -7.869  6.862   1.18 28.49  ? 18  DT  B OP2   1 
ATOM   348  O "O5'" . DT  B 2 6  ? 3.750   -6.176  6.240   1.18 28.49  ? 18  DT  B "O5'" 1 
ATOM   349  C "C5'" . DT  B 2 6  ? 5.103   -5.747  6.212   1.18 28.49  ? 18  DT  B "C5'" 1 
ATOM   350  C "C4'" . DT  B 2 6  ? 5.213   -4.243  5.997   1.18 28.49  ? 18  DT  B "C4'" 1 
ATOM   351  O "O4'" . DT  B 2 6  ? 4.709   -3.827  4.697   1.18 28.49  ? 18  DT  B "O4'" 1 
ATOM   352  C "C3'" . DT  B 2 6  ? 4.394   -3.546  7.066   1.18 28.49  ? 18  DT  B "C3'" 1 
ATOM   353  O "O3'" . DT  B 2 6  ? 5.259   -2.489  7.474   1.18 28.49  ? 18  DT  B "O3'" 1 
ATOM   354  C "C2'" . DT  B 2 6  ? 3.169   -3.130  6.239   1.18 28.49  ? 18  DT  B "C2'" 1 
ATOM   355  C "C1'" . DT  B 2 6  ? 3.718   -2.808  4.841   1.18 28.49  ? 18  DT  B "C1'" 1 
ATOM   356  N N1    . DT  B 2 6  ? 2.694   -2.915  3.750   1.18 28.49  ? 18  DT  B N1    1 
ATOM   357  C C2    . DT  B 2 6  ? 2.718   -1.972  2.724   1.18 28.49  ? 18  DT  B C2    1 
ATOM   358  O O2    . DT  B 2 6  ? 3.521   -1.043  2.645   1.18 28.49  ? 18  DT  B O2    1 
ATOM   359  N N3    . DT  B 2 6  ? 1.758   -2.102  1.734   1.18 28.49  ? 18  DT  B N3    1 
ATOM   360  C C4    . DT  B 2 6  ? 0.793   -3.072  1.678   1.18 28.49  ? 18  DT  B C4    1 
ATOM   361  O O4    . DT  B 2 6  ? -0.008  -3.080  0.741   1.18 28.49  ? 18  DT  B O4    1 
ATOM   362  C C5    . DT  B 2 6  ? 0.849   -3.999  2.777   1.18 28.49  ? 18  DT  B C5    1 
ATOM   363  C C7    . DT  B 2 6  ? -0.143  -5.122  2.828   1.18 28.49  ? 18  DT  B C7    1 
ATOM   364  C C6    . DT  B 2 6  ? 1.762   -3.901  3.748   1.18 28.49  ? 18  DT  B C6    1 
ATOM   365  P P     . DT  B 2 7  ? 4.822   -1.249  8.359   1.18 30.57  ? 19  DT  B P     1 
ATOM   366  O OP1   . DT  B 2 7  ? 6.053   -0.761  9.007   1.18 30.57  ? 19  DT  B OP1   1 
ATOM   367  O OP2   . DT  B 2 7  ? 3.627   -1.611  9.150   1.18 30.57  ? 19  DT  B OP2   1 
ATOM   368  O "O5'" . DT  B 2 7  ? 4.415   -0.123  7.349   1.18 30.57  ? 19  DT  B "O5'" 1 
ATOM   369  C "C5'" . DT  B 2 7  ? 5.523   0.292   6.560   1.18 30.57  ? 19  DT  B "C5'" 1 
ATOM   370  C "C4'" . DT  B 2 7  ? 5.087   1.394   5.672   1.18 30.57  ? 19  DT  B "C4'" 1 
ATOM   371  O "O4'" . DT  B 2 7  ? 4.099   0.969   4.697   1.18 30.57  ? 19  DT  B "O4'" 1 
ATOM   372  C "C3'" . DT  B 2 7  ? 4.463   2.419   6.585   1.18 30.57  ? 19  DT  B "C3'" 1 
ATOM   373  O "O3'" . DT  B 2 7  ? 5.229   3.608   6.414   1.18 30.57  ? 19  DT  B "O3'" 1 
ATOM   374  C "C2'" . DT  B 2 7  ? 3.020   2.486   6.080   1.18 30.57  ? 19  DT  B "C2'" 1 
ATOM   375  C "C1'" . DT  B 2 7  ? 3.045   1.931   4.667   1.18 30.57  ? 19  DT  B "C1'" 1 
ATOM   376  N N1    . DT  B 2 7  ? 1.780   1.241   4.317   1.18 30.57  ? 19  DT  B N1    1 
ATOM   377  C C2    . DT  B 2 7  ? 1.140   1.630   3.149   1.18 30.57  ? 19  DT  B C2    1 
ATOM   378  O O2    . DT  B 2 7  ? 1.507   2.594   2.477   1.18 30.57  ? 19  DT  B O2    1 
ATOM   379  N N3    . DT  B 2 7  ? 0.021   0.899   2.780   1.18 30.57  ? 19  DT  B N3    1 
ATOM   380  C C4    . DT  B 2 7  ? -0.500  -0.165  3.481   1.18 30.57  ? 19  DT  B C4    1 
ATOM   381  O O4    . DT  B 2 7  ? -1.439  -0.815  3.027   1.18 30.57  ? 19  DT  B O4    1 
ATOM   382  C C5    . DT  B 2 7  ? 0.214   -0.481  4.688   1.18 30.57  ? 19  DT  B C5    1 
ATOM   383  C C7    . DT  B 2 7  ? -0.282  -1.614  5.540   1.18 30.57  ? 19  DT  B C7    1 
ATOM   384  C C6    . DT  B 2 7  ? 1.301   0.203   5.067   1.18 30.57  ? 19  DT  B C6    1 
ATOM   385  P P     . DT  B 2 8  ? 4.825   4.911   7.225   1.18 26.61  ? 20  DT  B P     1 
ATOM   386  O OP1   . DT  B 2 8  ? 6.108   5.617   7.444   1.18 26.61  ? 20  DT  B OP1   1 
ATOM   387  O OP2   . DT  B 2 8  ? 3.931   4.530   8.359   1.18 26.61  ? 20  DT  B OP2   1 
ATOM   388  O "O5'" . DT  B 2 8  ? 3.961   5.845   6.269   1.18 26.61  ? 20  DT  B "O5'" 1 
ATOM   389  C "C5'" . DT  B 2 8  ? 4.487   6.272   5.008   1.18 26.61  ? 20  DT  B "C5'" 1 
ATOM   390  C "C4'" . DT  B 2 8  ? 3.325   6.498   4.064   1.18 26.61  ? 20  DT  B "C4'" 1 
ATOM   391  O "O4'" . DT  B 2 8  ? 2.431   5.375   4.085   1.18 26.61  ? 20  DT  B "O4'" 1 
ATOM   392  C "C3'" . DT  B 2 8  ? 2.510   7.682   4.526   1.18 26.61  ? 20  DT  B "C3'" 1 
ATOM   393  O "O3'" . DT  B 2 8  ? 2.850   8.739   3.600   1.18 26.61  ? 20  DT  B "O3'" 1 
ATOM   394  C "C2'" . DT  B 2 8  ? 1.084   7.142   4.433   1.18 26.61  ? 20  DT  B "C2'" 1 
ATOM   395  C "C1'" . DT  B 2 8  ? 1.153   5.843   3.647   1.18 26.61  ? 20  DT  B "C1'" 1 
ATOM   396  N N1    . DT  B 2 8  ? 0.083   4.895   4.033   1.18 26.61  ? 20  DT  B N1    1 
ATOM   397  C C2    . DT  B 2 8  ? -0.977  4.657   3.167   1.18 26.61  ? 20  DT  B C2    1 
ATOM   398  O O2    . DT  B 2 8  ? -1.143  5.208   2.073   1.18 26.61  ? 20  DT  B O2    1 
ATOM   399  N N3    . DT  B 2 8  ? -1.933  3.750   3.601   1.18 26.61  ? 20  DT  B N3    1 
ATOM   400  C C4    . DT  B 2 8  ? -1.944  3.074   4.788   1.18 26.61  ? 20  DT  B C4    1 
ATOM   401  O O4    . DT  B 2 8  ? -2.900  2.337   5.070   1.18 26.61  ? 20  DT  B O4    1 
ATOM   402  C C5    . DT  B 2 8  ? -0.796  3.394   5.603   1.18 26.61  ? 20  DT  B C5    1 
ATOM   403  C C7    . DT  B 2 8  ? -0.593  2.742   6.939   1.18 26.61  ? 20  DT  B C7    1 
ATOM   404  C C6    . DT  B 2 8  ? 0.142   4.260   5.216   1.18 26.61  ? 20  DT  B C6    1 
ATOM   405  P P     . DC  B 2 9  ? 2.053   10.140  3.533   1.18 32.00  ? 21  DC  B P     1 
ATOM   406  O OP1   . DC  B 2 9  ? 2.855   11.108  2.731   1.18 32.00  ? 21  DC  B OP1   1 
ATOM   407  O OP2   . DC  B 2 9  ? 1.530   10.460  4.898   1.18 32.00  ? 21  DC  B OP2   1 
ATOM   408  O "O5'" . DC  B 2 9  ? 0.737   9.784   2.628   1.18 32.00  ? 21  DC  B "O5'" 1 
ATOM   409  C "C5'" . DC  B 2 9  ? 0.804   9.583   1.221   1.18 32.00  ? 21  DC  B "C5'" 1 
ATOM   410  C "C4'" . DC  B 2 9  ? -0.576  9.558   0.565   1.18 32.00  ? 21  DC  B "C4'" 1 
ATOM   411  O "O4'" . DC  B 2 9  ? -1.371  8.468   1.018   1.18 32.00  ? 21  DC  B "O4'" 1 
ATOM   412  C "C3'" . DC  B 2 9  ? -1.317  10.797  0.931   1.18 32.00  ? 21  DC  B "C3'" 1 
ATOM   413  O "O3'" . DC  B 2 9  ? -1.978  11.217  -0.238  1.18 32.00  ? 21  DC  B "O3'" 1 
ATOM   414  C "C2'" . DC  B 2 9  ? -2.277  10.287  1.983   1.18 32.00  ? 21  DC  B "C2'" 1 
ATOM   415  C "C1'" . DC  B 2 9  ? -2.633  8.900   1.534   1.18 32.00  ? 21  DC  B "C1'" 1 
ATOM   416  N N1    . DC  B 2 9  ? -3.056  7.990   2.648   1.18 32.00  ? 21  DC  B N1    1 
ATOM   417  C C2    . DC  B 2 9  ? -4.103  7.120   2.413   1.18 32.00  ? 21  DC  B C2    1 
ATOM   418  O O2    . DC  B 2 9  ? -4.738  7.131   1.365   1.18 32.00  ? 21  DC  B O2    1 
ATOM   419  N N3    . DC  B 2 9  ? -4.488  6.246   3.377   1.18 32.00  ? 21  DC  B N3    1 
ATOM   420  C C4    . DC  B 2 9  ? -3.885  6.213   4.554   1.18 32.00  ? 21  DC  B C4    1 
ATOM   421  N N4    . DC  B 2 9  ? -4.308  5.325   5.447   1.18 32.00  ? 21  DC  B N4    1 
ATOM   422  C C5    . DC  B 2 9  ? -2.803  7.106   4.831   1.18 32.00  ? 21  DC  B C5    1 
ATOM   423  C C6    . DC  B 2 9  ? -2.426  7.967   3.859   1.18 32.00  ? 21  DC  B C6    1 
ATOM   424  P P     . DG  B 2 10 ? -2.481  12.714  -0.399  1.18 33.39  ? 22  DG  B P     1 
ATOM   425  O OP1   . DG  B 2 10 ? -2.177  13.186  -1.776  1.18 33.39  ? 22  DG  B OP1   1 
ATOM   426  O OP2   . DG  B 2 10 ? -2.090  13.525  0.796   1.18 33.39  ? 22  DG  B OP2   1 
ATOM   427  O "O5'" . DG  B 2 10 ? -4.052  12.506  -0.272  1.18 33.39  ? 22  DG  B "O5'" 1 
ATOM   428  C "C5'" . DG  B 2 10 ? -4.824  11.900  -1.293  1.18 33.39  ? 22  DG  B "C5'" 1 
ATOM   429  C "C4'" . DG  B 2 10 ? -6.196  11.562  -0.758  1.18 33.39  ? 22  DG  B "C4'" 1 
ATOM   430  O "O4'" . DG  B 2 10 ? -6.081  10.611  0.318   1.18 33.39  ? 22  DG  B "O4'" 1 
ATOM   431  C "C3'" . DG  B 2 10 ? -6.857  12.813  -0.171  1.18 33.39  ? 22  DG  B "C3'" 1 
ATOM   432  O "O3'" . DG  B 2 10 ? -8.239  12.732  -0.385  1.18 33.39  ? 22  DG  B "O3'" 1 
ATOM   433  C "C2'" . DG  B 2 10 ? -6.627  12.601  1.308   1.18 33.39  ? 22  DG  B "C2'" 1 
ATOM   434  C "C1'" . DG  B 2 10 ? -6.875  11.121  1.397   1.18 33.39  ? 22  DG  B "C1'" 1 
ATOM   435  N N9    . DG  B 2 10 ? -6.475  10.539  2.712   1.18 33.39  ? 22  DG  B N9    1 
ATOM   436  C C8    . DG  B 2 10 ? -5.586  10.979  3.643   1.18 33.39  ? 22  DG  B C8    1 
ATOM   437  N N7    . DG  B 2 10 ? -5.498  10.208  4.674   1.18 33.39  ? 22  DG  B N7    1 
ATOM   438  C C5    . DG  B 2 10 ? -6.381  9.186   4.420   1.18 33.39  ? 22  DG  B C5    1 
ATOM   439  C C6    . DG  B 2 10 ? -6.704  8.053   5.193   1.18 33.39  ? 22  DG  B C6    1 
ATOM   440  O O6    . DG  B 2 10 ? -6.224  7.721   6.278   1.18 33.39  ? 22  DG  B O6    1 
ATOM   441  N N1    . DG  B 2 10 ? -7.669  7.265   4.561   1.18 33.39  ? 22  DG  B N1    1 
ATOM   442  C C2    . DG  B 2 10 ? -8.242  7.546   3.336   1.18 33.39  ? 22  DG  B C2    1 
ATOM   443  N N2    . DG  B 2 10 ? -9.156  6.720   2.839   1.18 33.39  ? 22  DG  B N2    1 
ATOM   444  N N3    . DG  B 2 10 ? -7.923  8.604   2.622   1.18 33.39  ? 22  DG  B N3    1 
ATOM   445  C C4    . DG  B 2 10 ? -6.992  9.377   3.218   1.18 33.39  ? 22  DG  B C4    1 
ATOM   446  P P     . DC  B 2 11 ? -9.008  13.707  -1.350  1.18 47.49  ? 23  DC  B P     1 
ATOM   447  O OP1   . DC  B 2 11 ? -8.430  13.699  -2.709  1.18 47.49  ? 23  DC  B OP1   1 
ATOM   448  O OP2   . DC  B 2 11 ? -9.204  14.974  -0.614  1.18 47.49  ? 23  DC  B OP2   1 
ATOM   449  O "O5'" . DC  B 2 11 ? -10.338 12.880  -1.393  1.18 47.49  ? 23  DC  B "O5'" 1 
ATOM   450  C "C5'" . DC  B 2 11 ? -10.339 11.620  -2.061  1.18 47.49  ? 23  DC  B "C5'" 1 
ATOM   451  C "C4'" . DC  B 2 11 ? -11.349 10.698  -1.418  1.18 47.49  ? 23  DC  B "C4'" 1 
ATOM   452  O "O4'" . DC  B 2 11 ? -11.018 10.374  -0.064  1.18 47.49  ? 23  DC  B "O4'" 1 
ATOM   453  C "C3'" . DC  B 2 11 ? -12.657 11.416  -1.325  1.18 47.49  ? 23  DC  B "C3'" 1 
ATOM   454  O "O3'" . DC  B 2 11 ? -13.619 10.492  -1.819  1.18 47.49  ? 23  DC  B "O3'" 1 
ATOM   455  C "C2'" . DC  B 2 11 ? -12.824 11.776  0.152   1.18 47.49  ? 23  DC  B "C2'" 1 
ATOM   456  C "C1'" . DC  B 2 11 ? -12.098 10.661  0.849   1.18 47.49  ? 23  DC  B "C1'" 1 
ATOM   457  N N1    . DC  B 2 11 ? -11.372 10.976  2.094   1.18 47.49  ? 23  DC  B N1    1 
ATOM   458  C C2    . DC  B 2 11 ? -11.208 9.975   3.034   1.18 47.49  ? 23  DC  B C2    1 
ATOM   459  O O2    . DC  B 2 11 ? -11.801 8.899   2.979   1.18 47.49  ? 23  DC  B O2    1 
ATOM   460  N N3    . DC  B 2 11 ? -10.402 10.198  4.085   1.18 47.49  ? 23  DC  B N3    1 
ATOM   461  C C4    . DC  B 2 11 ? -9.776  11.358  4.230   1.18 47.49  ? 23  DC  B C4    1 
ATOM   462  N N4    . DC  B 2 11 ? -8.921  11.513  5.235   1.18 47.49  ? 23  DC  B N4    1 
ATOM   463  C C5    . DC  B 2 11 ? -9.947  12.411  3.297   1.18 47.49  ? 23  DC  B C5    1 
ATOM   464  C C6    . DC  B 2 11 ? -10.752 12.175  2.247   1.18 47.49  ? 23  DC  B C6    1 
ATOM   465  P P     . DG  B 2 12 ? -14.943 11.126  -2.443  1.18 38.23  ? 24  DG  B P     1 
ATOM   466  O OP1   . DG  B 2 12 ? -15.218 10.412  -3.727  1.18 38.23  ? 24  DG  B OP1   1 
ATOM   467  O OP2   . DG  B 2 12 ? -14.897 12.616  -2.353  1.18 38.23  ? 24  DG  B OP2   1 
ATOM   468  O "O5'" . DG  B 2 12 ? -16.035 10.677  -1.360  1.18 38.23  ? 24  DG  B "O5'" 1 
ATOM   469  C "C5'" . DG  B 2 12 ? -16.243 9.272   -1.229  1.18 38.23  ? 24  DG  B "C5'" 1 
ATOM   470  C "C4'" . DG  B 2 12 ? -17.098 8.917   -0.052  1.18 38.23  ? 24  DG  B "C4'" 1 
ATOM   471  O "O4'" . DG  B 2 12 ? -16.375 9.272   1.113   1.18 38.23  ? 24  DG  B "O4'" 1 
ATOM   472  C "C3'" . DG  B 2 12 ? -18.415 9.669   -0.013  1.18 38.23  ? 24  DG  B "C3'" 1 
ATOM   473  O "O3'" . DG  B 2 12 ? -19.411 8.884   0.618   1.18 38.23  ? 24  DG  B "O3'" 1 
ATOM   474  C "C2'" . DG  B 2 12 ? -18.064 10.788  0.901   1.18 38.23  ? 24  DG  B "C2'" 1 
ATOM   475  C "C1'" . DG  B 2 12 ? -17.129 10.167  1.892   1.18 38.23  ? 24  DG  B "C1'" 1 
ATOM   476  N N9    . DG  B 2 12 ? -16.177 11.104  2.462   1.18 38.23  ? 24  DG  B N9    1 
ATOM   477  C C8    . DG  B 2 12 ? -15.833 12.352  2.017   1.18 38.23  ? 24  DG  B C8    1 
ATOM   478  N N7    . DG  B 2 12 ? -14.948 12.940  2.757   1.18 38.23  ? 24  DG  B N7    1 
ATOM   479  C C5    . DG  B 2 12 ? -14.686 12.013  3.767   1.18 38.23  ? 24  DG  B C5    1 
ATOM   480  C C6    . DG  B 2 12 ? -13.813 12.099  4.869   1.18 38.23  ? 24  DG  B C6    1 
ATOM   481  O O6    . DG  B 2 12 ? -13.054 13.016  5.151   1.18 38.23  ? 24  DG  B O6    1 
ATOM   482  N N1    . DG  B 2 12 ? -13.847 10.982  5.659   1.18 38.23  ? 24  DG  B N1    1 
ATOM   483  C C2    . DG  B 2 12 ? -14.618 9.892   5.435   1.18 38.23  ? 24  DG  B C2    1 
ATOM   484  N N2    . DG  B 2 12 ? -14.553 8.931   6.336   1.18 38.23  ? 24  DG  B N2    1 
ATOM   485  N N3    . DG  B 2 12 ? -15.441 9.782   4.395   1.18 38.23  ? 24  DG  B N3    1 
ATOM   486  C C4    . DG  B 2 12 ? -15.433 10.882  3.599   1.18 38.23  ? 24  DG  B C4    1 
ATOM   487  O "O5'" . DC  C 1 1  ? 16.208  5.937   -11.949 0.56 41.15  ? 25  DC  C "O5'" 1 
ATOM   488  C "C5'" . DC  C 1 1  ? 15.725  6.067   -10.613 0.56 41.15  ? 25  DC  C "C5'" 1 
ATOM   489  C "C4'" . DC  C 1 1  ? 14.186  6.110   -10.461 0.56 41.15  ? 25  DC  C "C4'" 1 
ATOM   490  O "O4'" . DC  C 1 1  ? 13.668  7.291   -11.080 0.56 41.15  ? 25  DC  C "O4'" 1 
ATOM   491  C "C3'" . DC  C 1 1  ? 13.504  4.935   -11.134 0.56 41.15  ? 25  DC  C "C3'" 1 
ATOM   492  O "O3'" . DC  C 1 1  ? 12.410  4.477   -10.343 0.56 41.15  ? 25  DC  C "O3'" 1 
ATOM   493  C "C2'" . DC  C 1 1  ? 12.984  5.488   -12.434 0.56 41.15  ? 25  DC  C "C2'" 1 
ATOM   494  C "C1'" . DC  C 1 1  ? 12.865  6.985   -12.251 0.56 41.15  ? 25  DC  C "C1'" 1 
ATOM   495  N N1    . DC  C 1 1  ? 13.393  7.715   -13.459 0.56 41.15  ? 25  DC  C N1    1 
ATOM   496  C C2    . DC  C 1 1  ? 12.651  7.733   -14.637 0.56 41.15  ? 25  DC  C C2    1 
ATOM   497  O O2    . DC  C 1 1  ? 11.594  7.130   -14.773 0.56 41.15  ? 25  DC  C O2    1 
ATOM   498  N N3    . DC  C 1 1  ? 13.149  8.432   -15.691 0.56 41.15  ? 25  DC  C N3    1 
ATOM   499  C C4    . DC  C 1 1  ? 14.311  9.084   -15.628 0.56 41.15  ? 25  DC  C C4    1 
ATOM   500  N N4    . DC  C 1 1  ? 14.732  9.760   -16.693 0.56 41.15  ? 25  DC  C N4    1 
ATOM   501  C C5    . DC  C 1 1  ? 15.088  9.072   -14.437 0.56 41.15  ? 25  DC  C C5    1 
ATOM   502  C C6    . DC  C 1 1  ? 14.590  8.382   -13.392 0.56 41.15  ? 25  DC  C C6    1 
ATOM   503  P P     . DG  C 1 2  ? 12.580  3.053   -9.614  0.56 69.68  ? 26  DG  C P     1 
ATOM   504  O OP1   . DG  C 1 2  ? 11.424  2.835   -8.716  0.56 69.68  ? 26  DG  C OP1   1 
ATOM   505  O OP2   . DG  C 1 2  ? 13.951  2.980   -9.051  0.56 69.68  ? 26  DG  C OP2   1 
ATOM   506  O "O5'" . DG  C 1 2  ? 12.509  2.024   -10.837 0.56 69.68  ? 26  DG  C "O5'" 1 
ATOM   507  C "C5'" . DG  C 1 2  ? 11.260  1.764   -11.473 0.56 69.68  ? 26  DG  C "C5'" 1 
ATOM   508  C "C4'" . DG  C 1 2  ? 11.415  1.336   -12.921 0.56 69.68  ? 26  DG  C "C4'" 1 
ATOM   509  O "O4'" . DG  C 1 2  ? 12.075  2.364   -13.671 0.56 69.68  ? 26  DG  C "O4'" 1 
ATOM   510  C "C3'" . DG  C 1 2  ? 12.258  0.077   -13.044 0.56 69.68  ? 26  DG  C "C3'" 1 
ATOM   511  O "O3'" . DG  C 1 2  ? 11.532  -0.756  -13.952 0.56 69.68  ? 26  DG  C "O3'" 1 
ATOM   512  C "C2'" . DG  C 1 2  ? 13.550  0.639   -13.635 0.56 69.68  ? 26  DG  C "C2'" 1 
ATOM   513  C "C1'" . DG  C 1 2  ? 13.048  1.760   -14.522 0.56 69.68  ? 26  DG  C "C1'" 1 
ATOM   514  N N9    . DG  C 1 2  ? 14.026  2.822   -14.865 0.56 69.68  ? 26  DG  C N9    1 
ATOM   515  C C8    . DG  C 1 2  ? 15.123  3.280   -14.177 0.56 69.68  ? 26  DG  C C8    1 
ATOM   516  N N7    . DG  C 1 2  ? 15.717  4.296   -14.745 0.56 69.68  ? 26  DG  C N7    1 
ATOM   517  C C5    . DG  C 1 2  ? 14.964  4.528   -15.889 0.56 69.68  ? 26  DG  C C5    1 
ATOM   518  C C6    . DG  C 1 2  ? 15.132  5.507   -16.904 0.56 69.68  ? 26  DG  C C6    1 
ATOM   519  O O6    . DG  C 1 2  ? 15.968  6.407   -16.971 0.56 69.68  ? 26  DG  C O6    1 
ATOM   520  N N1    . DG  C 1 2  ? 14.174  5.388   -17.894 0.56 69.68  ? 26  DG  C N1    1 
ATOM   521  C C2    . DG  C 1 2  ? 13.164  4.442   -17.910 0.56 69.68  ? 26  DG  C C2    1 
ATOM   522  N N2    . DG  C 1 2  ? 12.341  4.429   -18.962 0.56 69.68  ? 26  DG  C N2    1 
ATOM   523  N N3    . DG  C 1 2  ? 13.000  3.530   -16.949 0.56 69.68  ? 26  DG  C N3    1 
ATOM   524  C C4    . DG  C 1 2  ? 13.934  3.629   -15.974 0.56 69.68  ? 26  DG  C C4    1 
ATOM   525  P P     . DC  C 1 3  ? 11.836  -2.301  -14.268 0.56 41.37  ? 27  DC  C P     1 
ATOM   526  O OP1   . DC  C 1 3  ? 10.687  -3.088  -13.766 0.56 41.37  ? 27  DC  C OP1   1 
ATOM   527  O OP2   . DC  C 1 3  ? 13.209  -2.626  -13.812 0.56 41.37  ? 27  DC  C OP2   1 
ATOM   528  O "O5'" . DC  C 1 3  ? 11.785  -2.348  -15.861 0.56 41.37  ? 27  DC  C "O5'" 1 
ATOM   529  C "C5'" . DC  C 1 3  ? 12.469  -1.281  -16.483 0.56 41.37  ? 27  DC  C "C5'" 1 
ATOM   530  C "C4'" . DC  C 1 3  ? 12.505  -1.348  -17.954 0.56 41.37  ? 27  DC  C "C4'" 1 
ATOM   531  O "O4'" . DC  C 1 3  ? 13.137  -0.131  -18.389 0.56 41.37  ? 27  DC  C "O4'" 1 
ATOM   532  C "C3'" . DC  C 1 3  ? 13.317  -2.519  -18.456 0.56 41.37  ? 27  DC  C "C3'" 1 
ATOM   533  O "O3'" . DC  C 1 3  ? 12.781  -2.868  -19.727 0.56 41.37  ? 27  DC  C "O3'" 1 
ATOM   534  C "C2'" . DC  C 1 3  ? 14.692  -1.880  -18.550 0.56 41.37  ? 27  DC  C "C2'" 1 
ATOM   535  C "C1'" . DC  C 1 3  ? 14.467  -0.389  -18.863 0.56 41.37  ? 27  DC  C "C1'" 1 
ATOM   536  N N1    . DC  C 1 3  ? 15.462  0.499   -18.159 0.56 41.37  ? 27  DC  C N1    1 
ATOM   537  C C2    . DC  C 1 3  ? 15.722  1.761   -18.681 0.56 41.37  ? 27  DC  C C2    1 
ATOM   538  O O2    . DC  C 1 3  ? 15.137  2.207   -19.667 0.56 41.37  ? 27  DC  C O2    1 
ATOM   539  N N3    . DC  C 1 3  ? 16.662  2.536   -18.070 0.56 41.37  ? 27  DC  C N3    1 
ATOM   540  C C4    . DC  C 1 3  ? 17.336  2.109   -16.994 0.56 41.37  ? 27  DC  C C4    1 
ATOM   541  N N4    . DC  C 1 3  ? 18.243  2.907   -16.447 0.56 41.37  ? 27  DC  C N4    1 
ATOM   542  C C5    . DC  C 1 3  ? 17.082  0.823   -16.440 0.56 41.37  ? 27  DC  C C5    1 
ATOM   543  C C6    . DC  C 1 3  ? 16.149  0.067   -17.052 0.56 41.37  ? 27  DC  C C6    1 
ATOM   544  P P     . DG  C 1 4  ? 13.317  -4.074  -20.622 0.56 26.15  ? 28  DG  C P     1 
ATOM   545  O OP1   . DG  C 1 4  ? 12.206  -4.995  -20.940 0.56 26.15  ? 28  DG  C OP1   1 
ATOM   546  O OP2   . DG  C 1 4  ? 14.555  -4.617  -20.015 0.56 26.15  ? 28  DG  C OP2   1 
ATOM   547  O "O5'" . DG  C 1 4  ? 13.710  -3.260  -21.927 0.56 26.15  ? 28  DG  C "O5'" 1 
ATOM   548  C "C5'" . DG  C 1 4  ? 12.710  -2.637  -22.730 0.56 26.15  ? 28  DG  C "C5'" 1 
ATOM   549  C "C4'" . DG  C 1 4  ? 13.327  -1.726  -23.784 0.56 26.15  ? 28  DG  C "C4'" 1 
ATOM   550  O "O4'" . DG  C 1 4  ? 14.168  -0.787  -23.085 0.56 26.15  ? 28  DG  C "O4'" 1 
ATOM   551  C "C3'" . DG  C 1 4  ? 14.237  -2.457  -24.781 0.56 26.15  ? 28  DG  C "C3'" 1 
ATOM   552  O "O3'" . DG  C 1 4  ? 14.129  -1.754  -26.026 0.56 26.15  ? 28  DG  C "O3'" 1 
ATOM   553  C "C2'" . DG  C 1 4  ? 15.601  -2.267  -24.126 0.56 26.15  ? 28  DG  C "C2'" 1 
ATOM   554  C "C1'" . DG  C 1 4  ? 15.507  -0.869  -23.576 0.56 26.15  ? 28  DG  C "C1'" 1 
ATOM   555  N N9    . DG  C 1 4  ? 16.461  -0.631  -22.477 0.56 26.15  ? 28  DG  C N9    1 
ATOM   556  C C8    . DG  C 1 4  ? 16.779  -1.428  -21.416 0.56 26.15  ? 28  DG  C C8    1 
ATOM   557  N N7    . DG  C 1 4  ? 17.665  -0.909  -20.610 0.56 26.15  ? 28  DG  C N7    1 
ATOM   558  C C5    . DG  C 1 4  ? 17.958  0.321   -21.177 0.56 26.15  ? 28  DG  C C5    1 
ATOM   559  C C6    . DG  C 1 4  ? 18.861  1.317   -20.752 0.56 26.15  ? 28  DG  C C6    1 
ATOM   560  O O6    . DG  C 1 4  ? 19.573  1.324   -19.748 0.56 26.15  ? 28  DG  C O6    1 
ATOM   561  N N1    . DG  C 1 4  ? 18.880  2.388   -21.622 0.56 26.15  ? 28  DG  C N1    1 
ATOM   562  C C2    . DG  C 1 4  ? 18.124  2.503   -22.765 0.56 26.15  ? 28  DG  C C2    1 
ATOM   563  N N2    . DG  C 1 4  ? 18.309  3.592   -23.512 0.56 26.15  ? 28  DG  C N2    1 
ATOM   564  N N3    . DG  C 1 4  ? 17.264  1.567   -23.160 0.56 26.15  ? 28  DG  C N3    1 
ATOM   565  C C4    . DG  C 1 4  ? 17.232  0.502   -22.323 0.56 26.15  ? 28  DG  C C4    1 
ATOM   566  P P     . DA  C 1 5  ? 14.961  -2.030  -27.382 0.56 32.69  ? 29  DA  C P     1 
ATOM   567  O OP1   . DA  C 1 5  ? 14.068  -2.708  -28.340 0.56 32.69  ? 29  DA  C OP1   1 
ATOM   568  O OP2   . DA  C 1 5  ? 16.277  -2.629  -27.073 0.56 32.69  ? 29  DA  C OP2   1 
ATOM   569  O "O5'" . DA  C 1 5  ? 15.180  -0.528  -27.877 0.56 32.69  ? 29  DA  C "O5'" 1 
ATOM   570  C "C5'" . DA  C 1 5  ? 15.823  0.359   -26.953 0.56 32.69  ? 29  DA  C "C5'" 1 
ATOM   571  C "C4'" . DA  C 1 5  ? 16.912  1.207   -27.559 0.56 32.69  ? 29  DA  C "C4'" 1 
ATOM   572  O "O4'" . DA  C 1 5  ? 17.813  1.525   -26.484 0.56 32.69  ? 29  DA  C "O4'" 1 
ATOM   573  C "C3'" . DA  C 1 5  ? 17.737  0.479   -28.605 0.56 32.69  ? 29  DA  C "C3'" 1 
ATOM   574  O "O3'" . DA  C 1 5  ? 18.292  1.451   -29.485 0.56 32.69  ? 29  DA  C "O3'" 1 
ATOM   575  C "C2'" . DA  C 1 5  ? 18.797  -0.195  -27.781 0.56 32.69  ? 29  DA  C "C2'" 1 
ATOM   576  C "C1'" . DA  C 1 5  ? 19.032  0.761   -26.632 0.56 32.69  ? 29  DA  C "C1'" 1 
ATOM   577  N N9    . DA  C 1 5  ? 19.363  -0.039  -25.429 0.56 32.69  ? 29  DA  C N9    1 
ATOM   578  C C8    . DA  C 1 5  ? 18.942  -1.286  -25.070 0.56 32.69  ? 29  DA  C C8    1 
ATOM   579  N N7    . DA  C 1 5  ? 19.481  -1.745  -23.975 0.56 32.69  ? 29  DA  C N7    1 
ATOM   580  C C5    . DA  C 1 5  ? 20.319  -0.719  -23.583 0.56 32.69  ? 29  DA  C C5    1 
ATOM   581  C C6    . DA  C 1 5  ? 21.176  -0.580  -22.492 0.56 32.69  ? 29  DA  C C6    1 
ATOM   582  N N6    . DA  C 1 5  ? 21.357  -1.530  -21.575 0.56 32.69  ? 29  DA  C N6    1 
ATOM   583  N N1    . DA  C 1 5  ? 21.848  0.571   -22.403 0.56 32.69  ? 29  DA  C N1    1 
ATOM   584  C C2    . DA  C 1 5  ? 21.686  1.509   -23.326 0.56 32.69  ? 29  DA  C C2    1 
ATOM   585  N N3    . DA  C 1 5  ? 20.920  1.494   -24.390 0.56 32.69  ? 29  DA  C N3    1 
ATOM   586  C C4    . DA  C 1 5  ? 20.251  0.325   -24.459 0.56 32.69  ? 29  DA  C C4    1 
ATOM   587  P P     . DA  C 1 6  ? 19.222  1.053   -30.736 0.56 45.22  ? 30  DA  C P     1 
ATOM   588  O OP1   . DA  C 1 6  ? 18.843  1.924   -31.873 0.56 45.22  ? 30  DA  C OP1   1 
ATOM   589  O OP2   . DA  C 1 6  ? 19.257  -0.422  -30.894 0.56 45.22  ? 30  DA  C OP2   1 
ATOM   590  O "O5'" . DA  C 1 6  ? 20.630  1.497   -30.162 0.56 45.22  ? 30  DA  C "O5'" 1 
ATOM   591  C "C5'" . DA  C 1 6  ? 20.877  2.842   -29.770 0.56 45.22  ? 30  DA  C "C5'" 1 
ATOM   592  C "C4'" . DA  C 1 6  ? 22.168  2.888   -29.010 0.56 45.22  ? 30  DA  C "C4'" 1 
ATOM   593  O "O4'" . DA  C 1 6  ? 22.132  2.037   -27.864 0.56 45.22  ? 30  DA  C "O4'" 1 
ATOM   594  C "C3'" . DA  C 1 6  ? 23.264  2.387   -29.916 0.56 45.22  ? 30  DA  C "C3'" 1 
ATOM   595  O "O3'" . DA  C 1 6  ? 24.069  3.543   -30.136 0.56 45.22  ? 30  DA  C "O3'" 1 
ATOM   596  C "C2'" . DA  C 1 6  ? 23.902  1.281   -29.100 0.56 45.22  ? 30  DA  C "C2'" 1 
ATOM   597  C "C1'" . DA  C 1 6  ? 23.446  1.520   -27.685 0.56 45.22  ? 30  DA  C "C1'" 1 
ATOM   598  N N9    . DA  C 1 6  ? 23.366  0.279   -26.887 0.56 45.22  ? 30  DA  C N9    1 
ATOM   599  C C8    . DA  C 1 6  ? 22.679  -0.887  -27.145 0.56 45.22  ? 30  DA  C C8    1 
ATOM   600  N N7    . DA  C 1 6  ? 22.750  -1.772  -26.189 0.56 45.22  ? 30  DA  C N7    1 
ATOM   601  C C5    . DA  C 1 6  ? 23.540  -1.157  -25.232 0.56 45.22  ? 30  DA  C C5    1 
ATOM   602  C C6    . DA  C 1 6  ? 23.981  -1.581  -23.977 0.56 45.22  ? 30  DA  C C6    1 
ATOM   603  N N6    . DA  C 1 6  ? 23.640  -2.773  -23.489 0.56 45.22  ? 30  DA  C N6    1 
ATOM   604  N N1    . DA  C 1 6  ? 24.755  -0.739  -23.266 0.56 45.22  ? 30  DA  C N1    1 
ATOM   605  C C2    . DA  C 1 6  ? 25.060  0.448   -23.788 0.56 45.22  ? 30  DA  C C2    1 
ATOM   606  N N3    . DA  C 1 6  ? 24.708  0.960   -24.953 0.56 45.22  ? 30  DA  C N3    1 
ATOM   607  C C4    . DA  C 1 6  ? 23.931  0.093   -25.642 0.56 45.22  ? 30  DA  C C4    1 
ATOM   608  P P     . DA  C 1 7  ? 25.380  3.610   -31.056 0.56 67.59  ? 31  DA  C P     1 
ATOM   609  O OP1   . DA  C 1 7  ? 25.667  5.044   -31.301 0.56 67.59  ? 31  DA  C OP1   1 
ATOM   610  O OP2   . DA  C 1 7  ? 25.230  2.685   -32.202 0.56 67.59  ? 31  DA  C OP2   1 
ATOM   611  O "O5'" . DA  C 1 7  ? 26.512  3.035   -30.074 0.56 67.59  ? 31  DA  C "O5'" 1 
ATOM   612  C "C5'" . DA  C 1 7  ? 26.823  3.769   -28.881 0.56 67.59  ? 31  DA  C "C5'" 1 
ATOM   613  C "C4'" . DA  C 1 7  ? 27.591  2.929   -27.880 0.56 67.59  ? 31  DA  C "C4'" 1 
ATOM   614  O "O4'" . DA  C 1 7  ? 26.891  1.725   -27.573 0.56 67.59  ? 31  DA  C "O4'" 1 
ATOM   615  C "C3'" . DA  C 1 7  ? 28.926  2.512   -28.463 0.56 67.59  ? 31  DA  C "C3'" 1 
ATOM   616  O "O3'" . DA  C 1 7  ? 29.874  3.430   -27.886 0.56 67.59  ? 31  DA  C "O3'" 1 
ATOM   617  C "C2'" . DA  C 1 7  ? 29.042  1.059   -28.011 0.56 67.59  ? 31  DA  C "C2'" 1 
ATOM   618  C "C1'" . DA  C 1 7  ? 27.890  0.842   -27.061 0.56 67.59  ? 31  DA  C "C1'" 1 
ATOM   619  N N9    . DA  C 1 7  ? 27.357  -0.536  -27.087 0.56 67.59  ? 31  DA  C N9    1 
ATOM   620  C C8    . DA  C 1 7  ? 26.764  -1.222  -28.114 0.56 67.59  ? 31  DA  C C8    1 
ATOM   621  N N7    . DA  C 1 7  ? 26.320  -2.405  -27.779 0.56 67.59  ? 31  DA  C N7    1 
ATOM   622  C C5    . DA  C 1 7  ? 26.646  -2.511  -26.436 0.56 67.59  ? 31  DA  C C5    1 
ATOM   623  C C6    . DA  C 1 7  ? 26.443  -3.525  -25.490 0.56 67.59  ? 31  DA  C C6    1 
ATOM   624  N N6    . DA  C 1 7  ? 25.817  -4.659  -25.777 0.56 67.59  ? 31  DA  C N6    1 
ATOM   625  N N1    . DA  C 1 7  ? 26.893  -3.313  -24.248 0.56 67.59  ? 31  DA  C N1    1 
ATOM   626  C C2    . DA  C 1 7  ? 27.500  -2.163  -23.977 0.56 67.59  ? 31  DA  C C2    1 
ATOM   627  N N3    . DA  C 1 7  ? 27.748  -1.138  -24.766 0.56 67.59  ? 31  DA  C N3    1 
ATOM   628  C C4    . DA  C 1 7  ? 27.285  -1.380  -26.006 0.56 67.59  ? 31  DA  C C4    1 
ATOM   629  P P     . DA  C 1 8  ? 31.476  3.266   -27.870 0.56 51.50  ? 32  DA  C P     1 
ATOM   630  O OP1   . DA  C 1 8  ? 32.059  4.562   -27.459 0.56 51.50  ? 32  DA  C OP1   1 
ATOM   631  O OP2   . DA  C 1 8  ? 31.922  2.634   -29.133 0.56 51.50  ? 32  DA  C OP2   1 
ATOM   632  O "O5'" . DA  C 1 8  ? 31.681  2.200   -26.700 0.56 51.50  ? 32  DA  C "O5'" 1 
ATOM   633  C "C5'" . DA  C 1 8  ? 31.717  2.552   -25.325 0.56 51.50  ? 32  DA  C "C5'" 1 
ATOM   634  C "C4'" . DA  C 1 8  ? 32.346  1.424   -24.528 0.56 51.50  ? 32  DA  C "C4'" 1 
ATOM   635  O "O4'" . DA  C 1 8  ? 31.487  0.272   -24.570 0.56 51.50  ? 32  DA  C "O4'" 1 
ATOM   636  C "C3'" . DA  C 1 8  ? 33.708  1.032   -25.133 0.56 51.50  ? 32  DA  C "C3'" 1 
ATOM   637  O "O3'" . DA  C 1 8  ? 34.647  0.940   -24.038 0.56 51.50  ? 32  DA  C "O3'" 1 
ATOM   638  C "C2'" . DA  C 1 8  ? 33.379  -0.293  -25.797 0.56 51.50  ? 32  DA  C "C2'" 1 
ATOM   639  C "C1'" . DA  C 1 8  ? 32.258  -0.873  -24.954 0.56 51.50  ? 32  DA  C "C1'" 1 
ATOM   640  N N9    . DA  C 1 8  ? 31.440  -1.839  -25.742 0.56 51.50  ? 32  DA  C N9    1 
ATOM   641  C C8    . DA  C 1 8  ? 31.139  -1.851  -27.083 0.56 51.50  ? 32  DA  C C8    1 
ATOM   642  N N7    . DA  C 1 8  ? 30.402  -2.860  -27.456 0.56 51.50  ? 32  DA  C N7    1 
ATOM   643  C C5    . DA  C 1 8  ? 30.198  -3.571  -26.280 0.56 51.50  ? 32  DA  C C5    1 
ATOM   644  C C6    . DA  C 1 8  ? 29.490  -4.748  -26.004 0.56 51.50  ? 32  DA  C C6    1 
ATOM   645  N N6    . DA  C 1 8  ? 28.851  -5.436  -26.941 0.56 51.50  ? 32  DA  C N6    1 
ATOM   646  N N1    . DA  C 1 8  ? 29.475  -5.187  -24.740 0.56 51.50  ? 32  DA  C N1    1 
ATOM   647  C C2    . DA  C 1 8  ? 30.131  -4.485  -23.820 0.56 51.50  ? 32  DA  C C2    1 
ATOM   648  N N3    . DA  C 1 8  ? 30.832  -3.371  -23.945 0.56 51.50  ? 32  DA  C N3    1 
ATOM   649  C C4    . DA  C 1 8  ? 30.823  -2.958  -25.231 0.56 51.50  ? 32  DA  C C4    1 
ATOM   650  P P     . DA  C 1 9  ? 35.839  -0.128  -23.805 0.56 54.91  ? 33  DA  C P     1 
ATOM   651  O OP1   . DA  C 1 9  ? 36.667  0.355   -22.674 0.56 54.91  ? 33  DA  C OP1   1 
ATOM   652  O OP2   . DA  C 1 9  ? 36.479  -0.456  -25.109 0.56 54.91  ? 33  DA  C OP2   1 
ATOM   653  O "O5'" . DA  C 1 9  ? 35.016  -1.401  -23.316 0.56 54.91  ? 33  DA  C "O5'" 1 
ATOM   654  C "C5'" . DA  C 1 9  ? 34.541  -1.455  -21.977 0.56 54.91  ? 33  DA  C "C5'" 1 
ATOM   655  C "C4'" . DA  C 1 9  ? 34.557  -2.878  -21.452 0.56 54.91  ? 33  DA  C "C4'" 1 
ATOM   656  O "O4'" . DA  C 1 9  ? 33.689  -3.683  -22.264 0.56 54.91  ? 33  DA  C "O4'" 1 
ATOM   657  C "C3'" . DA  C 1 9  ? 35.952  -3.483  -21.522 0.56 54.91  ? 33  DA  C "C3'" 1 
ATOM   658  O "O3'" . DA  C 1 9  ? 36.103  -4.331  -20.383 0.56 54.91  ? 33  DA  C "O3'" 1 
ATOM   659  C "C2'" . DA  C 1 9  ? 35.881  -4.269  -22.819 0.56 54.91  ? 33  DA  C "C2'" 1 
ATOM   660  C "C1'" . DA  C 1 9  ? 34.440  -4.737  -22.868 0.56 54.91  ? 33  DA  C "C1'" 1 
ATOM   661  N N9    . DA  C 1 9  ? 33.944  -4.945  -24.251 0.56 54.91  ? 33  DA  C N9    1 
ATOM   662  C C8    . DA  C 1 9  ? 34.169  -4.232  -25.404 0.56 54.91  ? 33  DA  C C8    1 
ATOM   663  N N7    . DA  C 1 9  ? 33.550  -4.703  -26.453 0.56 54.91  ? 33  DA  C N7    1 
ATOM   664  C C5    . DA  C 1 9  ? 32.867  -5.807  -25.961 0.56 54.91  ? 33  DA  C C5    1 
ATOM   665  C C6    . DA  C 1 9  ? 32.007  -6.746  -26.564 0.56 54.91  ? 33  DA  C C6    1 
ATOM   666  N N6    . DA  C 1 9  ? 31.682  -6.718  -27.855 0.56 54.91  ? 33  DA  C N6    1 
ATOM   667  N N1    . DA  C 1 9  ? 31.493  -7.704  -25.789 0.56 54.91  ? 33  DA  C N1    1 
ATOM   668  C C2    . DA  C 1 9  ? 31.818  -7.728  -24.499 0.56 54.91  ? 33  DA  C C2    1 
ATOM   669  N N3    . DA  C 1 9  ? 32.604  -6.918  -23.812 0.56 54.91  ? 33  DA  C N3    1 
ATOM   670  C C4    . DA  C 1 9  ? 33.105  -5.960  -24.619 0.56 54.91  ? 33  DA  C C4    1 
ATOM   671  P P     . DA  C 1 10 ? 37.543  -4.776  -19.820 0.56 112.41 ? 34  DA  C P     1 
ATOM   672  O OP1   . DA  C 1 10 ? 37.515  -4.637  -18.347 0.56 112.41 ? 34  DA  C OP1   1 
ATOM   673  O OP2   . DA  C 1 10 ? 38.602  -4.090  -20.595 0.56 112.41 ? 34  DA  C OP2   1 
ATOM   674  O "O5'" . DA  C 1 10 ? 37.593  -6.331  -20.185 0.56 112.41 ? 34  DA  C "O5'" 1 
ATOM   675  C "C5'" . DA  C 1 10 ? 36.530  -7.174  -19.745 0.56 112.41 ? 34  DA  C "C5'" 1 
ATOM   676  C "C4'" . DA  C 1 10 ? 36.159  -8.198  -20.804 0.56 112.41 ? 34  DA  C "C4'" 1 
ATOM   677  O "O4'" . DA  C 1 10 ? 35.831  -7.613  -22.067 0.56 112.41 ? 34  DA  C "O4'" 1 
ATOM   678  C "C3'" . DA  C 1 10 ? 37.356  -9.079  -21.059 0.56 112.41 ? 34  DA  C "C3'" 1 
ATOM   679  O "O3'" . DA  C 1 10 ? 37.134  -10.239 -20.265 0.56 112.41 ? 34  DA  C "O3'" 1 
ATOM   680  C "C2'" . DA  C 1 10 ? 37.278  -9.324  -22.551 0.56 112.41 ? 34  DA  C "C2'" 1 
ATOM   681  C "C1'" . DA  C 1 10 ? 35.958  -8.722  -22.961 0.56 112.41 ? 34  DA  C "C1'" 1 
ATOM   682  N N9    . DA  C 1 10 ? 35.973  -8.277  -24.373 0.56 112.41 ? 34  DA  C N9    1 
ATOM   683  C C8    . DA  C 1 10 ? 36.677  -7.268  -24.981 0.56 112.41 ? 34  DA  C C8    1 
ATOM   684  N N7    . DA  C 1 10 ? 36.405  -7.127  -26.252 0.56 112.41 ? 34  DA  C N7    1 
ATOM   685  C C5    . DA  C 1 10 ? 35.456  -8.114  -26.501 0.56 112.41 ? 34  DA  C C5    1 
ATOM   686  C C6    . DA  C 1 10 ? 34.759  -8.488  -27.662 0.56 112.41 ? 34  DA  C C6    1 
ATOM   687  N N6    . DA  C 1 10 ? 34.904  -7.876  -28.834 0.56 112.41 ? 34  DA  C N6    1 
ATOM   688  N N1    . DA  C 1 10 ? 33.898  -9.507  -27.552 0.56 112.41 ? 34  DA  C N1    1 
ATOM   689  C C2    . DA  C 1 10 ? 33.744  -10.103 -26.373 0.56 112.41 ? 34  DA  C C2    1 
ATOM   690  N N3    . DA  C 1 10 ? 34.330  -9.849  -25.223 0.56 112.41 ? 34  DA  C N3    1 
ATOM   691  C C4    . DA  C 1 10 ? 35.192  -8.821  -25.362 0.56 112.41 ? 34  DA  C C4    1 
ATOM   692  P P     . DC  C 1 11 ? 38.296  -11.286 -19.952 0.56 44.62  ? 35  DC  C P     1 
ATOM   693  O OP1   . DC  C 1 11 ? 37.855  -12.115 -18.803 0.56 44.62  ? 35  DC  C OP1   1 
ATOM   694  O OP2   . DC  C 1 11 ? 39.582  -10.555 -19.866 0.56 44.62  ? 35  DC  C OP2   1 
ATOM   695  O "O5'" . DC  C 1 11 ? 38.323  -12.185 -21.271 0.56 44.62  ? 35  DC  C "O5'" 1 
ATOM   696  C "C5'" . DC  C 1 11 ? 37.308  -13.161 -21.493 0.56 44.62  ? 35  DC  C "C5'" 1 
ATOM   697  C "C4'" . DC  C 1 11 ? 37.213  -13.514 -22.959 0.56 44.62  ? 35  DC  C "C4'" 1 
ATOM   698  O "O4'" . DC  C 1 11 ? 36.903  -12.373 -23.755 0.56 44.62  ? 35  DC  C "O4'" 1 
ATOM   699  C "C3'" . DC  C 1 11 ? 38.554  -13.984 -23.484 0.56 44.62  ? 35  DC  C "C3'" 1 
ATOM   700  O "O3'" . DC  C 1 11 ? 38.714  -15.366 -23.118 0.56 44.62  ? 35  DC  C "O3'" 1 
ATOM   701  C "C2'" . DC  C 1 11 ? 38.329  -13.777 -24.963 0.56 44.62  ? 35  DC  C "C2'" 1 
ATOM   702  C "C1'" . DC  C 1 11 ? 37.147  -12.840 -25.085 0.56 44.62  ? 35  DC  C "C1'" 1 
ATOM   703  N N1    . DC  C 1 11 ? 37.491  -11.750 -26.028 0.56 44.62  ? 35  DC  C N1    1 
ATOM   704  C C2    . DC  C 1 11 ? 36.824  -11.728 -27.231 0.56 44.62  ? 35  DC  C C2    1 
ATOM   705  O O2    . DC  C 1 11 ? 35.979  -12.561 -27.537 0.56 44.62  ? 35  DC  C O2    1 
ATOM   706  N N3    . DC  C 1 11 ? 37.115  -10.755 -28.122 0.56 44.62  ? 35  DC  C N3    1 
ATOM   707  C C4    . DC  C 1 11 ? 38.029  -9.825  -27.857 0.56 44.62  ? 35  DC  C C4    1 
ATOM   708  N N4    . DC  C 1 11 ? 38.249  -8.882  -28.771 0.56 44.62  ? 35  DC  C N4    1 
ATOM   709  C C5    . DC  C 1 11 ? 38.737  -9.826  -26.616 0.56 44.62  ? 35  DC  C C5    1 
ATOM   710  C C6    . DC  C 1 11 ? 38.432  -10.806 -25.737 0.56 44.62  ? 35  DC  C C6    1 
ATOM   711  P P     . DG  C 1 12 ? 39.926  -16.307 -23.610 0.56 63.95  ? 36  DG  C P     1 
ATOM   712  O OP1   . DG  C 1 12 ? 39.824  -17.576 -22.850 0.56 63.95  ? 36  DG  C OP1   1 
ATOM   713  O OP2   . DG  C 1 12 ? 41.180  -15.517 -23.561 0.56 63.95  ? 36  DG  C OP2   1 
ATOM   714  O "O5'" . DG  C 1 12 ? 39.588  -16.639 -25.163 0.56 63.95  ? 36  DG  C "O5'" 1 
ATOM   715  C "C5'" . DG  C 1 12 ? 38.433  -17.439 -25.448 0.56 63.95  ? 36  DG  C "C5'" 1 
ATOM   716  C "C4'" . DG  C 1 12 ? 38.002  -17.503 -26.917 0.56 63.95  ? 36  DG  C "C4'" 1 
ATOM   717  O "O4'" . DG  C 1 12 ? 37.793  -16.186 -27.444 0.56 63.95  ? 36  DG  C "O4'" 1 
ATOM   718  C "C3'" . DG  C 1 12 ? 39.048  -18.206 -27.773 0.56 63.95  ? 36  DG  C "C3'" 1 
ATOM   719  O "O3'" . DG  C 1 12 ? 38.401  -19.187 -28.583 0.56 63.95  ? 36  DG  C "O3'" 1 
ATOM   720  C "C2'" . DG  C 1 12 ? 39.567  -17.084 -28.640 0.56 63.95  ? 36  DG  C "C2'" 1 
ATOM   721  C "C1'" . DG  C 1 12 ? 38.413  -16.110 -28.734 0.56 63.95  ? 36  DG  C "C1'" 1 
ATOM   722  N N9    . DG  C 1 12 ? 38.886  -14.731 -28.957 0.56 63.95  ? 36  DG  C N9    1 
ATOM   723  C C8    . DG  C 1 12 ? 39.698  -13.966 -28.157 0.56 63.95  ? 36  DG  C C8    1 
ATOM   724  N N7    . DG  C 1 12 ? 39.934  -12.772 -28.616 0.56 63.95  ? 36  DG  C N7    1 
ATOM   725  C C5    . DG  C 1 12 ? 39.227  -12.742 -29.812 0.56 63.95  ? 36  DG  C C5    1 
ATOM   726  C C6    . DG  C 1 12 ? 39.114  -11.696 -30.756 0.56 63.95  ? 36  DG  C C6    1 
ATOM   727  O O6    . DG  C 1 12 ? 39.611  -10.575 -30.697 0.56 63.95  ? 36  DG  C O6    1 
ATOM   728  N N1    . DG  C 1 12 ? 38.323  -12.057 -31.828 0.56 63.95  ? 36  DG  C N1    1 
ATOM   729  C C2    . DG  C 1 12 ? 37.708  -13.280 -31.978 0.56 63.95  ? 36  DG  C C2    1 
ATOM   730  N N2    . DG  C 1 12 ? 36.986  -13.461 -33.079 0.56 63.95  ? 36  DG  C N2    1 
ATOM   731  N N3    . DG  C 1 12 ? 37.807  -14.273 -31.087 0.56 63.95  ? 36  DG  C N3    1 
ATOM   732  C C4    . DG  C 1 12 ? 38.584  -13.934 -30.030 0.56 63.95  ? 36  DG  C C4    1 
ATOM   733  O "O5'" . DC  D 2 1  ? 37.869  -7.289  -39.287 0.56 64.00  ? 37  DC  D "O5'" 1 
ATOM   734  C "C5'" . DC  D 2 1  ? 36.568  -7.045  -38.728 0.56 64.00  ? 37  DC  D "C5'" 1 
ATOM   735  C "C4'" . DC  D 2 1  ? 35.780  -8.356  -38.550 0.56 64.00  ? 37  DC  D "C4'" 1 
ATOM   736  O "O4'" . DC  D 2 1  ? 36.637  -9.254  -37.819 0.56 64.00  ? 37  DC  D "O4'" 1 
ATOM   737  C "C3'" . DC  D 2 1  ? 34.492  -8.193  -37.721 0.56 64.00  ? 37  DC  D "C3'" 1 
ATOM   738  O "O3'" . DC  D 2 1  ? 33.568  -9.276  -37.935 0.56 64.00  ? 37  DC  D "O3'" 1 
ATOM   739  C "C2'" . DC  D 2 1  ? 35.073  -8.339  -36.338 0.56 64.00  ? 37  DC  D "C2'" 1 
ATOM   740  C "C1'" . DC  D 2 1  ? 36.153  -9.401  -36.475 0.56 64.00  ? 37  DC  D "C1'" 1 
ATOM   741  N N1    . DC  D 2 1  ? 37.193  -9.149  -35.441 0.56 64.00  ? 37  DC  D N1    1 
ATOM   742  C C2    . DC  D 2 1  ? 37.359  -10.087 -34.436 0.56 64.00  ? 37  DC  D C2    1 
ATOM   743  O O2    . DC  D 2 1  ? 36.729  -11.144 -34.411 0.56 64.00  ? 37  DC  D O2    1 
ATOM   744  N N3    . DC  D 2 1  ? 38.247  -9.851  -33.451 0.56 64.00  ? 37  DC  D N3    1 
ATOM   745  C C4    . DC  D 2 1  ? 38.974  -8.730  -33.432 0.56 64.00  ? 37  DC  D C4    1 
ATOM   746  N N4    . DC  D 2 1  ? 39.830  -8.544  -32.432 0.56 64.00  ? 37  DC  D N4    1 
ATOM   747  C C5    . DC  D 2 1  ? 38.834  -7.745  -34.462 0.56 64.00  ? 37  DC  D C5    1 
ATOM   748  C C6    . DC  D 2 1  ? 37.942  -7.997  -35.433 0.56 64.00  ? 37  DC  D C6    1 
ATOM   749  P P     . DG  D 2 2  ? 32.046  -9.301  -37.362 0.56 48.87  ? 38  DG  D P     1 
ATOM   750  O OP1   . DG  D 2 2  ? 31.118  -9.372  -38.510 0.56 48.87  ? 38  DG  D OP1   1 
ATOM   751  O OP2   . DG  D 2 2  ? 31.886  -8.204  -36.375 0.56 48.87  ? 38  DG  D OP2   1 
ATOM   752  O "O5'" . DG  D 2 2  ? 31.975  -10.686 -36.588 0.56 48.87  ? 38  DG  D "O5'" 1 
ATOM   753  C "C5'" . DG  D 2 2  ? 31.848  -11.922 -37.293 0.56 48.87  ? 38  DG  D "C5'" 1 
ATOM   754  C "C4'" . DG  D 2 2  ? 31.591  -13.106 -36.356 0.56 48.87  ? 38  DG  D "C4'" 1 
ATOM   755  O "O4'" . DG  D 2 2  ? 32.717  -13.300 -35.473 0.56 48.87  ? 38  DG  D "O4'" 1 
ATOM   756  C "C3'" . DG  D 2 2  ? 30.368  -12.833 -35.495 0.56 48.87  ? 38  DG  D "C3'" 1 
ATOM   757  O "O3'" . DG  D 2 2  ? 29.566  -13.979 -35.251 0.56 48.87  ? 38  DG  D "O3'" 1 
ATOM   758  C "C2'" . DG  D 2 2  ? 30.972  -12.450 -34.177 0.56 48.87  ? 38  DG  D "C2'" 1 
ATOM   759  C "C1'" . DG  D 2 2  ? 32.354  -13.048 -34.111 0.56 48.87  ? 38  DG  D "C1'" 1 
ATOM   760  N N9    . DG  D 2 2  ? 33.225  -12.041 -33.487 0.56 48.87  ? 38  DG  D N9    1 
ATOM   761  C C8    . DG  D 2 2  ? 33.517  -10.781 -33.936 0.56 48.87  ? 38  DG  D C8    1 
ATOM   762  N N7    . DG  D 2 2  ? 34.307  -10.109 -33.159 0.56 48.87  ? 38  DG  D N7    1 
ATOM   763  C C5    . DG  D 2 2  ? 34.562  -10.991 -32.118 0.56 48.87  ? 38  DG  D C5    1 
ATOM   764  C C6    . DG  D 2 2  ? 35.369  -10.808 -30.974 0.56 48.87  ? 38  DG  D C6    1 
ATOM   765  O O6    . DG  D 2 2  ? 36.046  -9.828  -30.678 0.56 48.87  ? 38  DG  D O6    1 
ATOM   766  N N1    . DG  D 2 2  ? 35.354  -11.937 -30.170 0.56 48.87  ? 38  DG  D N1    1 
ATOM   767  C C2    . DG  D 2 2  ? 34.658  -13.102 -30.427 0.56 48.87  ? 38  DG  D C2    1 
ATOM   768  N N2    . DG  D 2 2  ? 34.752  -14.092 -29.543 0.56 48.87  ? 38  DG  D N2    1 
ATOM   769  N N3    . DG  D 2 2  ? 33.902  -13.271 -31.510 0.56 48.87  ? 38  DG  D N3    1 
ATOM   770  C C4    . DG  D 2 2  ? 33.902  -12.175 -32.308 0.56 48.87  ? 38  DG  D C4    1 
ATOM   771  P P     . DT  D 2 3  ? 28.141  -13.753 -34.548 0.56 31.81  ? 39  DT  D P     1 
ATOM   772  O OP1   . DT  D 2 3  ? 27.259  -14.838 -35.045 0.56 31.81  ? 39  DT  D OP1   1 
ATOM   773  O OP2   . DT  D 2 3  ? 27.753  -12.338 -34.739 0.56 31.81  ? 39  DT  D OP2   1 
ATOM   774  O "O5'" . DT  D 2 3  ? 28.375  -13.959 -32.984 0.56 31.81  ? 39  DT  D "O5'" 1 
ATOM   775  C "C5'" . DT  D 2 3  ? 28.588  -15.269 -32.452 0.56 31.81  ? 39  DT  D "C5'" 1 
ATOM   776  C "C4'" . DT  D 2 3  ? 29.137  -15.151 -31.064 0.56 31.81  ? 39  DT  D "C4'" 1 
ATOM   777  O "O4'" . DT  D 2 3  ? 30.252  -14.257 -31.117 0.56 31.81  ? 39  DT  D "O4'" 1 
ATOM   778  C "C3'" . DT  D 2 3  ? 28.152  -14.500 -30.126 0.56 31.81  ? 39  DT  D "C3'" 1 
ATOM   779  O "O3'" . DT  D 2 3  ? 27.364  -15.520 -29.481 0.56 31.81  ? 39  DT  D "O3'" 1 
ATOM   780  C "C2'" . DT  D 2 3  ? 29.068  -13.798 -29.151 0.56 31.81  ? 39  DT  D "C2'" 1 
ATOM   781  C "C1'" . DT  D 2 3  ? 30.401  -13.650 -29.831 0.56 31.81  ? 39  DT  D "C1'" 1 
ATOM   782  N N1    . DT  D 2 3  ? 30.795  -12.222 -29.972 0.56 31.81  ? 39  DT  D N1    1 
ATOM   783  C C2    . DT  D 2 3  ? 31.727  -11.730 -29.081 0.56 31.81  ? 39  DT  D C2    1 
ATOM   784  O O2    . DT  D 2 3  ? 32.158  -12.366 -28.127 0.56 31.81  ? 39  DT  D O2    1 
ATOM   785  N N3    . DT  D 2 3  ? 32.151  -10.442 -29.284 0.56 31.81  ? 39  DT  D N3    1 
ATOM   786  C C4    . DT  D 2 3  ? 31.738  -9.593  -30.280 0.56 31.81  ? 39  DT  D C4    1 
ATOM   787  O O4    . DT  D 2 3  ? 32.238  -8.472  -30.370 0.56 31.81  ? 39  DT  D O4    1 
ATOM   788  C C5    . DT  D 2 3  ? 30.750  -10.167 -31.164 0.56 31.81  ? 39  DT  D C5    1 
ATOM   789  C C7    . DT  D 2 3  ? 30.181  -9.328  -32.307 0.56 31.81  ? 39  DT  D C7    1 
ATOM   790  C C6    . DT  D 2 3  ? 30.319  -11.435 -30.988 0.56 31.81  ? 39  DT  D C6    1 
ATOM   791  P P     . DT  D 2 4  ? 26.146  -15.139 -28.483 0.56 40.71  ? 40  DT  D P     1 
ATOM   792  O OP1   . DT  D 2 4  ? 25.319  -16.335 -28.219 0.56 40.71  ? 40  DT  D OP1   1 
ATOM   793  O OP2   . DT  D 2 4  ? 25.500  -13.884 -28.939 0.56 40.71  ? 40  DT  D OP2   1 
ATOM   794  O "O5'" . DT  D 2 4  ? 26.885  -14.773 -27.132 0.56 40.71  ? 40  DT  D "O5'" 1 
ATOM   795  C "C5'" . DT  D 2 4  ? 27.675  -15.718 -26.427 0.56 40.71  ? 40  DT  D "C5'" 1 
ATOM   796  C "C4'" . DT  D 2 4  ? 28.345  -14.997 -25.293 0.56 40.71  ? 40  DT  D "C4'" 1 
ATOM   797  O "O4'" . DT  D 2 4  ? 29.044  -13.852 -25.817 0.56 40.71  ? 40  DT  D "O4'" 1 
ATOM   798  C "C3'" . DT  D 2 4  ? 27.318  -14.472 -24.319 0.56 40.71  ? 40  DT  D "C3'" 1 
ATOM   799  O "O3'" . DT  D 2 4  ? 27.799  -14.675 -23.012 0.56 40.71  ? 40  DT  D "O3'" 1 
ATOM   800  C "C2'" . DT  D 2 4  ? 27.262  -12.996 -24.628 0.56 40.71  ? 40  DT  D "C2'" 1 
ATOM   801  C "C1'" . DT  D 2 4  ? 28.668  -12.674 -25.084 0.56 40.71  ? 40  DT  D "C1'" 1 
ATOM   802  N N1    . DT  D 2 4  ? 28.744  -11.524 -26.012 0.56 40.71  ? 40  DT  D N1    1 
ATOM   803  C C2    . DT  D 2 4  ? 29.808  -10.656 -25.872 0.56 40.71  ? 40  DT  D C2    1 
ATOM   804  O O2    . DT  D 2 4  ? 30.657  -10.739 -24.994 0.56 40.71  ? 40  DT  D O2    1 
ATOM   805  N N3    . DT  D 2 4  ? 29.885  -9.636  -26.795 0.56 40.71  ? 40  DT  D N3    1 
ATOM   806  C C4    . DT  D 2 4  ? 29.006  -9.404  -27.832 0.56 40.71  ? 40  DT  D C4    1 
ATOM   807  O O4    . DT  D 2 4  ? 29.202  -8.466  -28.600 0.56 40.71  ? 40  DT  D O4    1 
ATOM   808  C C5    . DT  D 2 4  ? 27.916  -10.352 -27.901 0.56 40.71  ? 40  DT  D C5    1 
ATOM   809  C C7    . DT  D 2 4  ? 26.855  -10.223 -28.990 0.56 40.71  ? 40  DT  D C7    1 
ATOM   810  C C6    . DT  D 2 4  ? 27.823  -11.356 -27.011 0.56 40.71  ? 40  DT  D C6    1 
ATOM   811  P P     . DT  D 2 5  ? 26.780  -15.118 -21.883 0.56 39.51  ? 41  DT  D P     1 
ATOM   812  O OP1   . DT  D 2 5  ? 27.278  -16.400 -21.332 0.56 39.51  ? 41  DT  D OP1   1 
ATOM   813  O OP2   . DT  D 2 5  ? 25.388  -15.016 -22.392 0.56 39.51  ? 41  DT  D OP2   1 
ATOM   814  O "O5'" . DT  D 2 5  ? 26.961  -13.982 -20.785 0.56 39.51  ? 41  DT  D "O5'" 1 
ATOM   815  C "C5'" . DT  D 2 5  ? 28.276  -13.712 -20.312 0.56 39.51  ? 41  DT  D "C5'" 1 
ATOM   816  C "C4'" . DT  D 2 5  ? 28.564  -12.223 -20.303 0.56 39.51  ? 41  DT  D "C4'" 1 
ATOM   817  O "O4'" . DT  D 2 5  ? 28.312  -11.601 -21.551 0.56 39.51  ? 41  DT  D "O4'" 1 
ATOM   818  C "C3'" . DT  D 2 5  ? 27.635  -11.532 -19.348 0.56 39.51  ? 41  DT  D "C3'" 1 
ATOM   819  O "O3'" . DT  D 2 5  ? 28.405  -11.485 -18.142 0.56 39.51  ? 41  DT  D "O3'" 1 
ATOM   820  C "C2'" . DT  D 2 5  ? 27.397  -10.204 -20.064 0.56 39.51  ? 41  DT  D "C2'" 1 
ATOM   821  C "C1'" . DT  D 2 5  ? 28.383  -10.215 -21.200 0.56 39.51  ? 41  DT  D "C1'" 1 
ATOM   822  N N1    . DT  D 2 5  ? 27.997  -9.391  -22.379 0.56 39.51  ? 41  DT  D N1    1 
ATOM   823  C C2    . DT  D 2 5  ? 28.829  -8.329  -22.758 0.56 39.51  ? 41  DT  D C2    1 
ATOM   824  O O2    . DT  D 2 5  ? 29.835  -7.978  -22.146 0.56 39.51  ? 41  DT  D O2    1 
ATOM   825  N N3    . DT  D 2 5  ? 28.467  -7.651  -23.913 0.56 39.51  ? 41  DT  D N3    1 
ATOM   826  C C4    . DT  D 2 5  ? 27.372  -7.930  -24.711 0.56 39.51  ? 41  DT  D C4    1 
ATOM   827  O O4    . DT  D 2 5  ? 27.152  -7.268  -25.726 0.56 39.51  ? 41  DT  D O4    1 
ATOM   828  C C5    . DT  D 2 5  ? 26.569  -9.040  -24.238 0.56 39.51  ? 41  DT  D C5    1 
ATOM   829  C C7    . DT  D 2 5  ? 25.340  -9.475  -25.021 0.56 39.51  ? 41  DT  D C7    1 
ATOM   830  C C6    . DT  D 2 5  ? 26.892  -9.714  -23.122 0.56 39.51  ? 41  DT  D C6    1 
ATOM   831  P P     . DT  D 2 6  ? 27.964  -10.666 -16.856 0.56 51.85  ? 42  DT  D P     1 
ATOM   832  O OP1   . DT  D 2 6  ? 28.794  -11.132 -15.724 0.56 51.85  ? 42  DT  D OP1   1 
ATOM   833  O OP2   . DT  D 2 6  ? 26.487  -10.719 -16.750 0.56 51.85  ? 42  DT  D OP2   1 
ATOM   834  O "O5'" . DT  D 2 6  ? 28.375  -9.174  -17.226 0.56 51.85  ? 42  DT  D "O5'" 1 
ATOM   835  C "C5'" . DT  D 2 6  ? 29.737  -8.754  -17.291 0.56 51.85  ? 42  DT  D "C5'" 1 
ATOM   836  C "C4'" . DT  D 2 6  ? 29.783  -7.324  -17.776 0.56 51.85  ? 42  DT  D "C4'" 1 
ATOM   837  O "O4'" . DT  D 2 6  ? 29.173  -7.224  -19.079 0.56 51.85  ? 42  DT  D "O4'" 1 
ATOM   838  C "C3'" . DT  D 2 6  ? 28.957  -6.445  -16.837 0.56 51.85  ? 42  DT  D "C3'" 1 
ATOM   839  O "O3'" . DT  D 2 6  ? 29.759  -5.382  -16.319 0.56 51.85  ? 42  DT  D "O3'" 1 
ATOM   840  C "C2'" . DT  D 2 6  ? 27.900  -5.897  -17.771 0.56 51.85  ? 42  DT  D "C2'" 1 
ATOM   841  C "C1'" . DT  D 2 6  ? 28.524  -5.953  -19.137 0.56 51.85  ? 42  DT  D "C1'" 1 
ATOM   842  N N1    . DT  D 2 6  ? 27.494  -5.928  -20.207 0.56 51.85  ? 42  DT  D N1    1 
ATOM   843  C C2    . DT  D 2 6  ? 27.630  -4.988  -21.215 0.56 51.85  ? 42  DT  D C2    1 
ATOM   844  O O2    . DT  D 2 6  ? 28.492  -4.111  -21.228 0.56 51.85  ? 42  DT  D O2    1 
ATOM   845  N N3    . DT  D 2 6  ? 26.691  -5.032  -22.226 0.56 51.85  ? 42  DT  D N3    1 
ATOM   846  C C4    . DT  D 2 6  ? 25.639  -5.910  -22.319 0.56 51.85  ? 42  DT  D C4    1 
ATOM   847  O O4    . DT  D 2 6  ? 24.899  -5.845  -23.299 0.56 51.85  ? 42  DT  D O4    1 
ATOM   848  C C5    . DT  D 2 6  ? 25.560  -6.851  -21.224 0.56 51.85  ? 42  DT  D C5    1 
ATOM   849  C C7    . DT  D 2 6  ? 24.454  -7.896  -21.184 0.56 51.85  ? 42  DT  D C7    1 
ATOM   850  C C6    . DT  D 2 6  ? 26.464  -6.832  -20.229 0.56 51.85  ? 42  DT  D C6    1 
ATOM   851  P P     . DT  D 2 7  ? 29.224  -4.419  -15.147 0.56 57.38  ? 43  DT  D P     1 
ATOM   852  O OP1   . DT  D 2 7  ? 30.158  -4.562  -14.007 0.56 57.38  ? 43  DT  D OP1   1 
ATOM   853  O OP2   . DT  D 2 7  ? 27.771  -4.647  -14.939 0.56 57.38  ? 43  DT  D OP2   1 
ATOM   854  O "O5'" . DT  D 2 7  ? 29.392  -2.944  -15.752 0.56 57.38  ? 43  DT  D "O5'" 1 
ATOM   855  C "C5'" . DT  D 2 7  ? 30.690  -2.528  -16.179 0.56 57.38  ? 43  DT  D "C5'" 1 
ATOM   856  C "C4'" . DT  D 2 7  ? 30.636  -1.511  -17.314 0.56 57.38  ? 43  DT  D "C4'" 1 
ATOM   857  O "O4'" . DT  D 2 7  ? 29.797  -2.031  -18.367 0.56 57.38  ? 43  DT  D "O4'" 1 
ATOM   858  C "C3'" . DT  D 2 7  ? 30.041  -0.178  -16.863 0.56 57.38  ? 43  DT  D "C3'" 1 
ATOM   859  O "O3'" . DT  D 2 7  ? 30.812  0.863   -17.477 0.56 57.38  ? 43  DT  D "O3'" 1 
ATOM   860  C "C2'" . DT  D 2 7  ? 28.646  -0.257  -17.447 0.56 57.38  ? 43  DT  D "C2'" 1 
ATOM   861  C "C1'" . DT  D 2 7  ? 28.860  -1.011  -18.743 0.56 57.38  ? 43  DT  D "C1'" 1 
ATOM   862  N N1    . DT  D 2 7  ? 27.588  -1.597  -19.258 0.56 57.38  ? 43  DT  D N1    1 
ATOM   863  C C2    . DT  D 2 7  ? 27.165  -1.187  -20.518 0.56 57.38  ? 43  DT  D C2    1 
ATOM   864  O O2    . DT  D 2 7  ? 27.769  -0.381  -21.219 0.56 57.38  ? 43  DT  D O2    1 
ATOM   865  N N3    . DT  D 2 7  ? 25.982  -1.729  -20.974 0.56 57.38  ? 43  DT  D N3    1 
ATOM   866  C C4    . DT  D 2 7  ? 25.184  -2.630  -20.302 0.56 57.38  ? 43  DT  D C4    1 
ATOM   867  O O4    . DT  D 2 7  ? 24.148  -3.046  -20.817 0.56 57.38  ? 43  DT  D O4    1 
ATOM   868  C C5    . DT  D 2 7  ? 25.692  -3.002  -19.002 0.56 57.38  ? 43  DT  D C5    1 
ATOM   869  C C7    . DT  D 2 7  ? 24.885  -3.968  -18.149 0.56 57.38  ? 43  DT  D C7    1 
ATOM   870  C C6    . DT  D 2 7  ? 26.848  -2.492  -18.530 0.56 57.38  ? 43  DT  D C6    1 
ATOM   871  P P     . DT  D 2 8  ? 30.666  2.419   -17.095 0.56 45.29  ? 44  DT  D P     1 
ATOM   872  O OP1   . DT  D 2 8  ? 31.965  3.056   -17.403 0.56 45.29  ? 44  DT  D OP1   1 
ATOM   873  O OP2   . DT  D 2 8  ? 30.109  2.511   -15.731 0.56 45.29  ? 44  DT  D OP2   1 
ATOM   874  O "O5'" . DT  D 2 8  ? 29.562  2.963   -18.090 0.56 45.29  ? 44  DT  D "O5'" 1 
ATOM   875  C "C5'" . DT  D 2 8  ? 29.890  3.163   -19.463 0.56 45.29  ? 44  DT  D "C5'" 1 
ATOM   876  C "C4'" . DT  D 2 8  ? 28.652  3.500   -20.263 0.56 45.29  ? 44  DT  D "C4'" 1 
ATOM   877  O "O4'" . DT  D 2 8  ? 27.697  2.451   -20.147 0.56 45.29  ? 44  DT  D "O4'" 1 
ATOM   878  C "C3'" . DT  D 2 8  ? 27.983  4.751   -19.731 0.56 45.29  ? 44  DT  D "C3'" 1 
ATOM   879  O "O3'" . DT  D 2 8  ? 28.240  5.752   -20.717 0.56 45.29  ? 44  DT  D "O3'" 1 
ATOM   880  C "C2'" . DT  D 2 8  ? 26.535  4.348   -19.600 0.56 45.29  ? 44  DT  D "C2'" 1 
ATOM   881  C "C1'" . DT  D 2 8  ? 26.441  3.075   -20.392 0.56 45.29  ? 44  DT  D "C1'" 1 
ATOM   882  N N1    . DT  D 2 8  ? 25.378  2.173   -19.916 0.56 45.29  ? 44  DT  D N1    1 
ATOM   883  C C2    . DT  D 2 8  ? 24.281  1.994   -20.734 0.56 45.29  ? 44  DT  D C2    1 
ATOM   884  O O2    . DT  D 2 8  ? 24.093  2.620   -21.775 0.56 45.29  ? 44  DT  D O2    1 
ATOM   885  N N3    . DT  D 2 8  ? 23.348  1.086   -20.299 0.56 45.29  ? 44  DT  D N3    1 
ATOM   886  C C4    . DT  D 2 8  ? 23.396  0.349   -19.131 0.56 45.29  ? 44  DT  D C4    1 
ATOM   887  O O4    . DT  D 2 8  ? 22.502  -0.458  -18.875 0.56 45.29  ? 44  DT  D O4    1 
ATOM   888  C C5    . DT  D 2 8  ? 24.574  0.612   -18.328 0.56 45.29  ? 44  DT  D C5    1 
ATOM   889  C C7    . DT  D 2 8  ? 24.763  -0.083  -16.983 0.56 45.29  ? 44  DT  D C7    1 
ATOM   890  C C6    . DT  D 2 8  ? 25.503  1.490   -18.736 0.56 45.29  ? 44  DT  D C6    1 
ATOM   891  P P     . DC  D 2 9  ? 27.609  7.222   -20.716 0.56 40.48  ? 45  DC  D P     1 
ATOM   892  O OP1   . DC  D 2 9  ? 28.435  8.095   -21.586 0.56 40.48  ? 45  DC  D OP1   1 
ATOM   893  O OP2   . DC  D 2 9  ? 27.329  7.613   -19.320 0.56 40.48  ? 45  DC  D OP2   1 
ATOM   894  O "O5'" . DC  D 2 9  ? 26.217  6.910   -21.449 0.56 40.48  ? 45  DC  D "O5'" 1 
ATOM   895  C "C5'" . DC  D 2 9  ? 26.191  6.837   -22.875 0.56 40.48  ? 45  DC  D "C5'" 1 
ATOM   896  C "C4'" . DC  D 2 9  ? 24.830  7.177   -23.467 0.56 40.48  ? 45  DC  D "C4'" 1 
ATOM   897  O "O4'" . DC  D 2 9  ? 23.904  6.108   -23.255 0.56 40.48  ? 45  DC  D "O4'" 1 
ATOM   898  C "C3'" . DC  D 2 9  ? 24.284  8.437   -22.809 0.56 40.48  ? 45  DC  D "C3'" 1 
ATOM   899  O "O3'" . DC  D 2 9  ? 23.905  9.360   -23.830 0.56 40.48  ? 45  DC  D "O3'" 1 
ATOM   900  C "C2'" . DC  D 2 9  ? 23.088  7.943   -22.032 0.56 40.48  ? 45  DC  D "C2'" 1 
ATOM   901  C "C1'" . DC  D 2 9  ? 22.728  6.574   -22.579 0.56 40.48  ? 45  DC  D "C1'" 1 
ATOM   902  N N1    . DC  D 2 9  ? 22.362  5.634   -21.475 0.56 40.48  ? 45  DC  D N1    1 
ATOM   903  C C2    . DC  D 2 9  ? 21.347  4.713   -21.699 0.56 40.48  ? 45  DC  D C2    1 
ATOM   904  O O2    . DC  D 2 9  ? 20.727  4.648   -22.761 0.56 40.48  ? 45  DC  D O2    1 
ATOM   905  N N3    . DC  D 2 9  ? 21.019  3.856   -20.693 0.56 40.48  ? 45  DC  D N3    1 
ATOM   906  C C4    . DC  D 2 9  ? 21.648  3.891   -19.514 0.56 40.48  ? 45  DC  D C4    1 
ATOM   907  N N4    . DC  D 2 9  ? 21.279  3.017   -18.580 0.56 40.48  ? 45  DC  D N4    1 
ATOM   908  C C5    . DC  D 2 9  ? 22.695  4.830   -19.258 0.56 40.48  ? 45  DC  D C5    1 
ATOM   909  C C6    . DC  D 2 9  ? 23.013  5.674   -20.263 0.56 40.48  ? 45  DC  D C6    1 
ATOM   910  P P     . DG  D 2 10 ? 23.216  10.785  -23.541 0.56 59.40  ? 46  DG  D P     1 
ATOM   911  O OP1   . DG  D 2 10 ? 23.637  11.704  -24.621 0.56 59.40  ? 46  DG  D OP1   1 
ATOM   912  O OP2   . DG  D 2 10 ? 23.410  11.166  -22.117 0.56 59.40  ? 46  DG  D OP2   1 
ATOM   913  O "O5'" . DG  D 2 10 ? 21.674  10.402  -23.761 0.56 59.40  ? 46  DG  D "O5'" 1 
ATOM   914  C "C5'" . DG  D 2 10 ? 21.277  9.757   -24.978 0.56 59.40  ? 46  DG  D "C5'" 1 
ATOM   915  C "C4'" . DG  D 2 10 ? 19.967  8.980   -24.849 0.56 59.40  ? 46  DG  D "C4'" 1 
ATOM   916  O "O4'" . DG  D 2 10 ? 20.040  8.022   -23.771 0.56 59.40  ? 46  DG  D "O4'" 1 
ATOM   917  C "C3'" . DG  D 2 10 ? 18.809  9.919   -24.544 0.56 59.40  ? 46  DG  D "C3'" 1 
ATOM   918  O "O3'" . DG  D 2 10 ? 17.707  9.477   -25.320 0.56 59.40  ? 46  DG  D "O3'" 1 
ATOM   919  C "C2'" . DG  D 2 10 ? 18.575  9.643   -23.076 0.56 59.40  ? 46  DG  D "C2'" 1 
ATOM   920  C "C1'" . DG  D 2 10 ? 18.854  8.162   -22.973 0.56 59.40  ? 46  DG  D "C1'" 1 
ATOM   921  N N9    . DG  D 2 10 ? 19.087  7.747   -21.561 0.56 59.40  ? 46  DG  D N9    1 
ATOM   922  C C8    . DG  D 2 10 ? 19.942  8.255   -20.619 0.56 59.40  ? 46  DG  D C8    1 
ATOM   923  N N7    . DG  D 2 10 ? 19.895  7.643   -19.468 0.56 59.40  ? 46  DG  D N7    1 
ATOM   924  C C5    . DG  D 2 10 ? 18.938  6.653   -19.656 0.56 59.40  ? 46  DG  D C5    1 
ATOM   925  C C6    . DG  D 2 10 ? 18.443  5.664   -18.763 0.56 59.40  ? 46  DG  D C6    1 
ATOM   926  O O6    . DG  D 2 10 ? 18.765  5.442   -17.598 0.56 59.40  ? 46  DG  D O6    1 
ATOM   927  N N1    . DG  D 2 10 ? 17.479  4.872   -19.346 0.56 59.40  ? 46  DG  D N1    1 
ATOM   928  C C2    . DG  D 2 10 ? 17.036  5.007   -20.637 0.56 59.40  ? 46  DG  D C2    1 
ATOM   929  N N2    . DG  D 2 10 ? 16.087  4.181   -21.046 0.56 59.40  ? 46  DG  D N2    1 
ATOM   930  N N3    . DG  D 2 10 ? 17.495  5.926   -21.484 0.56 59.40  ? 46  DG  D N3    1 
ATOM   931  C C4    . DG  D 2 10 ? 18.440  6.714   -20.932 0.56 59.40  ? 46  DG  D C4    1 
ATOM   932  P P     . DC  D 2 11 ? 16.436  10.384  -25.646 0.56 50.41  ? 47  DC  D P     1 
ATOM   933  O OP1   . DC  D 2 11 ? 16.366  10.554  -27.114 0.56 50.41  ? 47  DC  D OP1   1 
ATOM   934  O OP2   . DC  D 2 11 ? 16.411  11.563  -24.750 0.56 50.41  ? 47  DC  D OP2   1 
ATOM   935  O "O5'" . DC  D 2 11 ? 15.262  9.426   -25.201 0.56 50.41  ? 47  DC  D "O5'" 1 
ATOM   936  C "C5'" . DC  D 2 11 ? 14.728  8.399   -26.040 0.56 50.41  ? 47  DC  D "C5'" 1 
ATOM   937  C "C4'" . DC  D 2 11 ? 13.475  7.799   -25.407 0.56 50.41  ? 47  DC  D "C4'" 1 
ATOM   938  O "O4'" . DC  D 2 11 ? 13.824  7.224   -24.123 0.56 50.41  ? 47  DC  D "O4'" 1 
ATOM   939  C "C3'" . DC  D 2 11 ? 12.413  8.886   -25.137 0.56 50.41  ? 47  DC  D "C3'" 1 
ATOM   940  O "O3'" . DC  D 2 11 ? 11.082  8.389   -25.118 0.56 50.41  ? 47  DC  D "O3'" 1 
ATOM   941  C "C2'" . DC  D 2 11 ? 12.718  9.243   -23.711 0.56 50.41  ? 47  DC  D "C2'" 1 
ATOM   942  C "C1'" . DC  D 2 11 ? 13.108  7.911   -23.081 0.56 50.41  ? 47  DC  D "C1'" 1 
ATOM   943  N N1    . DC  D 2 11 ? 13.980  8.104   -21.889 0.56 50.41  ? 47  DC  D N1    1 
ATOM   944  C C2    . DC  D 2 11 ? 13.880  7.185   -20.852 0.56 50.41  ? 47  DC  D C2    1 
ATOM   945  O O2    . DC  D 2 11 ? 13.109  6.231   -20.888 0.56 50.41  ? 47  DC  D O2    1 
ATOM   946  N N3    . DC  D 2 11 ? 14.666  7.360   -19.753 0.56 50.41  ? 47  DC  D N3    1 
ATOM   947  C C4    . DC  D 2 11 ? 15.514  8.394   -19.674 0.56 50.41  ? 47  DC  D C4    1 
ATOM   948  N N4    . DC  D 2 11 ? 16.284  8.513   -18.593 0.56 50.41  ? 47  DC  D N4    1 
ATOM   949  C C5    . DC  D 2 11 ? 15.627  9.350   -20.728 0.56 50.41  ? 47  DC  D C5    1 
ATOM   950  C C6    . DC  D 2 11 ? 14.845  9.161   -21.812 0.56 50.41  ? 47  DC  D C6    1 
ATOM   951  P P     . DG  D 2 12 ? 10.152  8.523   -26.386 0.56 117.55 ? 48  DG  D P     1 
ATOM   952  O OP1   . DG  D 2 12 ? 10.516  7.489   -27.379 0.56 117.55 ? 48  DG  D OP1   1 
ATOM   953  O OP2   . DG  D 2 12 ? 10.096  9.952   -26.774 0.56 117.55 ? 48  DG  D OP2   1 
ATOM   954  O "O5'" . DG  D 2 12 ? 8.756   8.135   -25.712 0.56 117.55 ? 48  DG  D "O5'" 1 
ATOM   955  C "C5'" . DG  D 2 12 ? 8.523   6.778   -25.345 0.56 117.55 ? 48  DG  D "C5'" 1 
ATOM   956  C "C4'" . DG  D 2 12 ? 8.177   6.575   -23.875 0.56 117.55 ? 48  DG  D "C4'" 1 
ATOM   957  O "O4'" . DG  D 2 12 ? 9.243   7.055   -23.046 0.56 117.55 ? 48  DG  D "O4'" 1 
ATOM   958  C "C3'" . DG  D 2 12 ? 6.899   7.333   -23.506 0.56 117.55 ? 48  DG  D "C3'" 1 
ATOM   959  O "O3'" . DG  D 2 12 ? 5.973   6.443   -22.878 0.56 117.55 ? 48  DG  D "O3'" 1 
ATOM   960  C "C2'" . DG  D 2 12 ? 7.428   8.323   -22.492 0.56 117.55 ? 48  DG  D "C2'" 1 
ATOM   961  C "C1'" . DG  D 2 12 ? 8.637   7.647   -21.899 0.56 117.55 ? 48  DG  D "C1'" 1 
ATOM   962  N N9    . DG  D 2 12 ? 9.595   8.586   -21.285 0.56 117.55 ? 48  DG  D N9    1 
ATOM   963  C C8    . DG  D 2 12 ? 10.063  9.789   -21.746 0.56 117.55 ? 48  DG  D C8    1 
ATOM   964  N N7    . DG  D 2 12 ? 10.944  10.349  -20.965 0.56 117.55 ? 48  DG  D N7    1 
ATOM   965  C C5    . DG  D 2 12 ? 11.065  9.454   -19.907 0.56 117.55 ? 48  DG  D C5    1 
ATOM   966  C C6    . DG  D 2 12 ? 11.872  9.530   -18.743 0.56 117.55 ? 48  DG  D C6    1 
ATOM   967  O O6    . DG  D 2 12 ? 12.697  10.387  -18.427 0.56 117.55 ? 48  DG  D O6    1 
ATOM   968  N N1    . DG  D 2 12 ? 11.674  8.431   -17.928 0.56 117.55 ? 48  DG  D N1    1 
ATOM   969  C C2    . DG  D 2 12 ? 10.819  7.383   -18.190 0.56 117.55 ? 48  DG  D C2    1 
ATOM   970  N N2    . DG  D 2 12 ? 10.730  6.413   -17.283 0.56 117.55 ? 48  DG  D N2    1 
ATOM   971  N N3    . DG  D 2 12 ? 10.067  7.304   -19.287 0.56 117.55 ? 48  DG  D N3    1 
ATOM   972  C C4    . DG  D 2 12 ? 10.240  8.375   -20.096 0.56 117.55 ? 48  DG  D C4    1 
ATOM   973  O "O5'" . DC  E 1 1  ? -34.399 12.559  36.431  0.46 24.19  ? 49  DC  E "O5'" 1 
ATOM   974  C "C5'" . DC  E 1 1  ? -35.063 12.368  37.681  0.46 24.19  ? 49  DC  E "C5'" 1 
ATOM   975  C "C4'" . DC  E 1 1  ? -36.548 12.111  37.503  0.46 24.19  ? 49  DC  E "C4'" 1 
ATOM   976  O "O4'" . DC  E 1 1  ? -37.129 13.172  36.730  0.46 24.19  ? 49  DC  E "O4'" 1 
ATOM   977  C "C3'" . DC  E 1 1  ? -36.788 10.835  36.738  0.46 24.19  ? 49  DC  E "C3'" 1 
ATOM   978  O "O3'" . DC  E 1 1  ? -37.928 10.195  37.295  0.46 24.19  ? 49  DC  E "O3'" 1 
ATOM   979  C "C2'" . DC  E 1 1  ? -37.054 11.310  35.331  0.46 24.19  ? 49  DC  E "C2'" 1 
ATOM   980  C "C1'" . DC  E 1 1  ? -37.666 12.688  35.472  0.46 24.19  ? 49  DC  E "C1'" 1 
ATOM   981  N N1    . DC  E 1 1  ? -37.244 13.553  34.327  0.46 24.19  ? 49  DC  E N1    1 
ATOM   982  C C2    . DC  E 1 1  ? -37.819 13.362  33.081  0.46 24.19  ? 49  DC  E C2    1 
ATOM   983  O O2    . DC  E 1 1  ? -38.670 12.505  32.859  0.46 24.19  ? 49  DC  E O2    1 
ATOM   984  N N3    . DC  E 1 1  ? -37.418 14.157  32.056  0.46 24.19  ? 49  DC  E N3    1 
ATOM   985  C C4    . DC  E 1 1  ? -36.497 15.105  32.227  0.46 24.19  ? 49  DC  E C4    1 
ATOM   986  N N4    . DC  E 1 1  ? -36.162 15.866  31.189  0.46 24.19  ? 49  DC  E N4    1 
ATOM   987  C C5    . DC  E 1 1  ? -35.893 15.316  33.499  0.46 24.19  ? 49  DC  E C5    1 
ATOM   988  C C6    . DC  E 1 1  ? -36.299 14.521  34.504  0.46 24.19  ? 49  DC  E C6    1 
ATOM   989  P P     . DG  E 1 2  ? -37.756 8.728   37.919  0.46 36.75  ? 50  DG  E P     1 
ATOM   990  O OP1   . DG  E 1 2  ? -38.941 8.436   38.762  0.46 36.75  ? 50  DG  E OP1   1 
ATOM   991  O OP2   . DG  E 1 2  ? -36.398 8.620   38.502  0.46 36.75  ? 50  DG  E OP2   1 
ATOM   992  O "O5'" . DG  E 1 2  ? -37.788 7.810   36.606  0.46 36.75  ? 50  DG  E "O5'" 1 
ATOM   993  C "C5'" . DG  E 1 2  ? -39.038 7.480   36.004  0.46 36.75  ? 50  DG  E "C5'" 1 
ATOM   994  C "C4'" . DG  E 1 2  ? -38.908 6.821   34.635  0.46 36.75  ? 50  DG  E "C4'" 1 
ATOM   995  O "O4'" . DG  E 1 2  ? -38.383 7.784   33.704  0.46 36.75  ? 50  DG  E "O4'" 1 
ATOM   996  C "C3'" . DG  E 1 2  ? -37.959 5.621   34.654  0.46 36.75  ? 50  DG  E "C3'" 1 
ATOM   997  O "O3'" . DG  E 1 2  ? -38.337 4.670   33.667  0.46 36.75  ? 50  DG  E "O3'" 1 
ATOM   998  C "C2'" . DG  E 1 2  ? -36.688 6.288   34.178  0.46 36.75  ? 50  DG  E "C2'" 1 
ATOM   999  C "C1'" . DG  E 1 2  ? -37.194 7.261   33.119  0.46 36.75  ? 50  DG  E "C1'" 1 
ATOM   1000 N N9    . DG  E 1 2  ? -36.283 8.396   32.849  0.46 36.75  ? 50  DG  E N9    1 
ATOM   1001 C C8    . DG  E 1 2  ? -35.228 8.869   33.585  0.46 36.75  ? 50  DG  E C8    1 
ATOM   1002 N N7    . DG  E 1 2  ? -34.629 9.898   33.055  0.46 36.75  ? 50  DG  E N7    1 
ATOM   1003 C C5    . DG  E 1 2  ? -35.338 10.124  31.884  0.46 36.75  ? 50  DG  E C5    1 
ATOM   1004 C C6    . DG  E 1 2  ? -35.140 11.109  30.892  0.46 36.75  ? 50  DG  E C6    1 
ATOM   1005 O O6    . DG  E 1 2  ? -34.288 11.997  30.875  0.46 36.75  ? 50  DG  E O6    1 
ATOM   1006 N N1    . DG  E 1 2  ? -36.059 10.994  29.857  0.46 36.75  ? 50  DG  E N1    1 
ATOM   1007 C C2    . DG  E 1 2  ? -37.057 10.039  29.787  0.46 36.75  ? 50  DG  E C2    1 
ATOM   1008 N N2    . DG  E 1 2  ? -37.840 10.029  28.705  0.46 36.75  ? 50  DG  E N2    1 
ATOM   1009 N N3    . DG  E 1 2  ? -37.247 9.111   30.731  0.46 36.75  ? 50  DG  E N3    1 
ATOM   1010 C C4    . DG  E 1 2  ? -36.351 9.214   31.746  0.46 36.75  ? 50  DG  E C4    1 
ATOM   1011 P P     . DC  E 1 3  ? -38.519 3.106   33.972  0.46 24.28  ? 51  DC  E P     1 
ATOM   1012 O OP1   . DC  E 1 3  ? -39.908 2.865   34.431  0.46 24.28  ? 51  DC  E OP1   1 
ATOM   1013 O OP2   . DC  E 1 3  ? -37.392 2.638   34.812  0.46 24.28  ? 51  DC  E OP2   1 
ATOM   1014 O "O5'" . DC  E 1 3  ? -38.343 2.427   32.522  0.46 24.28  ? 51  DC  E "O5'" 1 
ATOM   1015 C "C5'" . DC  E 1 3  ? -39.238 2.761   31.472  0.46 24.28  ? 51  DC  E "C5'" 1 
ATOM   1016 C "C4'" . DC  E 1 3  ? -38.572 3.564   30.367  0.46 24.28  ? 51  DC  E "C4'" 1 
ATOM   1017 O "O4'" . DC  E 1 3  ? -37.749 4.604   30.905  0.46 24.28  ? 51  DC  E "O4'" 1 
ATOM   1018 C "C3'" . DC  E 1 3  ? -37.607 2.744   29.573  0.46 24.28  ? 51  DC  E "C3'" 1 
ATOM   1019 O "O3'" . DC  E 1 3  ? -38.354 1.903   28.676  0.46 24.28  ? 51  DC  E "O3'" 1 
ATOM   1020 C "C2'" . DC  E 1 3  ? -36.879 3.880   28.867  0.46 24.28  ? 51  DC  E "C2'" 1 
ATOM   1021 C "C1'" . DC  E 1 3  ? -37.007 5.089   29.772  0.46 24.28  ? 51  DC  E "C1'" 1 
ATOM   1022 N N1    . DC  E 1 3  ? -35.681 5.640   30.205  0.46 24.28  ? 51  DC  E N1    1 
ATOM   1023 C C2    . DC  E 1 3  ? -35.270 6.843   29.651  0.46 24.28  ? 51  DC  E C2    1 
ATOM   1024 O O2    . DC  E 1 3  ? -35.898 7.386   28.747  0.46 24.28  ? 51  DC  E O2    1 
ATOM   1025 N N3    . DC  E 1 3  ? -34.121 7.424   30.100  0.46 24.28  ? 51  DC  E N3    1 
ATOM   1026 C C4    . DC  E 1 3  ? -33.390 6.847   31.055  0.46 24.28  ? 51  DC  E C4    1 
ATOM   1027 N N4    . DC  E 1 3  ? -32.287 7.461   31.471  0.46 24.28  ? 51  DC  E N4    1 
ATOM   1028 C C5    . DC  E 1 3  ? -33.781 5.598   31.631  0.46 24.28  ? 51  DC  E C5    1 
ATOM   1029 C C6    . DC  E 1 3  ? -34.924 5.038   31.177  0.46 24.28  ? 51  DC  E C6    1 
ATOM   1030 P P     . DG  E 1 4  ? -37.628 0.879   27.648  0.46 22.76  ? 52  DG  E P     1 
ATOM   1031 O OP1   . DG  E 1 4  ? -38.636 -0.025  27.048  0.46 22.76  ? 52  DG  E OP1   1 
ATOM   1032 O OP2   . DG  E 1 4  ? -36.438 0.293   28.302  0.46 22.76  ? 52  DG  E OP2   1 
ATOM   1033 O "O5'" . DG  E 1 4  ? -37.116 1.846   26.514  0.46 22.76  ? 52  DG  E "O5'" 1 
ATOM   1034 C "C5'" . DG  E 1 4  ? -37.956 2.367   25.497  0.46 22.76  ? 52  DG  E "C5'" 1 
ATOM   1035 C "C4'" . DG  E 1 4  ? -37.116 3.159   24.515  0.46 22.76  ? 52  DG  E "C4'" 1 
ATOM   1036 O "O4'" . DG  E 1 4  ? -36.364 4.115   25.294  0.46 22.76  ? 52  DG  E "O4'" 1 
ATOM   1037 C "C3'" . DG  E 1 4  ? -36.070 2.304   23.757  0.46 22.76  ? 52  DG  E "C3'" 1 
ATOM   1038 O "O3'" . DG  E 1 4  ? -35.605 2.889   22.547  0.46 22.76  ? 52  DG  E "O3'" 1 
ATOM   1039 C "C2'" . DG  E 1 4  ? -34.891 2.411   24.654  0.46 22.76  ? 52  DG  E "C2'" 1 
ATOM   1040 C "C1'" . DG  E 1 4  ? -34.965 3.871   25.059  0.46 22.76  ? 52  DG  E "C1'" 1 
ATOM   1041 N N9    . DG  E 1 4  ? -34.133 4.077   26.255  0.46 22.76  ? 52  DG  E N9    1 
ATOM   1042 C C8    . DG  E 1 4  ? -33.865 3.233   27.305  0.46 22.76  ? 52  DG  E C8    1 
ATOM   1043 N N7    . DG  E 1 4  ? -33.025 3.721   28.169  0.46 22.76  ? 52  DG  E N7    1 
ATOM   1044 C C5    . DG  E 1 4  ? -32.719 4.978   27.648  0.46 22.76  ? 52  DG  E C5    1 
ATOM   1045 C C6    . DG  E 1 4  ? -31.840 5.972   28.148  0.46 22.76  ? 52  DG  E C6    1 
ATOM   1046 O O6    . DG  E 1 4  ? -31.149 5.931   29.168  0.46 22.76  ? 52  DG  E O6    1 
ATOM   1047 N N1    . DG  E 1 4  ? -31.817 7.084   27.309  0.46 22.76  ? 52  DG  E N1    1 
ATOM   1048 C C2    . DG  E 1 4  ? -32.543 7.224   26.143  0.46 22.76  ? 52  DG  E C2    1 
ATOM   1049 N N2    . DG  E 1 4  ? -32.410 8.352   25.444  0.46 22.76  ? 52  DG  E N2    1 
ATOM   1050 N N3    . DG  E 1 4  ? -33.362 6.291   25.683  0.46 22.76  ? 52  DG  E N3    1 
ATOM   1051 C C4    . DG  E 1 4  ? -33.397 5.201   26.483  0.46 22.76  ? 52  DG  E C4    1 
ATOM   1052 P P     . DA  E 1 5  ? -36.410 2.638   21.217  0.46 32.63  ? 53  DA  E P     1 
ATOM   1053 O OP1   . DA  E 1 5  ? -37.767 3.211   21.351  0.46 32.63  ? 53  DA  E OP1   1 
ATOM   1054 O OP2   . DA  E 1 5  ? -36.253 1.209   20.874  0.46 32.63  ? 53  DA  E OP2   1 
ATOM   1055 O "O5'" . DA  E 1 5  ? -35.563 3.486   20.143  0.46 32.63  ? 53  DA  E "O5'" 1 
ATOM   1056 C "C5'" . DA  E 1 5  ? -35.455 4.916   20.182  0.46 32.63  ? 53  DA  E "C5'" 1 
ATOM   1057 C "C4'" . DA  E 1 5  ? -34.034 5.421   20.487  0.46 32.63  ? 53  DA  E "C4'" 1 
ATOM   1058 O "O4'" . DA  E 1 5  ? -33.609 5.141   21.836  0.46 32.63  ? 53  DA  E "O4'" 1 
ATOM   1059 C "C3'" . DA  E 1 5  ? -33.047 4.692   19.570  0.46 32.63  ? 53  DA  E "C3'" 1 
ATOM   1060 O "O3'" . DA  E 1 5  ? -32.335 5.640   18.789  0.46 32.63  ? 53  DA  E "O3'" 1 
ATOM   1061 C "C2'" . DA  E 1 5  ? -32.109 4.047   20.564  0.46 32.63  ? 53  DA  E "C2'" 1 
ATOM   1062 C "C1'" . DA  E 1 5  ? -32.185 4.967   21.755  0.46 32.63  ? 53  DA  E "C1'" 1 
ATOM   1063 N N9    . DA  E 1 5  ? -31.608 4.319   22.966  0.46 32.63  ? 53  DA  E N9    1 
ATOM   1064 C C8    . DA  E 1 5  ? -31.817 3.062   23.465  0.46 32.63  ? 53  DA  E C8    1 
ATOM   1065 N N7    . DA  E 1 5  ? -31.184 2.806   24.578  0.46 32.63  ? 53  DA  E N7    1 
ATOM   1066 C C5    . DA  E 1 5  ? -30.502 3.981   24.832  0.46 32.63  ? 53  DA  E C5    1 
ATOM   1067 C C6    . DA  E 1 5  ? -29.647 4.359   25.870  0.46 32.63  ? 53  DA  E C6    1 
ATOM   1068 N N6    . DA  E 1 5  ? -29.349 3.552   26.885  0.46 32.63  ? 53  DA  E N6    1 
ATOM   1069 N N1    . DA  E 1 5  ? -29.136 5.599   25.816  0.46 32.63  ? 53  DA  E N1    1 
ATOM   1070 C C2    . DA  E 1 5  ? -29.459 6.397   24.803  0.46 32.63  ? 53  DA  E C2    1 
ATOM   1071 N N3    . DA  E 1 5  ? -30.250 6.159   23.778  0.46 32.63  ? 53  DA  E N3    1 
ATOM   1072 C C4    . DA  E 1 5  ? -30.747 4.909   23.856  0.46 32.63  ? 53  DA  E C4    1 
ATOM   1073 P P     . DA  E 1 6  ? -31.438 5.170   17.556  0.46 62.17  ? 54  DA  E P     1 
ATOM   1074 O OP1   . DA  E 1 6  ? -32.342 4.690   16.486  0.46 62.17  ? 54  DA  E OP1   1 
ATOM   1075 O OP2   . DA  E 1 6  ? -30.338 4.297   18.017  0.46 62.17  ? 54  DA  E OP2   1 
ATOM   1076 O "O5'" . DA  E 1 6  ? -30.832 6.569   17.066  0.46 62.17  ? 54  DA  E "O5'" 1 
ATOM   1077 C "C5'" . DA  E 1 6  ? -30.519 7.671   17.930  0.46 62.17  ? 54  DA  E "C5'" 1 
ATOM   1078 C "C4'" . DA  E 1 6  ? -29.319 7.456   18.856  0.46 62.17  ? 54  DA  E "C4'" 1 
ATOM   1079 O "O4'" . DA  E 1 6  ? -29.529 6.439   19.827  0.46 62.17  ? 54  DA  E "O4'" 1 
ATOM   1080 C "C3'" . DA  E 1 6  ? -28.134 6.963   18.053  0.46 62.17  ? 54  DA  E "C3'" 1 
ATOM   1081 O "O3'" . DA  E 1 6  ? -27.502 8.122   17.492  0.46 62.17  ? 54  DA  E "O3'" 1 
ATOM   1082 C "C2'" . DA  E 1 6  ? -27.326 6.276   19.134  0.46 62.17  ? 54  DA  E "C2'" 1 
ATOM   1083 C "C1'" . DA  E 1 6  ? -28.209 6.289   20.365  0.46 62.17  ? 54  DA  E "C1'" 1 
ATOM   1084 N N9    . DA  E 1 6  ? -28.060 5.024   21.126  0.46 62.17  ? 54  DA  E N9    1 
ATOM   1085 C C8    . DA  E 1 6  ? -28.567 3.780   20.868  0.46 62.17  ? 54  DA  E C8    1 
ATOM   1086 N N7    . DA  E 1 6  ? -28.283 2.886   21.775  0.46 62.17  ? 54  DA  E N7    1 
ATOM   1087 C C5    . DA  E 1 6  ? -27.530 3.586   22.702  0.46 62.17  ? 54  DA  E C5    1 
ATOM   1088 C C6    . DA  E 1 6  ? -26.927 3.205   23.909  0.46 62.17  ? 54  DA  E C6    1 
ATOM   1089 N N6    . DA  E 1 6  ? -27.001 1.965   24.394  0.46 62.17  ? 54  DA  E N6    1 
ATOM   1090 N N1    . DA  E 1 6  ? -26.255 4.149   24.583  0.46 62.17  ? 54  DA  E N1    1 
ATOM   1091 C C2    . DA  E 1 6  ? -26.194 5.378   24.082  0.46 62.17  ? 54  DA  E C2    1 
ATOM   1092 N N3    . DA  E 1 6  ? -26.712 5.865   22.970  0.46 62.17  ? 54  DA  E N3    1 
ATOM   1093 C C4    . DA  E 1 6  ? -27.383 4.895   22.314  0.46 62.17  ? 54  DA  E C4    1 
ATOM   1094 P P     . DA  E 1 7  ? -26.124 8.094   16.674  0.46 46.08  ? 55  DA  E P     1 
ATOM   1095 O OP1   . DA  E 1 7  ? -26.000 9.400   15.991  0.46 46.08  ? 55  DA  E OP1   1 
ATOM   1096 O OP2   . DA  E 1 7  ? -26.087 6.844   15.885  0.46 46.08  ? 55  DA  E OP2   1 
ATOM   1097 O "O5'" . DA  E 1 7  ? -25.022 8.027   17.849  0.46 46.08  ? 55  DA  E "O5'" 1 
ATOM   1098 C "C5'" . DA  E 1 7  ? -24.892 9.130   18.763  0.46 46.08  ? 55  DA  E "C5'" 1 
ATOM   1099 C "C4'" . DA  E 1 7  ? -23.885 8.893   19.897  0.46 46.08  ? 55  DA  E "C4'" 1 
ATOM   1100 O "O4'" . DA  E 1 7  ? -24.248 7.736   20.685  0.46 46.08  ? 55  DA  E "O4'" 1 
ATOM   1101 C "C3'" . DA  E 1 7  ? -22.490 8.655   19.323  0.46 46.08  ? 55  DA  E "C3'" 1 
ATOM   1102 O "O3'" . DA  E 1 7  ? -21.602 9.509   20.069  0.46 46.08  ? 55  DA  E "O3'" 1 
ATOM   1103 C "C2'" . DA  E 1 7  ? -22.285 7.159   19.587  0.46 46.08  ? 55  DA  E "C2'" 1 
ATOM   1104 C "C1'" . DA  E 1 7  ? -23.114 6.858   20.828  0.46 46.08  ? 55  DA  E "C1'" 1 
ATOM   1105 N N9    . DA  E 1 7  ? -23.587 5.451   20.857  0.46 46.08  ? 55  DA  E N9    1 
ATOM   1106 C C8    . DA  E 1 7  ? -24.301 4.754   19.914  0.46 46.08  ? 55  DA  E C8    1 
ATOM   1107 N N7    . DA  E 1 7  ? -24.608 3.532   20.257  0.46 46.08  ? 55  DA  E N7    1 
ATOM   1108 C C5    . DA  E 1 7  ? -24.054 3.405   21.522  0.46 46.08  ? 55  DA  E C5    1 
ATOM   1109 C C6    . DA  E 1 7  ? -24.033 2.340   22.444  0.46 46.08  ? 55  DA  E C6    1 
ATOM   1110 N N6    . DA  E 1 7  ? -24.598 1.159   22.194  0.46 46.08  ? 55  DA  E N6    1 
ATOM   1111 N N1    . DA  E 1 7  ? -23.405 2.544   23.612  0.46 46.08  ? 55  DA  E N1    1 
ATOM   1112 C C2    . DA  E 1 7  ? -22.845 3.730   23.827  0.46 46.08  ? 55  DA  E C2    1 
ATOM   1113 N N3    . DA  E 1 7  ? -22.792 4.802   23.055  0.46 46.08  ? 55  DA  E N3    1 
ATOM   1114 C C4    . DA  E 1 7  ? -23.428 4.570   21.897  0.46 46.08  ? 55  DA  E C4    1 
ATOM   1115 P P     . DA  E 1 8  ? -20.031 9.565   19.828  0.46 37.17  ? 56  DA  E P     1 
ATOM   1116 O OP1   . DA  E 1 8  ? -19.509 10.811  20.416  0.46 37.17  ? 56  DA  E OP1   1 
ATOM   1117 O OP2   . DA  E 1 8  ? -19.739 9.261   18.414  0.46 37.17  ? 56  DA  E OP2   1 
ATOM   1118 O "O5'" . DA  E 1 8  ? -19.509 8.345   20.717  0.46 37.17  ? 56  DA  E "O5'" 1 
ATOM   1119 C "C5'" . DA  E 1 8  ? -19.470 8.456   22.136  0.46 37.17  ? 56  DA  E "C5'" 1 
ATOM   1120 C "C4'" . DA  E 1 8  ? -18.882 7.209   22.792  0.46 37.17  ? 56  DA  E "C4'" 1 
ATOM   1121 O "O4'" . DA  E 1 8  ? -19.740 6.070   22.631  0.46 37.17  ? 56  DA  E "O4'" 1 
ATOM   1122 C "C3'" . DA  E 1 8  ? -17.539 6.883   22.142  0.46 37.17  ? 56  DA  E "C3'" 1 
ATOM   1123 O "O3'" . DA  E 1 8  ? -16.571 6.925   23.193  0.46 37.17  ? 56  DA  E "O3'" 1 
ATOM   1124 C "C2'" . DA  E 1 8  ? -17.777 5.494   21.578  0.46 37.17  ? 56  DA  E "C2'" 1 
ATOM   1125 C "C1'" . DA  E 1 8  ? -18.901 4.926   22.413  0.46 37.17  ? 56  DA  E "C1'" 1 
ATOM   1126 N N9    . DA  E 1 8  ? -19.651 3.897   21.669  0.46 37.17  ? 56  DA  E N9    1 
ATOM   1127 C C8    . DA  E 1 8  ? -20.136 3.942   20.387  0.46 37.17  ? 56  DA  E C8    1 
ATOM   1128 N N7    . DA  E 1 8  ? -20.800 2.877   20.031  0.46 37.17  ? 56  DA  E N7    1 
ATOM   1129 C C5    . DA  E 1 8  ? -20.747 2.066   21.157  0.46 37.17  ? 56  DA  E C5    1 
ATOM   1130 C C6    . DA  E 1 8  ? -21.270 0.791   21.429  0.46 37.17  ? 56  DA  E C6    1 
ATOM   1131 N N6    . DA  E 1 8  ? -21.954 0.089   20.529  0.46 37.17  ? 56  DA  E N6    1 
ATOM   1132 N N1    . DA  E 1 8  ? -21.050 0.276   22.644  0.46 37.17  ? 56  DA  E N1    1 
ATOM   1133 C C2    . DA  E 1 8  ? -20.350 0.993   23.523  0.46 37.17  ? 56  DA  E C2    1 
ATOM   1134 N N3    . DA  E 1 8  ? -19.806 2.191   23.395  0.46 37.17  ? 56  DA  E N3    1 
ATOM   1135 C C4    . DA  E 1 8  ? -20.047 2.681   22.163  0.46 37.17  ? 56  DA  E C4    1 
ATOM   1136 P P     . DA  E 1 9  ? -15.066 6.371   23.083  0.46 46.35  ? 57  DA  E P     1 
ATOM   1137 O OP1   . DA  E 1 9  ? -14.277 7.045   24.139  0.46 46.35  ? 57  DA  E OP1   1 
ATOM   1138 O OP2   . DA  E 1 9  ? -14.645 6.469   21.662  0.46 46.35  ? 57  DA  E OP2   1 
ATOM   1139 O "O5'" . DA  E 1 9  ? -15.233 4.789   23.444  0.46 46.35  ? 57  DA  E "O5'" 1 
ATOM   1140 C "C5'" . DA  E 1 9  ? -15.844 4.382   24.675  0.46 46.35  ? 57  DA  E "C5'" 1 
ATOM   1141 C "C4'" . DA  E 1 9  ? -15.944 2.879   24.946  0.46 46.35  ? 57  DA  E "C4'" 1 
ATOM   1142 O "O4'" . DA  E 1 9  ? -16.774 2.309   23.955  0.46 46.35  ? 57  DA  E "O4'" 1 
ATOM   1143 C "C3'" . DA  E 1 9  ? -14.596 2.158   24.850  0.46 46.35  ? 57  DA  E "C3'" 1 
ATOM   1144 O "O3'" . DA  E 1 9  ? -14.309 1.609   26.155  0.46 46.35  ? 57  DA  E "O3'" 1 
ATOM   1145 C "C2'" . DA  E 1 9  ? -14.809 1.097   23.783  0.46 46.35  ? 57  DA  E "C2'" 1 
ATOM   1146 C "C1'" . DA  E 1 9  ? -16.299 0.982   23.700  0.46 46.35  ? 57  DA  E "C1'" 1 
ATOM   1147 N N9    . DA  E 1 9  ? -16.834 0.646   22.385  0.46 46.35  ? 57  DA  E N9    1 
ATOM   1148 C C8    . DA  E 1 9  ? -16.754 1.349   21.218  0.46 46.35  ? 57  DA  E C8    1 
ATOM   1149 N N7    . DA  E 1 9  ? -17.446 0.830   20.248  0.46 46.35  ? 57  DA  E N7    1 
ATOM   1150 C C5    . DA  E 1 9  ? -18.018 -0.298  20.819  0.46 46.35  ? 57  DA  E C5    1 
ATOM   1151 C C6    . DA  E 1 9  ? -18.877 -1.279  20.312  0.46 46.35  ? 57  DA  E C6    1 
ATOM   1152 N N6    . DA  E 1 9  ? -19.309 -1.260  19.055  0.46 46.35  ? 57  DA  E N6    1 
ATOM   1153 N N1    . DA  E 1 9  ? -19.260 -2.254  21.142  0.46 46.35  ? 57  DA  E N1    1 
ATOM   1154 C C2    . DA  E 1 9  ? -18.817 -2.250  22.393  0.46 46.35  ? 57  DA  E C2    1 
ATOM   1155 N N3    . DA  E 1 9  ? -18.013 -1.394  22.989  0.46 46.35  ? 57  DA  E N3    1 
ATOM   1156 C C4    . DA  E 1 9  ? -17.644 -0.422  22.127  0.46 46.35  ? 57  DA  E C4    1 
ATOM   1157 P P     . DA  E 1 10 ? -13.002 0.758   26.602  0.46 42.33  ? 58  DA  E P     1 
ATOM   1158 O OP1   . DA  E 1 10 ? -12.852 0.789   28.078  0.46 42.33  ? 58  DA  E OP1   1 
ATOM   1159 O OP2   . DA  E 1 10 ? -11.861 1.104   25.734  0.46 42.33  ? 58  DA  E OP2   1 
ATOM   1160 O "O5'" . DA  E 1 10 ? -13.403 -0.699  26.187  0.46 42.33  ? 58  DA  E "O5'" 1 
ATOM   1161 C "C5'" . DA  E 1 10 ? -14.259 -1.506  26.977  0.46 42.33  ? 58  DA  E "C5'" 1 
ATOM   1162 C "C4'" . DA  E 1 10 ? -14.356 -2.851  26.328  0.46 42.33  ? 58  DA  E "C4'" 1 
ATOM   1163 O "O4'" . DA  E 1 10 ? -14.951 -2.709  25.030  0.46 42.33  ? 58  DA  E "O4'" 1 
ATOM   1164 C "C3'" . DA  E 1 10 ? -12.953 -3.446  26.143  0.46 42.33  ? 58  DA  E "C3'" 1 
ATOM   1165 O "O3'" . DA  E 1 10 ? -13.026 -4.774  26.650  0.46 42.33  ? 58  DA  E "O3'" 1 
ATOM   1166 C "C2'" . DA  E 1 10 ? -12.798 -3.405  24.625  0.46 42.33  ? 58  DA  E "C2'" 1 
ATOM   1167 C "C1'" . DA  E 1 10 ? -14.230 -3.544  24.125  0.46 42.33  ? 58  DA  E "C1'" 1 
ATOM   1168 N N9    . DA  E 1 10 ? -14.452 -3.044  22.743  0.46 42.33  ? 58  DA  E N9    1 
ATOM   1169 C C8    . DA  E 1 10 ? -13.853 -2.000  22.078  0.46 42.33  ? 58  DA  E C8    1 
ATOM   1170 N N7    . DA  E 1 10 ? -14.308 -1.810  20.867  0.46 42.33  ? 58  DA  E N7    1 
ATOM   1171 C C5    . DA  E 1 10 ? -15.279 -2.795  20.721  0.46 42.33  ? 58  DA  E C5    1 
ATOM   1172 C C6    . DA  E 1 10 ? -16.132 -3.122  19.655  0.46 42.33  ? 58  DA  E C6    1 
ATOM   1173 N N6    . DA  E 1 10 ? -16.151 -2.442  18.517  0.46 42.33  ? 58  DA  E N6    1 
ATOM   1174 N N1    . DA  E 1 10 ? -16.968 -4.150  19.824  0.46 42.33  ? 58  DA  E N1    1 
ATOM   1175 C C2    . DA  E 1 10 ? -16.947 -4.799  20.985  0.46 42.33  ? 58  DA  E C2    1 
ATOM   1176 N N3    . DA  E 1 10 ? -16.206 -4.597  22.061  0.46 42.33  ? 58  DA  E N3    1 
ATOM   1177 C C4    . DA  E 1 10 ? -15.372 -3.553  21.855  0.46 42.33  ? 58  DA  E C4    1 
ATOM   1178 P P     . DC  E 1 11 ? -11.796 -5.723  27.049  0.46 41.98  ? 59  DC  E P     1 
ATOM   1179 O OP1   . DC  E 1 11 ? -11.789 -5.876  28.525  0.46 41.98  ? 59  DC  E OP1   1 
ATOM   1180 O OP2   . DC  E 1 11 ? -10.582 -5.283  26.338  0.46 41.98  ? 59  DC  E OP2   1 
ATOM   1181 O "O5'" . DC  E 1 11 ? -12.259 -7.125  26.416  0.46 41.98  ? 59  DC  E "O5'" 1 
ATOM   1182 C "C5'" . DC  E 1 11 ? -12.876 -7.004  25.146  0.46 41.98  ? 59  DC  E "C5'" 1 
ATOM   1183 C "C4'" . DC  E 1 11 ? -12.916 -8.236  24.317  0.46 41.98  ? 59  DC  E "C4'" 1 
ATOM   1184 O "O4'" . DC  E 1 11 ? -13.539 -7.813  23.093  0.46 41.98  ? 59  DC  E "O4'" 1 
ATOM   1185 C "C3'" . DC  E 1 11 ? -11.544 -8.811  23.992  0.46 41.98  ? 59  DC  E "C3'" 1 
ATOM   1186 O "O3'" . DC  E 1 11 ? -11.675 -10.238 23.926  0.46 41.98  ? 59  DC  E "O3'" 1 
ATOM   1187 C "C2'" . DC  E 1 11 ? -11.269 -8.174  22.641  0.46 41.98  ? 59  DC  E "C2'" 1 
ATOM   1188 C "C1'" . DC  E 1 11 ? -12.638 -7.978  21.989  0.46 41.98  ? 59  DC  E "C1'" 1 
ATOM   1189 N N1    . DC  E 1 11 ? -12.689 -6.771  21.096  0.46 41.98  ? 59  DC  E N1    1 
ATOM   1190 C C2    . DC  E 1 11 ? -13.647 -6.731  20.079  0.46 41.98  ? 59  DC  E C2    1 
ATOM   1191 O O2    . DC  E 1 11 ? -14.470 -7.619  19.885  0.46 41.98  ? 59  DC  E O2    1 
ATOM   1192 N N3    . DC  E 1 11 ? -13.670 -5.665  19.242  0.46 41.98  ? 59  DC  E N3    1 
ATOM   1193 C C4    . DC  E 1 11 ? -12.799 -4.659  19.373  0.46 41.98  ? 59  DC  E C4    1 
ATOM   1194 N N4    . DC  E 1 11 ? -12.877 -3.642  18.511  0.46 41.98  ? 59  DC  E N4    1 
ATOM   1195 C C5    . DC  E 1 11 ? -11.808 -4.671  20.410  0.46 41.98  ? 59  DC  E C5    1 
ATOM   1196 C C6    . DC  E 1 11 ? -11.795 -5.737  21.237  0.46 41.98  ? 59  DC  E C6    1 
ATOM   1197 P P     . DG  E 1 12 ? -10.483 -11.260 23.568  0.46 45.14  ? 60  DG  E P     1 
ATOM   1198 O OP1   . DG  E 1 12 ? -10.690 -12.503 24.339  0.46 45.14  ? 60  DG  E OP1   1 
ATOM   1199 O OP2   . DG  E 1 12 ? -9.173  -10.565 23.623  0.46 45.14  ? 60  DG  E OP2   1 
ATOM   1200 O "O5'" . DG  E 1 12 ? -10.798 -11.581 22.019  0.46 45.14  ? 60  DG  E "O5'" 1 
ATOM   1201 C "C5'" . DG  E 1 12 ? -12.030 -12.252 21.713  0.46 45.14  ? 60  DG  E "C5'" 1 
ATOM   1202 C "C4'" . DG  E 1 12 ? -12.455 -12.204 20.246  0.46 45.14  ? 60  DG  E "C4'" 1 
ATOM   1203 O "O4'" . DG  E 1 12 ? -12.630 -10.860 19.785  0.46 45.14  ? 60  DG  E "O4'" 1 
ATOM   1204 C "C3'" . DG  E 1 12 ? -11.391 -12.858 19.383  0.46 45.14  ? 60  DG  E "C3'" 1 
ATOM   1205 O "O3'" . DG  E 1 12 ? -12.024 -13.833 18.551  0.46 45.14  ? 60  DG  E "O3'" 1 
ATOM   1206 C "C2'" . DG  E 1 12 ? -10.893 -11.694 18.565  0.46 45.14  ? 60  DG  E "C2'" 1 
ATOM   1207 C "C1'" . DG  E 1 12 ? -12.083 -10.766 18.468  0.46 45.14  ? 60  DG  E "C1'" 1 
ATOM   1208 N N9    . DG  E 1 12 ? -11.660 -9.373  18.167  0.46 45.14  ? 60  DG  E N9    1 
ATOM   1209 C C8    . DG  E 1 12 ? -10.793 -8.568  18.863  0.46 45.14  ? 60  DG  E C8    1 
ATOM   1210 N N7    . DG  E 1 12 ? -10.605 -7.393  18.333  0.46 45.14  ? 60  DG  E N7    1 
ATOM   1211 C C5    . DG  E 1 12 ? -11.405 -7.415  17.196  0.46 45.14  ? 60  DG  E C5    1 
ATOM   1212 C C6    . DG  E 1 12 ? -11.596 -6.406  16.215  0.46 45.14  ? 60  DG  E C6    1 
ATOM   1213 O O6    . DG  E 1 12 ? -11.090 -5.283  16.178  0.46 45.14  ? 60  DG  E O6    1 
ATOM   1214 N N1    . DG  E 1 12 ? -12.469 -6.819  15.215  0.46 45.14  ? 60  DG  E N1    1 
ATOM   1215 C C2    . DG  E 1 12 ? -13.089 -8.055  15.165  0.46 45.14  ? 60  DG  E C2    1 
ATOM   1216 N N2    . DG  E 1 12 ? -13.872 -8.307  14.110  0.46 45.14  ? 60  DG  E N2    1 
ATOM   1217 N N3    . DG  E 1 12 ? -12.915 -9.011  16.096  0.46 45.14  ? 60  DG  E N3    1 
ATOM   1218 C C4    . DG  E 1 12 ? -12.058 -8.619  17.081  0.46 45.14  ? 60  DG  E C4    1 
ATOM   1219 O "O5'" . DC  F 2 1  ? -13.402 -3.573  6.626   0.46 189.95 ? 61  DC  F "O5'" 1 
ATOM   1220 C "C5'" . DC  F 2 1  ? -14.652 -3.154  7.183   0.46 189.95 ? 61  DC  F "C5'" 1 
ATOM   1221 C "C4'" . DC  F 2 1  ? -15.250 -4.249  8.065   0.46 189.95 ? 61  DC  F "C4'" 1 
ATOM   1222 O "O4'" . DC  F 2 1  ? -14.250 -4.626  9.040   0.46 189.95 ? 61  DC  F "O4'" 1 
ATOM   1223 C "C3'" . DC  F 2 1  ? -16.503 -3.769  8.818   0.46 189.95 ? 61  DC  F "C3'" 1 
ATOM   1224 O "O3'" . DC  F 2 1  ? -17.445 -4.839  9.019   0.46 189.95 ? 61  DC  F "O3'" 1 
ATOM   1225 C "C2'" . DC  F 2 1  ? -15.875 -3.430  10.159  0.46 189.95 ? 61  DC  F "C2'" 1 
ATOM   1226 C "C1'" . DC  F 2 1  ? -14.820 -4.512  10.352  0.46 189.95 ? 61  DC  F "C1'" 1 
ATOM   1227 N N1    . DC  F 2 1  ? -13.801 -4.118  11.374  0.46 189.95 ? 61  DC  F N1    1 
ATOM   1228 C C2    . DC  F 2 1  ? -13.591 -4.943  12.477  0.46 189.95 ? 61  DC  F C2    1 
ATOM   1229 O O2    . DC  F 2 1  ? -14.166 -6.019  12.623  0.46 189.95 ? 61  DC  F O2    1 
ATOM   1230 N N3    . DC  F 2 1  ? -12.705 -4.564  13.428  0.46 189.95 ? 61  DC  F N3    1 
ATOM   1231 C C4    . DC  F 2 1  ? -12.027 -3.418  13.321  0.46 189.95 ? 61  DC  F C4    1 
ATOM   1232 N N4    . DC  F 2 1  ? -11.175 -3.076  14.284  0.46 189.95 ? 61  DC  F N4    1 
ATOM   1233 C C5    . DC  F 2 1  ? -12.217 -2.559  12.196  0.46 189.95 ? 61  DC  F C5    1 
ATOM   1234 C C6    . DC  F 2 1  ? -13.104 -2.948  11.261  0.46 189.95 ? 61  DC  F C6    1 
ATOM   1235 P P     . DG  F 2 2  ? -19.048 -4.625  8.980   0.46 70.35  ? 62  DG  F P     1 
ATOM   1236 O OP1   . DG  F 2 2  ? -19.501 -4.849  7.590   0.46 70.35  ? 62  DG  F OP1   1 
ATOM   1237 O OP2   . DG  F 2 2  ? -19.350 -3.320  9.619   0.46 70.35  ? 62  DG  F OP2   1 
ATOM   1238 O "O5'" . DG  F 2 2  ? -19.647 -5.784  9.912   0.46 70.35  ? 62  DG  F "O5'" 1 
ATOM   1239 C "C5'" . DG  F 2 2  ? -19.502 -7.175  9.605   0.46 70.35  ? 62  DG  F "C5'" 1 
ATOM   1240 C "C4'" . DG  F 2 2  ? -19.025 -7.974  10.820  0.46 70.35  ? 62  DG  F "C4'" 1 
ATOM   1241 O "O4'" . DG  F 2 2  ? -17.780 -7.468  11.313  0.46 70.35  ? 62  DG  F "O4'" 1 
ATOM   1242 C "C3'" . DG  F 2 2  ? -19.984 -7.813  11.986  0.46 70.35  ? 62  DG  F "C3'" 1 
ATOM   1243 O "O3'" . DG  F 2 2  ? -21.078 -8.717  11.803  0.46 70.35  ? 62  DG  F "O3'" 1 
ATOM   1244 C "C2'" . DG  F 2 2  ? -19.077 -8.254  13.107  0.46 70.35  ? 62  DG  F "C2'" 1 
ATOM   1245 C "C1'" . DG  F 2 2  ? -17.670 -7.865  12.697  0.46 70.35  ? 62  DG  F "C1'" 1 
ATOM   1246 N N9    . DG  F 2 2  ? -17.173 -6.739  13.528  0.46 70.35  ? 62  DG  F N9    1 
ATOM   1247 C C8    . DG  F 2 2  ? -17.061 -5.418  13.175  0.46 70.35  ? 62  DG  F C8    1 
ATOM   1248 N N7    . DG  F 2 2  ? -16.504 -4.662  14.082  0.46 70.35  ? 62  DG  F N7    1 
ATOM   1249 C C5    . DG  F 2 2  ? -16.227 -5.545  15.121  0.46 70.35  ? 62  DG  F C5    1 
ATOM   1250 C C6    . DG  F 2 2  ? -15.617 -5.293  16.374  0.46 70.35  ? 62  DG  F C6    1 
ATOM   1251 O O6    . DG  F 2 2  ? -15.167 -4.226  16.785  0.46 70.35  ? 62  DG  F O6    1 
ATOM   1252 N N1    . DG  F 2 2  ? -15.523 -6.437  17.154  0.46 70.35  ? 62  DG  F N1    1 
ATOM   1253 C C2    . DG  F 2 2  ? -15.964 -7.690  16.773  0.46 70.35  ? 62  DG  F C2    1 
ATOM   1254 N N2    . DG  F 2 2  ? -15.825 -8.682  17.654  0.46 70.35  ? 62  DG  F N2    1 
ATOM   1255 N N3    . DG  F 2 2  ? -16.535 -7.934  15.582  0.46 70.35  ? 62  DG  F N3    1 
ATOM   1256 C C4    . DG  F 2 2  ? -16.637 -6.818  14.803  0.46 70.35  ? 62  DG  F C4    1 
ATOM   1257 P P     . DT  F 2 3  ? -22.567 -8.489  12.373  0.46 41.96  ? 63  DT  F P     1 
ATOM   1258 O OP1   . DT  F 2 3  ? -23.428 -9.517  11.735  0.46 41.96  ? 63  DT  F OP1   1 
ATOM   1259 O OP2   . DT  F 2 3  ? -22.906 -7.054  12.218  0.46 41.96  ? 63  DT  F OP2   1 
ATOM   1260 O "O5'" . DT  F 2 3  ? -22.457 -8.801  13.951  0.46 41.96  ? 63  DT  F "O5'" 1 
ATOM   1261 C "C5'" . DT  F 2 3  ? -21.997 -10.073 14.417  0.46 41.96  ? 63  DT  F "C5'" 1 
ATOM   1262 C "C4'" . DT  F 2 3  ? -21.365 -9.949  15.792  0.46 41.96  ? 63  DT  F "C4'" 1 
ATOM   1263 O "O4'" . DT  F 2 3  ? -20.401 -8.895  15.807  0.46 41.96  ? 63  DT  F "O4'" 1 
ATOM   1264 C "C3'" . DT  F 2 3  ? -22.400 -9.604  16.819  0.46 41.96  ? 63  DT  F "C3'" 1 
ATOM   1265 O "O3'" . DT  F 2 3  ? -22.643 -10.825 17.509  0.46 41.96  ? 63  DT  F "O3'" 1 
ATOM   1266 C "C2'" . DT  F 2 3  ? -21.729 -8.537  17.670  0.46 41.96  ? 63  DT  F "C2'" 1 
ATOM   1267 C "C1'" . DT  F 2 3  ? -20.328 -8.343  17.132  0.46 41.96  ? 63  DT  F "C1'" 1 
ATOM   1268 N N1    . DT  F 2 3  ? -19.944 -6.902  17.045  0.46 41.96  ? 63  DT  F N1    1 
ATOM   1269 C C2    . DT  F 2 3  ? -19.062 -6.367  17.989  0.46 41.96  ? 63  DT  F C2    1 
ATOM   1270 O O2    . DT  F 2 3  ? -18.584 -6.988  18.936  0.46 41.96  ? 63  DT  F O2    1 
ATOM   1271 N N3    . DT  F 2 3  ? -18.720 -5.038  17.823  0.46 41.96  ? 63  DT  F N3    1 
ATOM   1272 C C4    . DT  F 2 3  ? -19.170 -4.202  16.819  0.46 41.96  ? 63  DT  F C4    1 
ATOM   1273 O O4    . DT  F 2 3  ? -18.769 -3.037  16.775  0.46 41.96  ? 63  DT  F O4    1 
ATOM   1274 C C5    . DT  F 2 3  ? -20.086 -4.836  15.886  0.46 41.96  ? 63  DT  F C5    1 
ATOM   1275 C C7    . DT  F 2 3  ? -20.679 -4.051  14.727  0.46 41.96  ? 63  DT  F C7    1 
ATOM   1276 C C6    . DT  F 2 3  ? -20.432 -6.125  16.023  0.46 41.96  ? 63  DT  F C6    1 
ATOM   1277 P P     . DT  F 2 4  ? -24.049 -11.138 18.211  0.46 49.43  ? 64  DT  F P     1 
ATOM   1278 O OP1   . DT  F 2 4  ? -24.117 -12.604 18.411  0.46 49.43  ? 64  DT  F OP1   1 
ATOM   1279 O OP2   . DT  F 2 4  ? -25.121 -10.455 17.447  0.46 49.43  ? 64  DT  F OP2   1 
ATOM   1280 O "O5'" . DT  F 2 4  ? -23.930 -10.418 19.663  0.46 49.43  ? 64  DT  F "O5'" 1 
ATOM   1281 C "C5'" . DT  F 2 4  ? -23.026 -10.950 20.645  0.46 49.43  ? 64  DT  F "C5'" 1 
ATOM   1282 C "C4'" . DT  F 2 4  ? -22.423 -9.912  21.599  0.46 49.43  ? 64  DT  F "C4'" 1 
ATOM   1283 O "O4'" . DT  F 2 4  ? -21.964 -8.779  20.854  0.46 49.43  ? 64  DT  F "O4'" 1 
ATOM   1284 C "C3'" . DT  F 2 4  ? -23.417 -9.394  22.620  0.46 49.43  ? 64  DT  F "C3'" 1 
ATOM   1285 O "O3'" . DT  F 2 4  ? -22.902 -9.778  23.893  0.46 49.43  ? 64  DT  F "O3'" 1 
ATOM   1286 C "C2'" . DT  F 2 4  ? -23.360 -7.892  22.411  0.46 49.43  ? 64  DT  F "C2'" 1 
ATOM   1287 C "C1'" . DT  F 2 4  ? -22.024 -7.658  21.752  0.46 49.43  ? 64  DT  F "C1'" 1 
ATOM   1288 N N1    . DT  F 2 4  ? -21.982 -6.383  20.987  0.46 49.43  ? 64  DT  F N1    1 
ATOM   1289 C C2    . DT  F 2 4  ? -21.013 -5.449  21.317  0.46 49.43  ? 64  DT  F C2    1 
ATOM   1290 O O2    . DT  F 2 4  ? -20.231 -5.568  22.258  0.46 49.43  ? 64  DT  F O2    1 
ATOM   1291 N N3    . DT  F 2 4  ? -20.983 -4.308  20.541  0.46 49.43  ? 64  DT  F N3    1 
ATOM   1292 C C4    . DT  F 2 4  ? -21.821 -4.012  19.489  0.46 49.43  ? 64  DT  F C4    1 
ATOM   1293 O O4    . DT  F 2 4  ? -21.685 -2.961  18.866  0.46 49.43  ? 64  DT  F O4    1 
ATOM   1294 C C5    . DT  F 2 4  ? -22.802 -5.032  19.224  0.46 49.43  ? 64  DT  F C5    1 
ATOM   1295 C C7    . DT  F 2 4  ? -23.811 -4.836  18.099  0.46 49.43  ? 64  DT  F C7    1 
ATOM   1296 C C6    . DT  F 2 4  ? -22.851 -6.154  19.957  0.46 49.43  ? 64  DT  F C6    1 
ATOM   1297 P P     . DT  F 2 5  ? -23.584 -9.444  25.304  0.46 35.80  ? 65  DT  F P     1 
ATOM   1298 O OP1   . DT  F 2 5  ? -23.299 -10.591 26.197  0.46 35.80  ? 65  DT  F OP1   1 
ATOM   1299 O OP2   . DT  F 2 5  ? -24.991 -9.033  25.092  0.46 35.80  ? 65  DT  F OP2   1 
ATOM   1300 O "O5'" . DT  F 2 5  ? -22.810 -8.157  25.833  0.46 35.80  ? 65  DT  F "O5'" 1 
ATOM   1301 C "C5'" . DT  F 2 5  ? -21.482 -8.255  26.323  0.46 35.80  ? 65  DT  F "C5'" 1 
ATOM   1302 C "C4'" . DT  F 2 5  ? -20.953 -6.886  26.667  0.46 35.80  ? 65  DT  F "C4'" 1 
ATOM   1303 O "O4'" . DT  F 2 5  ? -21.044 -6.045  25.507  0.46 35.80  ? 65  DT  F "O4'" 1 
ATOM   1304 C "C3'" . DT  F 2 5  ? -21.786 -6.229  27.764  0.46 35.80  ? 65  DT  F "C3'" 1 
ATOM   1305 O "O3'" . DT  F 2 5  ? -20.929 -5.926  28.868  0.46 35.80  ? 65  DT  F "O3'" 1 
ATOM   1306 C "C2'" . DT  F 2 5  ? -22.277 -4.963  27.098  0.46 35.80  ? 65  DT  F "C2'" 1 
ATOM   1307 C "C1'" . DT  F 2 5  ? -21.326 -4.712  25.952  0.46 35.80  ? 65  DT  F "C1'" 1 
ATOM   1308 N N1    . DT  F 2 5  ? -21.986 -3.922  24.876  0.46 35.80  ? 65  DT  F N1    1 
ATOM   1309 C C2    . DT  F 2 5  ? -21.446 -2.695  24.534  0.46 35.80  ? 65  DT  F C2    1 
ATOM   1310 O O2    . DT  F 2 5  ? -20.493 -2.180  25.115  0.46 35.80  ? 65  DT  F O2    1 
ATOM   1311 N N3    . DT  F 2 5  ? -22.067 -2.030  23.500  0.46 35.80  ? 65  DT  F N3    1 
ATOM   1312 C C4    . DT  F 2 5  ? -23.163 -2.462  22.791  0.46 35.80  ? 65  DT  F C4    1 
ATOM   1313 O O4    . DT  F 2 5  ? -23.596 -1.774  21.870  0.46 35.80  ? 65  DT  F O4    1 
ATOM   1314 C C5    . DT  F 2 5  ? -23.672 -3.742  23.221  0.46 35.80  ? 65  DT  F C5    1 
ATOM   1315 C C7    . DT  F 2 5  ? -24.911 -4.338  22.573  0.46 35.80  ? 65  DT  F C7    1 
ATOM   1316 C C6    . DT  F 2 5  ? -23.083 -4.415  24.218  0.46 35.80  ? 65  DT  F C6    1 
ATOM   1317 P P     . DT  F 2 6  ? -21.415 -5.102  30.162  0.46 41.56  ? 66  DT  F P     1 
ATOM   1318 O OP1   . DT  F 2 6  ? -20.597 -5.567  31.300  0.46 41.56  ? 66  DT  F OP1   1 
ATOM   1319 O OP2   . DT  F 2 6  ? -22.892 -5.136  30.240  0.46 41.56  ? 66  DT  F OP2   1 
ATOM   1320 O "O5'" . DT  F 2 6  ? -21.003 -3.604  29.827  0.46 41.56  ? 66  DT  F "O5'" 1 
ATOM   1321 C "C5'" . DT  F 2 6  ? -19.655 -3.166  29.973  0.46 41.56  ? 66  DT  F "C5'" 1 
ATOM   1322 C "C4'" . DT  F 2 6  ? -19.562 -1.664  29.757  0.46 41.56  ? 66  DT  F "C4'" 1 
ATOM   1323 O "O4'" . DT  F 2 6  ? -20.121 -1.353  28.455  0.46 41.56  ? 66  DT  F "O4'" 1 
ATOM   1324 C "C3'" . DT  F 2 6  ? -20.338 -0.888  30.827  0.46 41.56  ? 66  DT  F "C3'" 1 
ATOM   1325 O "O3'" . DT  F 2 6  ? -19.437 0.119   31.325  0.46 41.56  ? 66  DT  F "O3'" 1 
ATOM   1326 C "C2'" . DT  F 2 6  ? -21.501 -0.341  30.007  0.46 41.56  ? 66  DT  F "C2'" 1 
ATOM   1327 C "C1'" . DT  F 2 6  ? -20.982 -0.212  28.583  0.46 41.56  ? 66  DT  F "C1'" 1 
ATOM   1328 N N1    . DT  F 2 6  ? -22.086 -0.274  27.577  0.46 41.56  ? 66  DT  F N1    1 
ATOM   1329 C C2    . DT  F 2 6  ? -22.135 0.717   26.603  0.46 41.56  ? 66  DT  F C2    1 
ATOM   1330 O O2    . DT  F 2 6  ? -21.372 1.672   26.566  0.46 41.56  ? 66  DT  F O2    1 
ATOM   1331 N N3    . DT  F 2 6  ? -23.142 0.616   25.660  0.46 41.56  ? 66  DT  F N3    1 
ATOM   1332 C C4    . DT  F 2 6  ? -24.106 -0.373  25.599  0.46 41.56  ? 66  DT  F C4    1 
ATOM   1333 O O4    . DT  F 2 6  ? -24.936 -0.366  24.688  0.46 41.56  ? 66  DT  F O4    1 
ATOM   1334 C C5    . DT  F 2 6  ? -23.992 -1.360  26.658  0.46 41.56  ? 66  DT  F C5    1 
ATOM   1335 C C7    . DT  F 2 6  ? -25.005 -2.490  26.749  0.46 41.56  ? 66  DT  F C7    1 
ATOM   1336 C C6    . DT  F 2 6  ? -23.013 -1.286  27.586  0.46 41.56  ? 66  DT  F C6    1 
ATOM   1337 P P     . DT  F 2 7  ? -19.803 1.495   32.094  0.46 36.29  ? 67  DT  F P     1 
ATOM   1338 O OP1   . DT  F 2 7  ? -18.563 1.973   32.743  0.46 36.29  ? 67  DT  F OP1   1 
ATOM   1339 O OP2   . DT  F 2 7  ? -21.021 1.280   32.910  0.46 36.29  ? 67  DT  F OP2   1 
ATOM   1340 O "O5'" . DT  F 2 7  ? -20.165 2.478   30.904  0.46 36.29  ? 67  DT  F "O5'" 1 
ATOM   1341 C "C5'" . DT  F 2 7  ? -19.066 3.047   30.193  0.46 36.29  ? 67  DT  F "C5'" 1 
ATOM   1342 C "C4'" . DT  F 2 7  ? -19.501 4.261   29.436  0.46 36.29  ? 67  DT  F "C4'" 1 
ATOM   1343 O "O4'" . DT  F 2 7  ? -20.490 3.864   28.470  0.46 36.29  ? 67  DT  F "O4'" 1 
ATOM   1344 C "C3'" . DT  F 2 7  ? -20.128 5.282   30.378  0.46 36.29  ? 67  DT  F "C3'" 1 
ATOM   1345 O "O3'" . DT  F 2 7  ? -19.556 6.563   30.090  0.46 36.29  ? 67  DT  F "O3'" 1 
ATOM   1346 C "C2'" . DT  F 2 7  ? -21.600 5.208   30.007  0.46 36.29  ? 67  DT  F "C2'" 1 
ATOM   1347 C "C1'" . DT  F 2 7  ? -21.614 4.748   28.563  0.46 36.29  ? 67  DT  F "C1'" 1 
ATOM   1348 N N1    . DT  F 2 7  ? -22.863 4.009   28.236  0.46 36.29  ? 67  DT  F N1    1 
ATOM   1349 C C2    . DT  F 2 7  ? -23.570 4.398   27.108  0.46 36.29  ? 67  DT  F C2    1 
ATOM   1350 O O2    . DT  F 2 7  ? -23.253 5.337   26.376  0.46 36.29  ? 67  DT  F O2    1 
ATOM   1351 N N3    . DT  F 2 7  ? -24.724 3.687   26.843  0.46 36.29  ? 67  DT  F N3    1 
ATOM   1352 C C4    . DT  F 2 7  ? -25.232 2.645   27.587  0.46 36.29  ? 67  DT  F C4    1 
ATOM   1353 O O4    . DT  F 2 7  ? -26.273 2.096   27.230  0.46 36.29  ? 67  DT  F O4    1 
ATOM   1354 C C5    . DT  F 2 7  ? -24.436 2.308   28.744  0.46 36.29  ? 67  DT  F C5    1 
ATOM   1355 C C7    . DT  F 2 7  ? -24.875 1.183   29.664  0.46 36.29  ? 67  DT  F C7    1 
ATOM   1356 C C6    . DT  F 2 7  ? -23.304 2.980   29.027  0.46 36.29  ? 67  DT  F C6    1 
ATOM   1357 P P     . DT  F 2 8  ? -20.027 7.909   30.825  0.46 23.50  ? 68  DT  F P     1 
ATOM   1358 O OP1   . DT  F 2 8  ? -18.879 8.857   30.777  0.46 23.50  ? 68  DT  F OP1   1 
ATOM   1359 O OP2   . DT  F 2 8  ? -20.678 7.555   32.116  0.46 23.50  ? 68  DT  F OP2   1 
ATOM   1360 O "O5'" . DT  F 2 8  ? -21.180 8.499   29.885  0.46 23.50  ? 68  DT  F "O5'" 1 
ATOM   1361 C "C5'" . DT  F 2 8  ? -20.810 9.036   28.616  0.46 23.50  ? 68  DT  F "C5'" 1 
ATOM   1362 C "C4'" . DT  F 2 8  ? -22.040 9.272   27.793  0.46 23.50  ? 68  DT  F "C4'" 1 
ATOM   1363 O "O4'" . DT  F 2 8  ? -22.809 8.072   27.680  0.46 23.50  ? 68  DT  F "O4'" 1 
ATOM   1364 C "C3'" . DT  F 2 8  ? -22.926 10.275  28.496  0.46 23.50  ? 68  DT  F "C3'" 1 
ATOM   1365 O "O3'" . DT  F 2 8  ? -22.522 11.558  28.012  0.46 23.50  ? 68  DT  F "O3'" 1 
ATOM   1366 C "C2'" . DT  F 2 8  ? -24.296 9.833   28.034  0.46 23.50  ? 68  DT  F "C2'" 1 
ATOM   1367 C "C1'" . DT  F 2 8  ? -24.133 8.493   27.332  0.46 23.50  ? 68  DT  F "C1'" 1 
ATOM   1368 N N1    . DT  F 2 8  ? -25.139 7.511   27.824  0.46 23.50  ? 68  DT  F N1    1 
ATOM   1369 C C2    . DT  F 2 8  ? -26.205 7.200   27.002  0.46 23.50  ? 68  DT  F C2    1 
ATOM   1370 O O2    . DT  F 2 8  ? -26.423 7.741   25.922  0.46 23.50  ? 68  DT  F O2    1 
ATOM   1371 N N3    . DT  F 2 8  ? -27.075 6.243   27.486  0.46 23.50  ? 68  DT  F N3    1 
ATOM   1372 C C4    . DT  F 2 8  ? -26.987 5.583   28.692  0.46 23.50  ? 68  DT  F C4    1 
ATOM   1373 O O4    . DT  F 2 8  ? -27.798 4.708   28.983  0.46 23.50  ? 68  DT  F O4    1 
ATOM   1374 C C5    . DT  F 2 8  ? -25.854 5.983   29.482  0.46 23.50  ? 68  DT  F C5    1 
ATOM   1375 C C7    . DT  F 2 8  ? -25.622 5.370   30.844  0.46 23.50  ? 68  DT  F C7    1 
ATOM   1376 C C6    . DT  F 2 8  ? -24.991 6.904   29.041  0.46 23.50  ? 68  DT  F C6    1 
ATOM   1377 P P     . DC  F 2 9  ? -23.374 12.912  28.155  0.46 49.93  ? 69  DC  F P     1 
ATOM   1378 O OP1   . DC  F 2 9  ? -22.547 14.008  27.595  0.46 49.93  ? 69  DC  F OP1   1 
ATOM   1379 O OP2   . DC  F 2 9  ? -23.873 13.001  29.546  0.46 49.93  ? 69  DC  F OP2   1 
ATOM   1380 O "O5'" . DC  F 2 9  ? -24.668 12.718  27.198  0.46 49.93  ? 69  DC  F "O5'" 1 
ATOM   1381 C "C5'" . DC  F 2 9  ? -24.582 12.595  25.769  0.46 49.93  ? 69  DC  F "C5'" 1 
ATOM   1382 C "C4'" . DC  F 2 9  ? -25.908 12.162  25.105  0.46 49.93  ? 69  DC  F "C4'" 1 
ATOM   1383 O "O4'" . DC  F 2 9  ? -26.455 10.970  25.720  0.46 49.93  ? 69  DC  F "O4'" 1 
ATOM   1384 C "C3'" . DC  F 2 9  ? -26.949 13.252  25.272  0.46 49.93  ? 69  DC  F "C3'" 1 
ATOM   1385 O "O3'" . DC  F 2 9  ? -27.582 13.490  24.014  0.46 49.93  ? 69  DC  F "O3'" 1 
ATOM   1386 C "C2'" . DC  F 2 9  ? -27.927 12.633  26.250  0.46 49.93  ? 69  DC  F "C2'" 1 
ATOM   1387 C "C1'" . DC  F 2 9  ? -27.863 11.158  25.967  0.46 49.93  ? 69  DC  F "C1'" 1 
ATOM   1388 N N1    . DC  F 2 9  ? -28.295 10.342  27.138  0.46 49.93  ? 69  DC  F N1    1 
ATOM   1389 C C2    . DC  F 2 9  ? -29.299 9.403   26.961  0.46 49.93  ? 69  DC  F C2    1 
ATOM   1390 O O2    . DC  F 2 9  ? -29.930 9.306   25.916  0.46 49.93  ? 69  DC  F O2    1 
ATOM   1391 N N3    . DC  F 2 9  ? -29.629 8.587   27.994  0.46 49.93  ? 69  DC  F N3    1 
ATOM   1392 C C4    . DC  F 2 9  ? -29.009 8.684   29.169  0.46 49.93  ? 69  DC  F C4    1 
ATOM   1393 N N4    . DC  F 2 9  ? -29.338 7.833   30.138  0.46 49.93  ? 69  DC  F N4    1 
ATOM   1394 C C5    . DC  F 2 9  ? -27.984 9.655   29.383  0.46 49.93  ? 69  DC  F C5    1 
ATOM   1395 C C6    . DC  F 2 9  ? -27.666 10.456  28.343  0.46 49.93  ? 69  DC  F C6    1 
ATOM   1396 P P     . DG  F 2 10 ? -28.339 14.879  23.757  0.46 26.79  ? 70  DG  F P     1 
ATOM   1397 O OP1   . DG  F 2 10 ? -28.041 15.298  22.366  0.46 26.79  ? 70  DG  F OP1   1 
ATOM   1398 O OP2   . DG  F 2 10 ? -28.060 15.814  24.878  0.46 26.79  ? 70  DG  F OP2   1 
ATOM   1399 O "O5'" . DG  F 2 10 ? -29.856 14.434  23.848  0.46 26.79  ? 70  DG  F "O5'" 1 
ATOM   1400 C "C5'" . DG  F 2 10 ? -30.572 14.077  22.664  0.46 26.79  ? 70  DG  F "C5'" 1 
ATOM   1401 C "C4'" . DG  F 2 10 ? -32.068 14.005  22.900  0.46 26.79  ? 70  DG  F "C4'" 1 
ATOM   1402 O "O4'" . DG  F 2 10 ? -32.304 12.990  23.884  0.46 26.79  ? 70  DG  F "O4'" 1 
ATOM   1403 C "C3'" . DG  F 2 10 ? -32.638 15.308  23.464  0.46 26.79  ? 70  DG  F "C3'" 1 
ATOM   1404 O "O3'" . DG  F 2 10 ? -34.005 15.441  23.137  0.46 26.79  ? 70  DG  F "O3'" 1 
ATOM   1405 C "C2'" . DG  F 2 10 ? -32.566 15.046  24.948  0.46 26.79  ? 70  DG  F "C2'" 1 
ATOM   1406 C "C1'" . DG  F 2 10 ? -32.892 13.567  25.061  0.46 26.79  ? 70  DG  F "C1'" 1 
ATOM   1407 N N9    . DG  F 2 10 ? -32.300 12.988  26.287  0.46 26.79  ? 70  DG  F N9    1 
ATOM   1408 C C8    . DG  F 2 10 ? -31.218 13.413  27.003  0.46 26.79  ? 70  DG  F C8    1 
ATOM   1409 N N7    . DG  F 2 10 ? -30.957 12.693  28.058  0.46 26.79  ? 70  DG  F N7    1 
ATOM   1410 C C5    . DG  F 2 10 ? -31.938 11.712  28.048  0.46 26.79  ? 70  DG  F C5    1 
ATOM   1411 C C6    . DG  F 2 10 ? -32.160 10.636  28.960  0.46 26.79  ? 70  DG  F C6    1 
ATOM   1412 O O6    . DG  F 2 10 ? -31.535 10.348  29.975  0.46 26.79  ? 70  DG  F O6    1 
ATOM   1413 N N1    . DG  F 2 10 ? -33.250 9.866   28.588  0.46 26.79  ? 70  DG  F N1    1 
ATOM   1414 C C2    . DG  F 2 10 ? -34.030 10.104  27.479  0.46 26.79  ? 70  DG  F C2    1 
ATOM   1415 N N2    . DG  F 2 10 ? -35.013 9.255   27.231  0.46 26.79  ? 70  DG  F N2    1 
ATOM   1416 N N3    . DG  F 2 10 ? -33.831 11.113  26.625  0.46 26.79  ? 70  DG  F N3    1 
ATOM   1417 C C4    . DG  F 2 10 ? -32.766 11.878  26.969  0.46 26.79  ? 70  DG  F C4    1 
ATOM   1418 P P     . DC  F 2 11 ? -34.605 16.759  22.468  0.46 49.25  ? 71  DC  F P     1 
ATOM   1419 O OP1   . DC  F 2 11 ? -34.103 16.873  21.078  0.46 49.25  ? 71  DC  F OP1   1 
ATOM   1420 O OP2   . DC  F 2 11 ? -34.464 17.892  23.406  0.46 49.25  ? 71  DC  F OP2   1 
ATOM   1421 O "O5'" . DC  F 2 11 ? -36.147 16.355  22.418  0.46 49.25  ? 71  DC  F "O5'" 1 
ATOM   1422 C "C5'" . DC  F 2 11 ? -36.549 15.199  21.675  0.46 49.25  ? 71  DC  F "C5'" 1 
ATOM   1423 C "C4'" . DC  F 2 11 ? -37.361 14.210  22.511  0.46 49.25  ? 71  DC  F "C4'" 1 
ATOM   1424 O "O4'" . DC  F 2 11 ? -36.614 13.743  23.657  0.46 49.25  ? 71  DC  F "O4'" 1 
ATOM   1425 C "C3'" . DC  F 2 11 ? -38.609 14.911  23.054  0.46 49.25  ? 71  DC  F "C3'" 1 
ATOM   1426 O "O3'" . DC  F 2 11 ? -39.735 14.034  23.049  0.46 49.25  ? 71  DC  F "O3'" 1 
ATOM   1427 C "C2'" . DC  F 2 11 ? -38.195 15.143  24.476  0.46 49.25  ? 71  DC  F "C2'" 1 
ATOM   1428 C "C1'" . DC  F 2 11 ? -37.441 13.882  24.818  0.46 49.25  ? 71  DC  F "C1'" 1 
ATOM   1429 N N1    . DC  F 2 11 ? -36.632 14.030  26.063  0.46 49.25  ? 71  DC  F N1    1 
ATOM   1430 C C2    . DC  F 2 11 ? -36.540 12.936  26.918  0.46 49.25  ? 71  DC  F C2    1 
ATOM   1431 O O2    . DC  F 2 11 ? -37.097 11.862  26.692  0.46 49.25  ? 71  DC  F O2    1 
ATOM   1432 N N3    . DC  F 2 11 ? -35.804 13.062  28.055  0.46 49.25  ? 71  DC  F N3    1 
ATOM   1433 C C4    . DC  F 2 11 ? -35.181 14.208  28.351  0.46 49.25  ? 71  DC  F C4    1 
ATOM   1434 N N4    . DC  F 2 11 ? -34.445 14.271  29.461  0.46 49.25  ? 71  DC  F N4    1 
ATOM   1435 C C5    . DC  F 2 11 ? -35.266 15.344  27.489  0.46 49.25  ? 71  DC  F C5    1 
ATOM   1436 C C6    . DC  F 2 11 ? -35.998 15.205  26.362  0.46 49.25  ? 71  DC  F C6    1 
ATOM   1437 P P     . DG  F 2 12 ? -40.376 13.547  21.661  0.46 52.11  ? 72  DG  F P     1 
ATOM   1438 O OP1   . DG  F 2 12 ? -39.570 12.445  21.087  0.46 52.11  ? 72  DG  F OP1   1 
ATOM   1439 O OP2   . DG  F 2 12 ? -40.655 14.756  20.853  0.46 52.11  ? 72  DG  F OP2   1 
ATOM   1440 O "O5'" . DG  F 2 12 ? -41.786 12.966  22.142  0.46 52.11  ? 72  DG  F "O5'" 1 
ATOM   1441 C "C5'" . DG  F 2 12 ? -41.909 11.661  22.712  0.46 52.11  ? 72  DG  F "C5'" 1 
ATOM   1442 C "C4'" . DG  F 2 12 ? -42.501 11.626  24.131  0.46 52.11  ? 72  DG  F "C4'" 1 
ATOM   1443 O "O4'" . DG  F 2 12 ? -41.567 12.125  25.109  0.46 52.11  ? 72  DG  F "O4'" 1 
ATOM   1444 C "C3'" . DG  F 2 12 ? -43.763 12.494  24.196  0.46 52.11  ? 72  DG  F "C3'" 1 
ATOM   1445 O "O3'" . DG  F 2 12 ? -44.813 11.805  24.861  0.46 52.11  ? 72  DG  F "O3'" 1 
ATOM   1446 C "C2'" . DG  F 2 12 ? -43.293 13.618  25.087  0.46 52.11  ? 72  DG  F "C2'" 1 
ATOM   1447 C "C1'" . DG  F 2 12 ? -42.291 12.962  26.018  0.46 52.11  ? 72  DG  F "C1'" 1 
ATOM   1448 N N9    . DG  F 2 12 ? -41.362 13.924  26.647  0.46 52.11  ? 72  DG  F N9    1 
ATOM   1449 C C8    . DG  F 2 12 ? -41.021 15.187  26.243  0.46 52.11  ? 72  DG  F C8    1 
ATOM   1450 N N7    . DG  F 2 12 ? -40.144 15.769  27.009  0.46 52.11  ? 72  DG  F N7    1 
ATOM   1451 C C5    . DG  F 2 12 ? -39.883 14.828  27.998  0.46 52.11  ? 72  DG  F C5    1 
ATOM   1452 C C6    . DG  F 2 12 ? -39.014 14.907  29.118  0.46 52.11  ? 72  DG  F C6    1 
ATOM   1453 O O6    . DG  F 2 12 ? -38.249 15.819  29.430  0.46 52.11  ? 72  DG  F O6    1 
ATOM   1454 N N1    . DG  F 2 12 ? -39.060 13.759  29.883  0.46 52.11  ? 72  DG  F N1    1 
ATOM   1455 C C2    . DG  F 2 12 ? -39.838 12.655  29.613  0.46 52.11  ? 72  DG  F C2    1 
ATOM   1456 N N2    . DG  F 2 12 ? -39.788 11.647  30.481  0.46 52.11  ? 72  DG  F N2    1 
ATOM   1457 N N3    . DG  F 2 12 ? -40.650 12.568  28.553  0.46 52.11  ? 72  DG  F N3    1 
ATOM   1458 C C4    . DG  F 2 12 ? -40.625 13.693  27.789  0.46 52.11  ? 72  DG  F C4    1 
HETATM 1459 O O     . HOH G 3 .  ? -0.119  6.118   -0.699  1.00 16.43  ? 76  HOH A O     1 
HETATM 1460 O O     . HOH G 3 .  ? -8.045  -1.799  4.532   1.00 26.28  ? 78  HOH A O     1 
HETATM 1461 O O     . HOH G 3 .  ? -3.776  4.930   8.239   1.00 58.82  ? 87  HOH A O     1 
HETATM 1462 O O     . HOH G 3 .  ? 6.018   3.287   2.451   1.00 35.36  ? 89  HOH A O     1 
HETATM 1463 O O     . HOH G 3 .  ? -9.040  5.673   13.157  1.00 31.56  ? 90  HOH A O     1 
HETATM 1464 O O     . HOH G 3 .  ? 8.135   -8.860  1.177   1.00 60.64  ? 92  HOH A O     1 
HETATM 1465 O O     . HOH G 3 .  ? 14.882  -3.542  -4.471  1.00 52.08  ? 94  HOH A O     1 
HETATM 1466 O O     . HOH G 3 .  ? 15.335  -7.402  0.147   1.00 23.44  ? 95  HOH A O     1 
HETATM 1467 O O     . HOH G 3 .  ? -5.574  7.923   -8.754  1.00 43.28  ? 97  HOH A O     1 
HETATM 1468 O O     . HOH G 3 .  ? -10.464 4.159   -7.616  1.00 70.27  ? 98  HOH A O     1 
HETATM 1469 O O     . HOH G 3 .  ? -16.585 -1.723  2.765   1.00 44.13  ? 99  HOH A O     1 
HETATM 1470 O O     . HOH G 3 .  ? -1.418  -2.255  -4.034  1.00 40.36  ? 101 HOH A O     1 
HETATM 1471 O O     . HOH G 3 .  ? 7.965   -0.551  -5.575  1.00 36.87  ? 102 HOH A O     1 
HETATM 1472 O O     . HOH G 3 .  ? 4.018   -0.214  -6.363  1.00 68.35  ? 103 HOH A O     1 
HETATM 1473 O O     . HOH G 3 .  ? 2.544   -0.786  -9.370  1.00 44.08  ? 104 HOH A O     1 
HETATM 1474 O O     . HOH G 3 .  ? 0.375   -2.469  -10.000 1.00 24.91  ? 105 HOH A O     1 
HETATM 1475 O O     . HOH G 3 .  ? 0.801   0.970   -7.867  1.00 34.70  ? 106 HOH A O     1 
HETATM 1476 O O     . HOH G 3 .  ? -6.016  -2.903  0.881   1.00 66.25  ? 108 HOH A O     1 
HETATM 1477 O O     . HOH G 3 .  ? -3.967  0.580   -7.121  1.00 48.31  ? 109 HOH A O     1 
HETATM 1478 O O     . HOH G 3 .  ? -8.536  8.020   -0.073  1.00 51.80  ? 112 HOH A O     1 
HETATM 1479 O O     . HOH G 3 .  ? -7.930  -2.659  -1.082  1.00 60.95  ? 113 HOH A O     1 
HETATM 1480 O O     . HOH H 3 .  ? 2.900   -4.753  -7.023  1.00 11.15  ? 73  HOH B O     1 
HETATM 1481 O O     . HOH H 3 .  ? 6.984   -5.414  2.928   1.00 36.11  ? 74  HOH B O     1 
HETATM 1482 O O     . HOH H 3 .  ? 5.881   0.472   2.287   1.00 30.03  ? 75  HOH B O     1 
HETATM 1483 O O     . HOH H 3 .  ? -12.889 14.784  1.619   1.00 81.89  ? 77  HOH B O     1 
HETATM 1484 O O     . HOH H 3 .  ? -2.399  -11.814 -12.802 1.00 40.42  ? 79  HOH B O     1 
HETATM 1485 O O     . HOH H 3 .  ? -1.700  -11.735 -8.155  1.00 23.66  ? 80  HOH B O     1 
HETATM 1486 O O     . HOH H 3 .  ? -0.536  -9.929  -4.070  1.00 12.75  ? 81  HOH B O     1 
HETATM 1487 O O     . HOH H 3 .  ? -2.635  -13.302 -2.778  1.00 49.21  ? 82  HOH B O     1 
HETATM 1488 O O     . HOH H 3 .  ? -3.009  -4.560  0.331   1.00 19.11  ? 83  HOH B O     1 
HETATM 1489 O O     . HOH H 3 .  ? -1.341  -4.758  -2.927  1.00 69.69  ? 84  HOH B O     1 
HETATM 1490 O O     . HOH H 3 .  ? 9.848   -4.319  -8.852  1.00 26.64  ? 85  HOH B O     1 
HETATM 1491 O O     . HOH H 3 .  ? 7.394   -2.999  -7.016  1.00 45.53  ? 86  HOH B O     1 
HETATM 1492 O O     . HOH H 3 .  ? -5.174  1.425   6.481   1.00 37.37  ? 88  HOH B O     1 
HETATM 1493 O O     . HOH H 3 .  ? -2.038  7.743   -2.054  1.00 19.92  ? 91  HOH B O     1 
HETATM 1494 O O     . HOH H 3 .  ? -2.870  -5.219  -5.176  1.00 76.79  ? 93  HOH B O     1 
HETATM 1495 O O     . HOH H 3 .  ? -0.619  -12.510 -10.740 1.00 20.34  ? 100 HOH B O     1 
HETATM 1496 O O     . HOH H 3 .  ? -1.647  -10.497 -1.468  1.00 51.00  ? 107 HOH B O     1 
HETATM 1497 O O     . HOH H 3 .  ? -5.368  7.679   -2.178  1.00 54.83  ? 110 HOH B O     1 
HETATM 1498 O O     . HOH H 3 .  ? -7.858  7.371   -3.263  1.00 69.77  ? 111 HOH B O     1 
HETATM 1499 O O     . HOH I 3 .  ? 22.049  -5.901  -20.932 1.00 39.82  ? 115 HOH C O     1 
HETATM 1500 O O     . HOH I 3 .  ? 21.052  -3.958  -26.038 1.00 25.89  ? 119 HOH C O     1 
HETATM 1501 O O     . HOH I 3 .  ? 20.009  -4.575  -23.374 1.00 70.72  ? 120 HOH C O     1 
HETATM 1502 O O     . HOH I 3 .  ? 18.065  7.795   -15.518 0.5  100.96 ? 121 HOH C O     1 
HETATM 1503 O O     . HOH J 3 .  ? 36.368  -7.219  -32.402 1.00 84.49  ? 114 HOH D O     1 
HETATM 1504 O O     . HOH J 3 .  ? 31.552  -4.079  -19.508 1.00 68.19  ? 116 HOH D O     1 
HETATM 1505 O O     . HOH J 3 .  ? 24.528  4.207   -25.544 1.00 91.66  ? 118 HOH D O     1 
HETATM 1506 O O     . HOH K 3 .  ? -20.005 12.361  17.264  1.00 34.62  ? 96  HOH E O     1 
HETATM 1507 O O     . HOH K 3 .  ? -24.962 3.762   16.665  1.00 92.15  ? 124 HOH E O     1 
HETATM 1508 O O     . HOH K 3 .  ? -31.374 11.867  35.392  1.00 63.54  ? 127 HOH E O     1 
HETATM 1509 O O     . HOH L 3 .  ? -18.839 -10.606 10.052  1.00 50.15  ? 117 HOH F O     1 
HETATM 1510 O O     . HOH L 3 .  ? -21.886 7.337   24.543  1.00 48.66  ? 122 HOH F O     1 
HETATM 1511 O O     . HOH L 3 .  ? -17.931 -1.403  26.340  1.00 44.18  ? 123 HOH F O     1 
HETATM 1512 O O     . HOH L 3 .  ? -15.033 -1.575  13.311  1.00 57.62  ? 125 HOH F O     1 
HETATM 1513 O O     . HOH L 3 .  ? -20.371 3.987   25.500  1.00 78.45  ? 126 HOH F O     1 
# 
